data_2EEY
# 
_entry.id   2EEY 
# 
_audit_conform.dict_name       mmcif_pdbx.dic 
_audit_conform.dict_version    5.380 
_audit_conform.dict_location   http://mmcif.pdb.org/dictionaries/ascii/mmcif_pdbx.dic 
# 
loop_
_database_2.database_id 
_database_2.database_code 
_database_2.pdbx_database_accession 
_database_2.pdbx_DOI 
PDB   2EEY         pdb_00002eey 10.2210/pdb2eey/pdb 
RCSB  RCSB026581   ?            ?                   
WWPDB D_1000026581 ?            ?                   
# 
_pdbx_database_related.db_name        TargetDB 
_pdbx_database_related.db_id          gka001000241.1 
_pdbx_database_related.details        . 
_pdbx_database_related.content_type   unspecified 
# 
_pdbx_database_status.status_code                     REL 
_pdbx_database_status.entry_id                        2EEY 
_pdbx_database_status.recvd_initial_deposition_date   2007-02-19 
_pdbx_database_status.deposit_site                    PDBJ 
_pdbx_database_status.process_site                    PDBJ 
_pdbx_database_status.status_code_sf                  REL 
_pdbx_database_status.status_code_mr                  ? 
_pdbx_database_status.SG_entry                        Y 
_pdbx_database_status.pdb_format_compatible           Y 
_pdbx_database_status.status_code_cs                  ? 
_pdbx_database_status.status_code_nmr_data            ? 
_pdbx_database_status.methods_development_category    ? 
# 
loop_
_audit_author.name 
_audit_author.pdbx_ordinal 
'Lokanath, N.K.'                                         1 
'RIKEN Structural Genomics/Proteomics Initiative (RSGI)' 2 
# 
_citation.id                        primary 
_citation.title                     'Structure of GK0241 protein from Geobacillus kaustophilus' 
_citation.journal_abbrev            'To be Published' 
_citation.journal_volume            ? 
_citation.page_first                ? 
_citation.page_last                 ? 
_citation.year                      ? 
_citation.journal_id_ASTM           ? 
_citation.country                   ? 
_citation.journal_id_ISSN           ? 
_citation.journal_id_CSD            0353 
_citation.book_publisher            ? 
_citation.pdbx_database_id_PubMed   ? 
_citation.pdbx_database_id_DOI      ? 
# 
loop_
_citation_author.citation_id 
_citation_author.name 
_citation_author.ordinal 
_citation_author.identifier_ORCID 
primary 'Lokanath, N.K.' 1 ? 
primary 'Pampa, K.J.'    2 ? 
primary 'Kamiya, N.'     3 ? 
primary 'Kunishima, N.'  4 ? 
# 
_cell.entry_id           2EEY 
_cell.length_a           105.240 
_cell.length_b           105.240 
_cell.length_c           105.240 
_cell.angle_alpha        90.00 
_cell.angle_beta         90.00 
_cell.angle_gamma        90.00 
_cell.Z_PDB              24 
_cell.pdbx_unique_axis   ? 
_cell.length_a_esd       ? 
_cell.length_b_esd       ? 
_cell.length_c_esd       ? 
_cell.angle_alpha_esd    ? 
_cell.angle_beta_esd     ? 
_cell.angle_gamma_esd    ? 
# 
_symmetry.entry_id                         2EEY 
_symmetry.space_group_name_H-M             'P 41 3 2' 
_symmetry.pdbx_full_space_group_name_H-M   ? 
_symmetry.cell_setting                     ? 
_symmetry.Int_Tables_number                213 
_symmetry.space_group_name_Hall            ? 
# 
loop_
_entity.id 
_entity.type 
_entity.src_method 
_entity.pdbx_description 
_entity.formula_weight 
_entity.pdbx_number_of_molecules 
_entity.pdbx_ec 
_entity.pdbx_mutation 
_entity.pdbx_fragment 
_entity.details 
1 polymer man 'Molybdopterin biosynthesis' 17492.270 1   ? ? ? ? 
2 water   nat water                        18.015    128 ? ? ? ? 
# 
_entity_name_com.entity_id   1 
_entity_name_com.name        'Molybdenum cofactor biosynthesis protein C' 
# 
_entity_poly.entity_id                      1 
_entity_poly.type                           'polypeptide(L)' 
_entity_poly.nstd_linkage                   no 
_entity_poly.nstd_monomer                   no 
_entity_poly.pdbx_seq_one_letter_code       
;MSSFTHFNEQGRAKMVDITHKEDTVRVAVAQTSVTVSREIYEKMTSNAIEKGDVLAVAQVAGVMAAKKTADLIPMCHPLM
LKGVDIAFAWENDGEAHKLVITATVKTKGSTGVEMEALTAASVCALTVYDMCKALDKGMVIGPTYLVEKTGGKSGHYRRK
TD
;
_entity_poly.pdbx_seq_one_letter_code_can   
;MSSFTHFNEQGRAKMVDITHKEDTVRVAVAQTSVTVSREIYEKMTSNAIEKGDVLAVAQVAGVMAAKKTADLIPMCHPLM
LKGVDIAFAWENDGEAHKLVITATVKTKGSTGVEMEALTAASVCALTVYDMCKALDKGMVIGPTYLVEKTGGKSGHYRRK
TD
;
_entity_poly.pdbx_strand_id                 A 
_entity_poly.pdbx_target_identifier         gka001000241.1 
# 
loop_
_entity_poly_seq.entity_id 
_entity_poly_seq.num 
_entity_poly_seq.mon_id 
_entity_poly_seq.hetero 
1 1   MET n 
1 2   SER n 
1 3   SER n 
1 4   PHE n 
1 5   THR n 
1 6   HIS n 
1 7   PHE n 
1 8   ASN n 
1 9   GLU n 
1 10  GLN n 
1 11  GLY n 
1 12  ARG n 
1 13  ALA n 
1 14  LYS n 
1 15  MET n 
1 16  VAL n 
1 17  ASP n 
1 18  ILE n 
1 19  THR n 
1 20  HIS n 
1 21  LYS n 
1 22  GLU n 
1 23  ASP n 
1 24  THR n 
1 25  VAL n 
1 26  ARG n 
1 27  VAL n 
1 28  ALA n 
1 29  VAL n 
1 30  ALA n 
1 31  GLN n 
1 32  THR n 
1 33  SER n 
1 34  VAL n 
1 35  THR n 
1 36  VAL n 
1 37  SER n 
1 38  ARG n 
1 39  GLU n 
1 40  ILE n 
1 41  TYR n 
1 42  GLU n 
1 43  LYS n 
1 44  MET n 
1 45  THR n 
1 46  SER n 
1 47  ASN n 
1 48  ALA n 
1 49  ILE n 
1 50  GLU n 
1 51  LYS n 
1 52  GLY n 
1 53  ASP n 
1 54  VAL n 
1 55  LEU n 
1 56  ALA n 
1 57  VAL n 
1 58  ALA n 
1 59  GLN n 
1 60  VAL n 
1 61  ALA n 
1 62  GLY n 
1 63  VAL n 
1 64  MET n 
1 65  ALA n 
1 66  ALA n 
1 67  LYS n 
1 68  LYS n 
1 69  THR n 
1 70  ALA n 
1 71  ASP n 
1 72  LEU n 
1 73  ILE n 
1 74  PRO n 
1 75  MET n 
1 76  CYS n 
1 77  HIS n 
1 78  PRO n 
1 79  LEU n 
1 80  MET n 
1 81  LEU n 
1 82  LYS n 
1 83  GLY n 
1 84  VAL n 
1 85  ASP n 
1 86  ILE n 
1 87  ALA n 
1 88  PHE n 
1 89  ALA n 
1 90  TRP n 
1 91  GLU n 
1 92  ASN n 
1 93  ASP n 
1 94  GLY n 
1 95  GLU n 
1 96  ALA n 
1 97  HIS n 
1 98  LYS n 
1 99  LEU n 
1 100 VAL n 
1 101 ILE n 
1 102 THR n 
1 103 ALA n 
1 104 THR n 
1 105 VAL n 
1 106 LYS n 
1 107 THR n 
1 108 LYS n 
1 109 GLY n 
1 110 SER n 
1 111 THR n 
1 112 GLY n 
1 113 VAL n 
1 114 GLU n 
1 115 MET n 
1 116 GLU n 
1 117 ALA n 
1 118 LEU n 
1 119 THR n 
1 120 ALA n 
1 121 ALA n 
1 122 SER n 
1 123 VAL n 
1 124 CYS n 
1 125 ALA n 
1 126 LEU n 
1 127 THR n 
1 128 VAL n 
1 129 TYR n 
1 130 ASP n 
1 131 MET n 
1 132 CYS n 
1 133 LYS n 
1 134 ALA n 
1 135 LEU n 
1 136 ASP n 
1 137 LYS n 
1 138 GLY n 
1 139 MET n 
1 140 VAL n 
1 141 ILE n 
1 142 GLY n 
1 143 PRO n 
1 144 THR n 
1 145 TYR n 
1 146 LEU n 
1 147 VAL n 
1 148 GLU n 
1 149 LYS n 
1 150 THR n 
1 151 GLY n 
1 152 GLY n 
1 153 LYS n 
1 154 SER n 
1 155 GLY n 
1 156 HIS n 
1 157 TYR n 
1 158 ARG n 
1 159 ARG n 
1 160 LYS n 
1 161 THR n 
1 162 ASP n 
# 
_entity_src_gen.entity_id                          1 
_entity_src_gen.pdbx_src_id                        1 
_entity_src_gen.pdbx_alt_source_flag               sample 
_entity_src_gen.pdbx_seq_type                      ? 
_entity_src_gen.pdbx_beg_seq_num                   ? 
_entity_src_gen.pdbx_end_seq_num                   ? 
_entity_src_gen.gene_src_common_name               ? 
_entity_src_gen.gene_src_genus                     Geobacillus 
_entity_src_gen.pdbx_gene_src_gene                 ? 
_entity_src_gen.gene_src_species                   'Geobacillus kaustophilus' 
_entity_src_gen.gene_src_strain                    HTA426 
_entity_src_gen.gene_src_tissue                    ? 
_entity_src_gen.gene_src_tissue_fraction           ? 
_entity_src_gen.gene_src_details                   ? 
_entity_src_gen.pdbx_gene_src_fragment             ? 
_entity_src_gen.pdbx_gene_src_scientific_name      'Geobacillus kaustophilus' 
_entity_src_gen.pdbx_gene_src_ncbi_taxonomy_id     235909 
_entity_src_gen.pdbx_gene_src_variant              ? 
_entity_src_gen.pdbx_gene_src_cell_line            ? 
_entity_src_gen.pdbx_gene_src_atcc                 ? 
_entity_src_gen.pdbx_gene_src_organ                ? 
_entity_src_gen.pdbx_gene_src_organelle            ? 
_entity_src_gen.pdbx_gene_src_cell                 ? 
_entity_src_gen.pdbx_gene_src_cellular_location    ? 
_entity_src_gen.host_org_common_name               ? 
_entity_src_gen.pdbx_host_org_scientific_name      'Escherichia coli' 
_entity_src_gen.pdbx_host_org_ncbi_taxonomy_id     562 
_entity_src_gen.host_org_genus                     Escherichia 
_entity_src_gen.pdbx_host_org_gene                 ? 
_entity_src_gen.pdbx_host_org_organ                ? 
_entity_src_gen.host_org_species                   ? 
_entity_src_gen.pdbx_host_org_tissue               ? 
_entity_src_gen.pdbx_host_org_tissue_fraction      ? 
_entity_src_gen.pdbx_host_org_strain               'BL21-CodonPlus(DE3)-RIL' 
_entity_src_gen.pdbx_host_org_variant              ? 
_entity_src_gen.pdbx_host_org_cell_line            ? 
_entity_src_gen.pdbx_host_org_atcc                 ? 
_entity_src_gen.pdbx_host_org_culture_collection   ? 
_entity_src_gen.pdbx_host_org_cell                 ? 
_entity_src_gen.pdbx_host_org_organelle            ? 
_entity_src_gen.pdbx_host_org_cellular_location    ? 
_entity_src_gen.pdbx_host_org_vector_type          plasmid 
_entity_src_gen.pdbx_host_org_vector               ? 
_entity_src_gen.host_org_details                   ? 
_entity_src_gen.expression_system_id               ? 
_entity_src_gen.plasmid_name                       pET-HisTEV 
_entity_src_gen.plasmid_details                    ? 
_entity_src_gen.pdbx_description                   ? 
# 
_struct_ref.id                         1 
_struct_ref.db_name                    UNP 
_struct_ref.db_code                    Q5L3F4_GEOKA 
_struct_ref.pdbx_db_accession          Q5L3F4 
_struct_ref.entity_id                  1 
_struct_ref.pdbx_seq_one_letter_code   
;MSSFTHFNEQGRAKMVDITHKEDTVRVAVAQTSVTVSREIYEKMTSNAIEKGDVLAVAQVAGVMAAKKTADLIPMCHPLM
LKGVDIAFAWENDGEAHKLVITATVKTKGSTGVEMEALTAASVCALTVYDMCKALDKGMVIGPTYLVEKTGGKSGHYRRK
TD
;
_struct_ref.pdbx_align_begin           1 
_struct_ref.pdbx_db_isoform            ? 
# 
_struct_ref_seq.align_id                      1 
_struct_ref_seq.ref_id                        1 
_struct_ref_seq.pdbx_PDB_id_code              2EEY 
_struct_ref_seq.pdbx_strand_id                A 
_struct_ref_seq.seq_align_beg                 1 
_struct_ref_seq.pdbx_seq_align_beg_ins_code   ? 
_struct_ref_seq.seq_align_end                 162 
_struct_ref_seq.pdbx_seq_align_end_ins_code   ? 
_struct_ref_seq.pdbx_db_accession             Q5L3F4 
_struct_ref_seq.db_align_beg                  1 
_struct_ref_seq.pdbx_db_align_beg_ins_code    ? 
_struct_ref_seq.db_align_end                  162 
_struct_ref_seq.pdbx_db_align_end_ins_code    ? 
_struct_ref_seq.pdbx_auth_seq_align_beg       1 
_struct_ref_seq.pdbx_auth_seq_align_end       162 
# 
loop_
_chem_comp.id 
_chem_comp.type 
_chem_comp.mon_nstd_flag 
_chem_comp.name 
_chem_comp.pdbx_synonyms 
_chem_comp.formula 
_chem_comp.formula_weight 
ALA 'L-peptide linking' y ALANINE         ? 'C3 H7 N O2'     89.093  
ARG 'L-peptide linking' y ARGININE        ? 'C6 H15 N4 O2 1' 175.209 
ASN 'L-peptide linking' y ASPARAGINE      ? 'C4 H8 N2 O3'    132.118 
ASP 'L-peptide linking' y 'ASPARTIC ACID' ? 'C4 H7 N O4'     133.103 
CYS 'L-peptide linking' y CYSTEINE        ? 'C3 H7 N O2 S'   121.158 
GLN 'L-peptide linking' y GLUTAMINE       ? 'C5 H10 N2 O3'   146.144 
GLU 'L-peptide linking' y 'GLUTAMIC ACID' ? 'C5 H9 N O4'     147.129 
GLY 'peptide linking'   y GLYCINE         ? 'C2 H5 N O2'     75.067  
HIS 'L-peptide linking' y HISTIDINE       ? 'C6 H10 N3 O2 1' 156.162 
HOH non-polymer         . WATER           ? 'H2 O'           18.015  
ILE 'L-peptide linking' y ISOLEUCINE      ? 'C6 H13 N O2'    131.173 
LEU 'L-peptide linking' y LEUCINE         ? 'C6 H13 N O2'    131.173 
LYS 'L-peptide linking' y LYSINE          ? 'C6 H15 N2 O2 1' 147.195 
MET 'L-peptide linking' y METHIONINE      ? 'C5 H11 N O2 S'  149.211 
PHE 'L-peptide linking' y PHENYLALANINE   ? 'C9 H11 N O2'    165.189 
PRO 'L-peptide linking' y PROLINE         ? 'C5 H9 N O2'     115.130 
SER 'L-peptide linking' y SERINE          ? 'C3 H7 N O3'     105.093 
THR 'L-peptide linking' y THREONINE       ? 'C4 H9 N O3'     119.119 
TRP 'L-peptide linking' y TRYPTOPHAN      ? 'C11 H12 N2 O2'  204.225 
TYR 'L-peptide linking' y TYROSINE        ? 'C9 H11 N O3'    181.189 
VAL 'L-peptide linking' y VALINE          ? 'C5 H11 N O2'    117.146 
# 
_exptl.entry_id          2EEY 
_exptl.method            'X-RAY DIFFRACTION' 
_exptl.crystals_number   1 
# 
_exptl_crystal.id                    1 
_exptl_crystal.density_meas          ? 
_exptl_crystal.density_Matthews      2.78 
_exptl_crystal.density_percent_sol   55.69 
_exptl_crystal.description           ? 
_exptl_crystal.F_000                 ? 
_exptl_crystal.preparation           ? 
# 
_exptl_crystal_grow.crystal_id      1 
_exptl_crystal_grow.method          'VAPOR DIFFUSION, SITTING DROP' 
_exptl_crystal_grow.temp            295 
_exptl_crystal_grow.temp_details    ? 
_exptl_crystal_grow.pH              5.9 
_exptl_crystal_grow.pdbx_details    
'0.12M Citrate-HCl, 0.25M Na formate, 0.1M NH(2)SO(4) and 22% PEG 4K, pH 5.9, VAPOR DIFFUSION, SITTING DROP, temperature 295K' 
_exptl_crystal_grow.pdbx_pH_range   . 
# 
_diffrn.id                     1 
_diffrn.ambient_temp           100.0 
_diffrn.ambient_temp_details   ? 
_diffrn.crystal_id             1 
# 
_diffrn_detector.diffrn_id              1 
_diffrn_detector.detector               'IMAGE PLATE' 
_diffrn_detector.type                   RIGAKU 
_diffrn_detector.pdbx_collection_date   2006-10-04 
_diffrn_detector.details                GRAPHITE 
# 
_diffrn_radiation.diffrn_id                        1 
_diffrn_radiation.wavelength_id                    1 
_diffrn_radiation.pdbx_monochromatic_or_laue_m_l   M 
_diffrn_radiation.monochromator                    GRAPHITE 
_diffrn_radiation.pdbx_diffrn_protocol             'SINGLE WAVELENGTH' 
_diffrn_radiation.pdbx_scattering_type             x-ray 
# 
_diffrn_radiation_wavelength.id           1 
_diffrn_radiation_wavelength.wavelength   1.0 
_diffrn_radiation_wavelength.wt           1.0 
# 
_diffrn_source.diffrn_id                   1 
_diffrn_source.source                      SYNCHROTRON 
_diffrn_source.type                        'SPRING-8 BEAMLINE BL26B1' 
_diffrn_source.pdbx_synchrotron_site       SPring-8 
_diffrn_source.pdbx_synchrotron_beamline   BL26B1 
_diffrn_source.pdbx_wavelength             ? 
_diffrn_source.pdbx_wavelength_list        1.0 
# 
_reflns.entry_id                     2EEY 
_reflns.observed_criterion_sigma_I   0.0 
_reflns.observed_criterion_sigma_F   0.0 
_reflns.d_resolution_low             50.0 
_reflns.d_resolution_high            1.94 
_reflns.number_obs                   15314 
_reflns.number_all                   15364 
_reflns.percent_possible_obs         100.0 
_reflns.pdbx_Rmerge_I_obs            0.078 
_reflns.pdbx_Rsym_value              ? 
_reflns.pdbx_netI_over_sigmaI        10.9 
_reflns.B_iso_Wilson_estimate        23.4 
_reflns.pdbx_redundancy              40.0 
_reflns.R_free_details               ? 
_reflns.limit_h_max                  ? 
_reflns.limit_h_min                  ? 
_reflns.limit_k_max                  ? 
_reflns.limit_k_min                  ? 
_reflns.limit_l_max                  ? 
_reflns.limit_l_min                  ? 
_reflns.observed_criterion_F_max     ? 
_reflns.observed_criterion_F_min     ? 
_reflns.pdbx_chi_squared             ? 
_reflns.pdbx_scaling_rejects         ? 
_reflns.pdbx_ordinal                 1 
_reflns.pdbx_diffrn_id               1 
# 
_reflns_shell.d_res_high             1.94 
_reflns_shell.d_res_low              2.01 
_reflns_shell.percent_possible_all   100.0 
_reflns_shell.Rmerge_I_obs           0.424 
_reflns_shell.pdbx_Rsym_value        ? 
_reflns_shell.meanI_over_sigI_obs    5.4 
_reflns_shell.pdbx_redundancy        39.0 
_reflns_shell.percent_possible_obs   ? 
_reflns_shell.number_unique_all      ? 
_reflns_shell.number_measured_all    ? 
_reflns_shell.number_measured_obs    ? 
_reflns_shell.number_unique_obs      ? 
_reflns_shell.pdbx_chi_squared       ? 
_reflns_shell.pdbx_ordinal           1 
_reflns_shell.pdbx_diffrn_id         1 
# 
_refine.entry_id                                 2EEY 
_refine.ls_number_reflns_obs                     15314 
_refine.ls_number_reflns_all                     15364 
_refine.pdbx_ls_sigma_I                          ? 
_refine.pdbx_ls_sigma_F                          0.0 
_refine.pdbx_data_cutoff_high_absF               4192177.07 
_refine.pdbx_data_cutoff_low_absF                0.000000 
_refine.pdbx_data_cutoff_high_rms_absF           ? 
_refine.ls_d_res_low                             37.21 
_refine.ls_d_res_high                            1.94 
_refine.ls_percent_reflns_obs                    99.8 
_refine.ls_R_factor_obs                          0.191 
_refine.ls_R_factor_all                          ? 
_refine.ls_R_factor_R_work                       0.191 
_refine.ls_R_factor_R_free                       0.192 
_refine.ls_R_factor_R_free_error                 0.007 
_refine.ls_R_factor_R_free_error_details         ? 
_refine.ls_percent_reflns_R_free                 5.0 
_refine.ls_number_reflns_R_free                  759 
_refine.ls_number_parameters                     ? 
_refine.ls_number_restraints                     ? 
_refine.occupancy_min                            ? 
_refine.occupancy_max                            ? 
_refine.correlation_coeff_Fo_to_Fc               ? 
_refine.correlation_coeff_Fo_to_Fc_free          ? 
_refine.B_iso_mean                               35.2 
_refine.aniso_B[1][1]                            0.00 
_refine.aniso_B[2][2]                            0.00 
_refine.aniso_B[3][3]                            0.00 
_refine.aniso_B[1][2]                            0.00 
_refine.aniso_B[1][3]                            0.00 
_refine.aniso_B[2][3]                            0.00 
_refine.solvent_model_details                    'FLAT MODEL' 
_refine.solvent_model_param_ksol                 0.4 
_refine.solvent_model_param_bsol                 54.4936 
_refine.pdbx_solvent_vdw_probe_radii             ? 
_refine.pdbx_solvent_ion_probe_radii             ? 
_refine.pdbx_solvent_shrinkage_radii             ? 
_refine.pdbx_ls_cross_valid_method               THROUGHOUT 
_refine.details                                  ? 
_refine.pdbx_starting_model                      1EKR 
_refine.pdbx_method_to_determine_struct          'MOLECULAR REPLACEMENT' 
_refine.pdbx_isotropic_thermal_model             RESTRAINED 
_refine.pdbx_stereochemistry_target_values       'Engh & Huber' 
_refine.pdbx_stereochem_target_val_spec_case     ? 
_refine.pdbx_R_Free_selection_details            RANDOM 
_refine.pdbx_overall_ESU_R                       ? 
_refine.pdbx_overall_ESU_R_Free                  ? 
_refine.overall_SU_ML                            ? 
_refine.overall_SU_B                             ? 
_refine.ls_redundancy_reflns_obs                 ? 
_refine.B_iso_min                                ? 
_refine.B_iso_max                                ? 
_refine.overall_SU_R_Cruickshank_DPI             ? 
_refine.overall_SU_R_free                        ? 
_refine.ls_wR_factor_R_free                      ? 
_refine.ls_wR_factor_R_work                      ? 
_refine.overall_FOM_free_R_set                   ? 
_refine.overall_FOM_work_R_set                   ? 
_refine.pdbx_overall_phase_error                 ? 
_refine.pdbx_refine_id                           'X-RAY DIFFRACTION' 
_refine.pdbx_diffrn_id                           1 
_refine.pdbx_TLS_residual_ADP_flag               ? 
_refine.pdbx_overall_SU_R_free_Cruickshank_DPI   ? 
_refine.pdbx_overall_SU_R_Blow_DPI               ? 
_refine.pdbx_overall_SU_R_free_Blow_DPI          ? 
# 
_refine_analyze.entry_id                        2EEY 
_refine_analyze.Luzzati_coordinate_error_obs    0.20 
_refine_analyze.Luzzati_sigma_a_obs             0.10 
_refine_analyze.Luzzati_d_res_low_obs           5.00 
_refine_analyze.Luzzati_coordinate_error_free   0.23 
_refine_analyze.Luzzati_sigma_a_free            0.12 
_refine_analyze.Luzzati_d_res_low_free          ? 
_refine_analyze.number_disordered_residues      ? 
_refine_analyze.occupancy_sum_hydrogen          ? 
_refine_analyze.occupancy_sum_non_hydrogen      ? 
_refine_analyze.pdbx_Luzzati_d_res_high_obs     ? 
_refine_analyze.pdbx_refine_id                  'X-RAY DIFFRACTION' 
# 
_refine_hist.pdbx_refine_id                   'X-RAY DIFFRACTION' 
_refine_hist.cycle_id                         LAST 
_refine_hist.pdbx_number_atoms_protein        1200 
_refine_hist.pdbx_number_atoms_nucleic_acid   0 
_refine_hist.pdbx_number_atoms_ligand         0 
_refine_hist.number_atoms_solvent             128 
_refine_hist.number_atoms_total               1328 
_refine_hist.d_res_high                       1.94 
_refine_hist.d_res_low                        37.21 
# 
loop_
_refine_ls_restr.type 
_refine_ls_restr.dev_ideal 
_refine_ls_restr.dev_ideal_target 
_refine_ls_restr.weight 
_refine_ls_restr.number 
_refine_ls_restr.pdbx_refine_id 
_refine_ls_restr.pdbx_restraint_function 
c_bond_d           0.006 ? ? ? 'X-RAY DIFFRACTION' ? 
c_angle_deg        1.2   ? ? ? 'X-RAY DIFFRACTION' ? 
c_dihedral_angle_d 23.5  ? ? ? 'X-RAY DIFFRACTION' ? 
c_improper_angle_d 0.74  ? ? ? 'X-RAY DIFFRACTION' ? 
# 
_refine_ls_shell.pdbx_total_number_of_bins_used   6 
_refine_ls_shell.d_res_high                       1.94 
_refine_ls_shell.d_res_low                        2.06 
_refine_ls_shell.number_reflns_R_work             2337 
_refine_ls_shell.R_factor_R_work                  0.201 
_refine_ls_shell.percent_reflns_obs               99.6 
_refine_ls_shell.R_factor_R_free                  0.221 
_refine_ls_shell.R_factor_R_free_error            0.019 
_refine_ls_shell.percent_reflns_R_free            5.5 
_refine_ls_shell.number_reflns_R_free             136 
_refine_ls_shell.number_reflns_all                ? 
_refine_ls_shell.R_factor_all                     ? 
_refine_ls_shell.number_reflns_obs                ? 
_refine_ls_shell.redundancy_reflns_obs            ? 
_refine_ls_shell.pdbx_refine_id                   'X-RAY DIFFRACTION' 
# 
loop_
_pdbx_xplor_file.serial_no 
_pdbx_xplor_file.param_file 
_pdbx_xplor_file.topol_file 
_pdbx_xplor_file.pdbx_refine_id 
1 protein_rep.param protein.top 'X-RAY DIFFRACTION' 
2 water_rep.param   water.top   'X-RAY DIFFRACTION' 
# 
_struct.entry_id                  2EEY 
_struct.title                     'Structure of GK0241 protein from Geobacillus kaustophilus' 
_struct.pdbx_model_details        ? 
_struct.pdbx_CASP_flag            ? 
_struct.pdbx_model_type_details   ? 
# 
_struct_keywords.entry_id        2EEY 
_struct_keywords.pdbx_keywords   'BIOSYNTHETIC PROTEIN' 
_struct_keywords.text            
;Molybdenium precursor bosynthesis, Structural Genomics, NPPSFA, National Project on Protein Structural and Functional Analyses, RIKEN Structural Genomics/Proteomics Initiative, RSGI, BIOSYNTHETIC PROTEIN
;
# 
loop_
_struct_asym.id 
_struct_asym.pdbx_blank_PDB_chainid_flag 
_struct_asym.pdbx_modified 
_struct_asym.entity_id 
_struct_asym.details 
A N N 1 ? 
B N N 2 ? 
# 
_struct_biol.id        1 
_struct_biol.details   ? 
# 
loop_
_struct_conf.conf_type_id 
_struct_conf.id 
_struct_conf.pdbx_PDB_helix_id 
_struct_conf.beg_label_comp_id 
_struct_conf.beg_label_asym_id 
_struct_conf.beg_label_seq_id 
_struct_conf.pdbx_beg_PDB_ins_code 
_struct_conf.end_label_comp_id 
_struct_conf.end_label_asym_id 
_struct_conf.end_label_seq_id 
_struct_conf.pdbx_end_PDB_ins_code 
_struct_conf.beg_auth_comp_id 
_struct_conf.beg_auth_asym_id 
_struct_conf.beg_auth_seq_id 
_struct_conf.end_auth_comp_id 
_struct_conf.end_auth_asym_id 
_struct_conf.end_auth_seq_id 
_struct_conf.pdbx_PDB_helix_class 
_struct_conf.details 
_struct_conf.pdbx_PDB_helix_length 
HELX_P HELX_P1 1 SER A 37  ? SER A 46  ? SER A 37  SER A 46  1 ? 10 
HELX_P HELX_P2 2 ASP A 53  ? ILE A 73  ? ASP A 53  ILE A 73  1 ? 21 
HELX_P HELX_P3 3 VAL A 113 ? LYS A 133 ? VAL A 113 LYS A 133 1 ? 21 
# 
_struct_conf_type.id          HELX_P 
_struct_conf_type.criteria    ? 
_struct_conf_type.reference   ? 
# 
_struct_mon_prot_cis.pdbx_id                1 
_struct_mon_prot_cis.label_comp_id          GLY 
_struct_mon_prot_cis.label_seq_id           142 
_struct_mon_prot_cis.label_asym_id          A 
_struct_mon_prot_cis.label_alt_id           . 
_struct_mon_prot_cis.pdbx_PDB_ins_code      ? 
_struct_mon_prot_cis.auth_comp_id           GLY 
_struct_mon_prot_cis.auth_seq_id            142 
_struct_mon_prot_cis.auth_asym_id           A 
_struct_mon_prot_cis.pdbx_label_comp_id_2   PRO 
_struct_mon_prot_cis.pdbx_label_seq_id_2    143 
_struct_mon_prot_cis.pdbx_label_asym_id_2   A 
_struct_mon_prot_cis.pdbx_PDB_ins_code_2    ? 
_struct_mon_prot_cis.pdbx_auth_comp_id_2    PRO 
_struct_mon_prot_cis.pdbx_auth_seq_id_2     143 
_struct_mon_prot_cis.pdbx_auth_asym_id_2    A 
_struct_mon_prot_cis.pdbx_PDB_model_num     1 
_struct_mon_prot_cis.pdbx_omega_angle       0.30 
# 
loop_
_struct_sheet.id 
_struct_sheet.type 
_struct_sheet.number_strands 
_struct_sheet.details 
A ? 4 ? 
B ? 5 ? 
# 
loop_
_struct_sheet_order.sheet_id 
_struct_sheet_order.range_id_1 
_struct_sheet_order.range_id_2 
_struct_sheet_order.offset 
_struct_sheet_order.sense 
A 1 2 ? anti-parallel 
A 2 3 ? anti-parallel 
A 3 4 ? anti-parallel 
B 1 2 ? anti-parallel 
B 2 3 ? anti-parallel 
B 3 4 ? anti-parallel 
B 4 5 ? anti-parallel 
# 
loop_
_struct_sheet_range.sheet_id 
_struct_sheet_range.id 
_struct_sheet_range.beg_label_comp_id 
_struct_sheet_range.beg_label_asym_id 
_struct_sheet_range.beg_label_seq_id 
_struct_sheet_range.pdbx_beg_PDB_ins_code 
_struct_sheet_range.end_label_comp_id 
_struct_sheet_range.end_label_asym_id 
_struct_sheet_range.end_label_seq_id 
_struct_sheet_range.pdbx_end_PDB_ins_code 
_struct_sheet_range.beg_auth_comp_id 
_struct_sheet_range.beg_auth_asym_id 
_struct_sheet_range.beg_auth_seq_id 
_struct_sheet_range.end_auth_comp_id 
_struct_sheet_range.end_auth_asym_id 
_struct_sheet_range.end_auth_seq_id 
A 1 GLY A 83  ? GLU A 91  ? GLY A 83  GLU A 91  
A 2 HIS A 97  ? GLY A 109 ? HIS A 97  GLY A 109 
A 3 THR A 24  ? VAL A 36  ? THR A 24  VAL A 36  
A 4 VAL A 140 ? ILE A 141 ? VAL A 140 ILE A 141 
B 1 GLY A 83  ? GLU A 91  ? GLY A 83  GLU A 91  
B 2 HIS A 97  ? GLY A 109 ? HIS A 97  GLY A 109 
B 3 THR A 24  ? VAL A 36  ? THR A 24  VAL A 36  
B 4 TYR A 145 ? THR A 150 ? TYR A 145 THR A 150 
B 5 TYR A 157 ? ARG A 158 ? TYR A 157 ARG A 158 
# 
loop_
_pdbx_struct_sheet_hbond.sheet_id 
_pdbx_struct_sheet_hbond.range_id_1 
_pdbx_struct_sheet_hbond.range_id_2 
_pdbx_struct_sheet_hbond.range_1_label_atom_id 
_pdbx_struct_sheet_hbond.range_1_label_comp_id 
_pdbx_struct_sheet_hbond.range_1_label_asym_id 
_pdbx_struct_sheet_hbond.range_1_label_seq_id 
_pdbx_struct_sheet_hbond.range_1_PDB_ins_code 
_pdbx_struct_sheet_hbond.range_1_auth_atom_id 
_pdbx_struct_sheet_hbond.range_1_auth_comp_id 
_pdbx_struct_sheet_hbond.range_1_auth_asym_id 
_pdbx_struct_sheet_hbond.range_1_auth_seq_id 
_pdbx_struct_sheet_hbond.range_2_label_atom_id 
_pdbx_struct_sheet_hbond.range_2_label_comp_id 
_pdbx_struct_sheet_hbond.range_2_label_asym_id 
_pdbx_struct_sheet_hbond.range_2_label_seq_id 
_pdbx_struct_sheet_hbond.range_2_PDB_ins_code 
_pdbx_struct_sheet_hbond.range_2_auth_atom_id 
_pdbx_struct_sheet_hbond.range_2_auth_comp_id 
_pdbx_struct_sheet_hbond.range_2_auth_asym_id 
_pdbx_struct_sheet_hbond.range_2_auth_seq_id 
A 1 2 N ALA A 89  ? N ALA A 89  O VAL A 100 ? O VAL A 100 
A 2 3 O LEU A 99  ? O LEU A 99  N VAL A 34  ? N VAL A 34  
A 3 4 N THR A 35  ? N THR A 35  O VAL A 140 ? O VAL A 140 
B 1 2 N ALA A 89  ? N ALA A 89  O VAL A 100 ? O VAL A 100 
B 2 3 O LEU A 99  ? O LEU A 99  N VAL A 34  ? N VAL A 34  
B 3 4 N VAL A 29  ? N VAL A 29  O VAL A 147 ? O VAL A 147 
B 4 5 N LYS A 149 ? N LYS A 149 O TYR A 157 ? O TYR A 157 
# 
_atom_sites.entry_id                    2EEY 
_atom_sites.fract_transf_matrix[1][1]   -0.00570754 
_atom_sites.fract_transf_matrix[1][2]   -0.00298908 
_atom_sites.fract_transf_matrix[1][3]   0.00698408 
_atom_sites.fract_transf_matrix[2][1]   -0.00404850 
_atom_sites.fract_transf_matrix[2][2]   -0.00619496 
_atom_sites.fract_transf_matrix[2][3]   -0.00595987 
_atom_sites.fract_transf_matrix[3][1]   0.00642819 
_atom_sites.fract_transf_matrix[3][2]   -0.00655560 
_atom_sites.fract_transf_matrix[3][3]   0.00244756 
_atom_sites.fract_transf_vector[1]      -0.233567 
_atom_sites.fract_transf_vector[2]      -0.027017 
_atom_sites.fract_transf_vector[3]      0.190395 
# 
loop_
_atom_type.symbol 
C 
N 
O 
S 
# 
loop_
_atom_site.group_PDB 
_atom_site.id 
_atom_site.type_symbol 
_atom_site.label_atom_id 
_atom_site.label_alt_id 
_atom_site.label_comp_id 
_atom_site.label_asym_id 
_atom_site.label_entity_id 
_atom_site.label_seq_id 
_atom_site.pdbx_PDB_ins_code 
_atom_site.Cartn_x 
_atom_site.Cartn_y 
_atom_site.Cartn_z 
_atom_site.occupancy 
_atom_site.B_iso_or_equiv 
_atom_site.pdbx_formal_charge 
_atom_site.auth_seq_id 
_atom_site.auth_comp_id 
_atom_site.auth_asym_id 
_atom_site.auth_atom_id 
_atom_site.pdbx_PDB_model_num 
ATOM   1    N N   . SER A 1 2   ? -15.392 10.332  20.605  1.00 56.01 ? 2   SER A N   1 
ATOM   2    C CA  . SER A 1 2   ? -14.513 10.230  19.447  1.00 55.34 ? 2   SER A CA  1 
ATOM   3    C C   . SER A 1 2   ? -14.657 11.439  18.528  1.00 53.89 ? 2   SER A C   1 
ATOM   4    O O   . SER A 1 2   ? -15.695 12.091  18.459  1.00 54.26 ? 2   SER A O   1 
ATOM   5    C CB  . SER A 1 2   ? -14.873 8.954   18.682  1.00 55.98 ? 2   SER A CB  1 
ATOM   6    O OG  . SER A 1 2   ? -13.688 8.391   18.134  1.00 58.51 ? 2   SER A OG  1 
ATOM   7    N N   . SER A 1 3   ? -13.584 11.804  17.833  1.00 50.70 ? 3   SER A N   1 
ATOM   8    C CA  . SER A 1 3   ? -13.597 13.003  17.003  1.00 48.13 ? 3   SER A CA  1 
ATOM   9    C C   . SER A 1 3   ? -12.444 13.034  16.004  1.00 45.65 ? 3   SER A C   1 
ATOM   10   O O   . SER A 1 3   ? -11.439 12.340  16.177  1.00 43.47 ? 3   SER A O   1 
ATOM   11   C CB  . SER A 1 3   ? -13.527 14.242  17.903  1.00 48.94 ? 3   SER A CB  1 
ATOM   12   O OG  . SER A 1 3   ? -13.312 15.429  17.157  1.00 49.08 ? 3   SER A OG  1 
ATOM   13   N N   . PHE A 1 4   ? -12.597 13.839  14.956  1.00 42.30 ? 4   PHE A N   1 
ATOM   14   C CA  . PHE A 1 4   ? -11.538 13.988  13.961  1.00 39.30 ? 4   PHE A CA  1 
ATOM   15   C C   . PHE A 1 4   ? -10.330 14.647  14.621  1.00 38.81 ? 4   PHE A C   1 
ATOM   16   O O   . PHE A 1 4   ? -10.452 15.396  15.583  1.00 38.70 ? 4   PHE A O   1 
ATOM   17   C CB  . PHE A 1 4   ? -12.036 14.889  12.807  1.00 38.06 ? 4   PHE A CB  1 
ATOM   18   C CG  . PHE A 1 4   ? -13.063 14.203  11.933  1.00 38.92 ? 4   PHE A CG  1 
ATOM   19   C CD1 . PHE A 1 4   ? -12.738 13.035  11.246  1.00 39.48 ? 4   PHE A CD1 1 
ATOM   20   C CD2 . PHE A 1 4   ? -14.280 14.825  11.713  1.00 38.56 ? 4   PHE A CD2 1 
ATOM   21   C CE1 . PHE A 1 4   ? -13.661 12.477  10.366  1.00 39.18 ? 4   PHE A CE1 1 
ATOM   22   C CE2 . PHE A 1 4   ? -15.198 14.259  10.831  1.00 38.78 ? 4   PHE A CE2 1 
ATOM   23   C CZ  . PHE A 1 4   ? -14.900 13.076  10.167  1.00 38.73 ? 4   PHE A CZ  1 
ATOM   24   N N   . THR A 1 5   ? -9.134  14.306  14.119  1.00 35.21 ? 5   THR A N   1 
ATOM   25   C CA  . THR A 1 5   ? -7.934  14.964  14.632  1.00 33.65 ? 5   THR A CA  1 
ATOM   26   C C   . THR A 1 5   ? -7.297  15.891  13.578  1.00 32.66 ? 5   THR A C   1 
ATOM   27   O O   . THR A 1 5   ? -6.427  16.700  13.872  1.00 31.43 ? 5   THR A O   1 
ATOM   28   C CB  . THR A 1 5   ? -6.931  13.880  15.038  1.00 34.03 ? 5   THR A CB  1 
ATOM   29   O OG1 . THR A 1 5   ? -6.633  13.068  13.900  1.00 31.98 ? 5   THR A OG1 1 
ATOM   30   C CG2 . THR A 1 5   ? -7.501  12.991  16.151  1.00 35.25 ? 5   THR A CG2 1 
ATOM   31   N N   . HIS A 1 6   ? -7.732  15.713  12.309  1.00 30.68 ? 6   HIS A N   1 
ATOM   32   C CA  . HIS A 1 6   ? -7.081  16.406  11.193  1.00 31.37 ? 6   HIS A CA  1 
ATOM   33   C C   . HIS A 1 6   ? -7.757  17.745  10.866  1.00 30.00 ? 6   HIS A C   1 
ATOM   34   O O   . HIS A 1 6   ? -7.512  18.356  9.835   1.00 30.89 ? 6   HIS A O   1 
ATOM   35   C CB  . HIS A 1 6   ? -7.138  15.480  9.975   1.00 30.43 ? 6   HIS A CB  1 
ATOM   36   C CG  . HIS A 1 6   ? -6.094  14.398  10.080  1.00 31.00 ? 6   HIS A CG  1 
ATOM   37   N ND1 . HIS A 1 6   ? -5.834  13.730  11.225  1.00 31.44 ? 6   HIS A ND1 1 
ATOM   38   C CD2 . HIS A 1 6   ? -5.272  13.893  9.070   1.00 31.56 ? 6   HIS A CD2 1 
ATOM   39   C CE1 . HIS A 1 6   ? -4.879  12.836  10.911  1.00 32.39 ? 6   HIS A CE1 1 
ATOM   40   N NE2 . HIS A 1 6   ? -4.522  12.910  9.629   1.00 31.73 ? 6   HIS A NE2 1 
ATOM   41   N N   . PHE A 1 7   ? -8.613  18.269  11.738  1.00 30.11 ? 7   PHE A N   1 
ATOM   42   C CA  . PHE A 1 7   ? -9.233  19.573  11.499  1.00 29.43 ? 7   PHE A CA  1 
ATOM   43   C C   . PHE A 1 7   ? -8.896  20.519  12.650  1.00 30.94 ? 7   PHE A C   1 
ATOM   44   O O   . PHE A 1 7   ? -8.812  20.095  13.802  1.00 30.55 ? 7   PHE A O   1 
ATOM   45   C CB  . PHE A 1 7   ? -10.753 19.436  11.357  1.00 29.89 ? 7   PHE A CB  1 
ATOM   46   C CG  . PHE A 1 7   ? -11.184 18.786  10.070  1.00 31.46 ? 7   PHE A CG  1 
ATOM   47   C CD1 . PHE A 1 7   ? -11.011 19.438  8.851   1.00 30.30 ? 7   PHE A CD1 1 
ATOM   48   C CD2 . PHE A 1 7   ? -11.758 17.519  10.074  1.00 29.55 ? 7   PHE A CD2 1 
ATOM   49   C CE1 . PHE A 1 7   ? -11.402 18.836  7.655   1.00 29.39 ? 7   PHE A CE1 1 
ATOM   50   C CE2 . PHE A 1 7   ? -12.154 16.909  8.881   1.00 30.25 ? 7   PHE A CE2 1 
ATOM   51   C CZ  . PHE A 1 7   ? -11.975 17.570  7.672   1.00 28.40 ? 7   PHE A CZ  1 
ATOM   52   N N   . ASN A 1 8   ? -8.701  21.797  12.335  1.00 31.11 ? 8   ASN A N   1 
ATOM   53   C CA  . ASN A 1 8   ? -8.346  22.782  13.352  1.00 33.26 ? 8   ASN A CA  1 
ATOM   54   C C   . ASN A 1 8   ? -9.541  23.532  13.930  1.00 35.30 ? 8   ASN A C   1 
ATOM   55   O O   . ASN A 1 8   ? -10.696 23.224  13.628  1.00 36.11 ? 8   ASN A O   1 
ATOM   56   C CB  . ASN A 1 8   ? -7.339  23.796  12.789  1.00 30.36 ? 8   ASN A CB  1 
ATOM   57   C CG  . ASN A 1 8   ? -7.941  24.692  11.723  1.00 30.57 ? 8   ASN A CG  1 
ATOM   58   O OD1 . ASN A 1 8   ? -9.148  24.679  11.491  1.00 28.59 ? 8   ASN A OD1 1 
ATOM   59   N ND2 . ASN A 1 8   ? -7.095  25.487  11.073  1.00 29.19 ? 8   ASN A ND2 1 
ATOM   60   N N   . GLU A 1 9   ? -9.239  24.532  14.751  1.00 37.86 ? 9   GLU A N   1 
ATOM   61   C CA  . GLU A 1 9   ? -10.251 25.348  15.410  1.00 39.96 ? 9   GLU A CA  1 
ATOM   62   C C   . GLU A 1 9   ? -11.191 26.067  14.450  1.00 38.41 ? 9   GLU A C   1 
ATOM   63   O O   . GLU A 1 9   ? -12.260 26.518  14.855  1.00 39.52 ? 9   GLU A O   1 
ATOM   64   C CB  . GLU A 1 9   ? -9.572  26.377  16.317  1.00 43.90 ? 9   GLU A CB  1 
ATOM   65   C CG  . GLU A 1 9   ? -8.645  25.764  17.357  1.00 50.39 ? 9   GLU A CG  1 
ATOM   66   C CD  . GLU A 1 9   ? -7.870  26.810  18.136  1.00 54.32 ? 9   GLU A CD  1 
ATOM   67   O OE1 . GLU A 1 9   ? -7.152  27.614  17.499  1.00 57.43 ? 9   GLU A OE1 1 
ATOM   68   O OE2 . GLU A 1 9   ? -7.977  26.829  19.382  1.00 55.90 ? 9   GLU A OE2 1 
ATOM   69   N N   . GLN A 1 10  ? -10.798 26.180  13.184  1.00 35.63 ? 10  GLN A N   1 
ATOM   70   C CA  . GLN A 1 10  ? -11.641 26.859  12.202  1.00 32.82 ? 10  GLN A CA  1 
ATOM   71   C C   . GLN A 1 10  ? -12.314 25.889  11.234  1.00 32.12 ? 10  GLN A C   1 
ATOM   72   O O   . GLN A 1 10  ? -12.886 26.306  10.228  1.00 30.50 ? 10  GLN A O   1 
ATOM   73   C CB  . GLN A 1 10  ? -10.823 27.889  11.412  1.00 34.01 ? 10  GLN A CB  1 
ATOM   74   C CG  . GLN A 1 10  ? -10.131 28.934  12.282  1.00 33.69 ? 10  GLN A CG  1 
ATOM   75   C CD  . GLN A 1 10  ? -9.542  30.072  11.467  1.00 34.84 ? 10  GLN A CD  1 
ATOM   76   O OE1 . GLN A 1 10  ? -8.848  29.845  10.473  1.00 31.89 ? 10  GLN A OE1 1 
ATOM   77   N NE2 . GLN A 1 10  ? -9.808  31.306  11.890  1.00 33.21 ? 10  GLN A NE2 1 
ATOM   78   N N   . GLY A 1 11  ? -12.246 24.597  11.539  1.00 31.31 ? 11  GLY A N   1 
ATOM   79   C CA  . GLY A 1 11  ? -12.868 23.607  10.678  1.00 30.54 ? 11  GLY A CA  1 
ATOM   80   C C   . GLY A 1 11  ? -12.130 23.337  9.377   1.00 29.88 ? 11  GLY A C   1 
ATOM   81   O O   . GLY A 1 11  ? -12.740 22.938  8.386   1.00 29.41 ? 11  GLY A O   1 
ATOM   82   N N   . ARG A 1 12  ? -10.820 23.560  9.367   1.00 29.07 ? 12  ARG A N   1 
ATOM   83   C CA  . ARG A 1 12  ? -10.022 23.314  8.170   1.00 28.27 ? 12  ARG A CA  1 
ATOM   84   C C   . ARG A 1 12  ? -8.876  22.354  8.485   1.00 27.32 ? 12  ARG A C   1 
ATOM   85   O O   . ARG A 1 12  ? -8.507  22.170  9.646   1.00 27.45 ? 12  ARG A O   1 
ATOM   86   C CB  . ARG A 1 12  ? -9.518  24.641  7.581   1.00 29.18 ? 12  ARG A CB  1 
ATOM   87   C CG  . ARG A 1 12  ? -10.584 25.359  6.744   1.00 31.60 ? 12  ARG A CG  1 
ATOM   88   C CD  . ARG A 1 12  ? -10.127 26.720  6.240   1.00 35.12 ? 12  ARG A CD  1 
ATOM   89   N NE  . ARG A 1 12  ? -10.221 27.753  7.270   1.00 36.85 ? 12  ARG A NE  1 
ATOM   90   C CZ  . ARG A 1 12  ? -11.297 28.506  7.490   1.00 38.64 ? 12  ARG A CZ  1 
ATOM   91   N NH1 . ARG A 1 12  ? -12.390 28.356  6.752   1.00 38.35 ? 12  ARG A NH1 1 
ATOM   92   N NH2 . ARG A 1 12  ? -11.278 29.415  8.454   1.00 39.76 ? 12  ARG A NH2 1 
ATOM   93   N N   . ALA A 1 13  ? -8.324  21.731  7.448   1.00 25.84 ? 13  ALA A N   1 
ATOM   94   C CA  . ALA A 1 13  ? -7.268  20.740  7.617   1.00 25.36 ? 13  ALA A CA  1 
ATOM   95   C C   . ALA A 1 13  ? -5.959  21.219  8.231   1.00 26.00 ? 13  ALA A C   1 
ATOM   96   O O   . ALA A 1 13  ? -5.441  22.282  7.890   1.00 27.09 ? 13  ALA A O   1 
ATOM   97   C CB  . ALA A 1 13  ? -6.984  20.056  6.273   1.00 26.69 ? 13  ALA A CB  1 
ATOM   98   N N   . LYS A 1 14  ? -5.430  20.411  9.145   1.00 25.33 ? 14  LYS A N   1 
ATOM   99   C CA  . LYS A 1 14  ? -4.159  20.706  9.792   1.00 25.94 ? 14  LYS A CA  1 
ATOM   100  C C   . LYS A 1 14  ? -3.365  19.414  9.953   1.00 26.42 ? 14  LYS A C   1 
ATOM   101  O O   . LYS A 1 14  ? -3.924  18.314  9.903   1.00 25.97 ? 14  LYS A O   1 
ATOM   102  C CB  . LYS A 1 14  ? -4.378  21.323  11.179  1.00 26.20 ? 14  LYS A CB  1 
ATOM   103  C CG  . LYS A 1 14  ? -4.898  20.323  12.212  1.00 29.93 ? 14  LYS A CG  1 
ATOM   104  C CD  . LYS A 1 14  ? -4.896  20.895  13.628  1.00 30.41 ? 14  LYS A CD  1 
ATOM   105  C CE  . LYS A 1 14  ? -5.305  19.822  14.637  1.00 32.43 ? 14  LYS A CE  1 
ATOM   106  N NZ  . LYS A 1 14  ? -5.290  20.307  16.049  1.00 31.30 ? 14  LYS A NZ  1 
ATOM   107  N N   . MET A 1 15  ? -2.055  19.551  10.123  1.00 26.69 ? 15  MET A N   1 
ATOM   108  C CA  . MET A 1 15  ? -1.202  18.397  10.347  1.00 28.29 ? 15  MET A CA  1 
ATOM   109  C C   . MET A 1 15  ? -1.095  18.355  11.866  1.00 29.43 ? 15  MET A C   1 
ATOM   110  O O   . MET A 1 15  ? -0.458  19.218  12.476  1.00 26.98 ? 15  MET A O   1 
ATOM   111  C CB  . MET A 1 15  ? 0.182   18.599  9.730   1.00 29.25 ? 15  MET A CB  1 
ATOM   112  C CG  . MET A 1 15  ? 1.096   17.391  9.869   1.00 29.40 ? 15  MET A CG  1 
ATOM   113  S SD  . MET A 1 15  ? 2.797   17.760  9.396   1.00 32.64 ? 15  MET A SD  1 
ATOM   114  C CE  . MET A 1 15  ? 2.559   18.161  7.683   1.00 29.37 ? 15  MET A CE  1 
ATOM   115  N N   . VAL A 1 16  ? -1.744  17.362  12.463  1.00 28.95 ? 16  VAL A N   1 
ATOM   116  C CA  . VAL A 1 16  ? -1.775  17.195  13.913  1.00 32.42 ? 16  VAL A CA  1 
ATOM   117  C C   . VAL A 1 16  ? -0.399  17.273  14.564  1.00 31.42 ? 16  VAL A C   1 
ATOM   118  O O   . VAL A 1 16  ? 0.545   16.626  14.121  1.00 30.20 ? 16  VAL A O   1 
ATOM   119  C CB  . VAL A 1 16  ? -2.415  15.840  14.297  1.00 33.58 ? 16  VAL A CB  1 
ATOM   120  C CG1 . VAL A 1 16  ? -2.613  15.768  15.803  1.00 36.32 ? 16  VAL A CG1 1 
ATOM   121  C CG2 . VAL A 1 16  ? -3.735  15.667  13.570  1.00 36.32 ? 16  VAL A CG2 1 
ATOM   122  N N   . ASP A 1 17  ? -0.301  18.063  15.626  1.00 33.17 ? 17  ASP A N   1 
ATOM   123  C CA  . ASP A 1 17  ? 0.955   18.211  16.348  1.00 35.71 ? 17  ASP A CA  1 
ATOM   124  C C   . ASP A 1 17  ? 1.238   16.947  17.154  1.00 36.25 ? 17  ASP A C   1 
ATOM   125  O O   . ASP A 1 17  ? 0.441   16.556  18.006  1.00 37.06 ? 17  ASP A O   1 
ATOM   126  C CB  . ASP A 1 17  ? 0.887   19.429  17.276  1.00 35.96 ? 17  ASP A CB  1 
ATOM   127  C CG  . ASP A 1 17  ? 2.090   19.535  18.193  1.00 37.01 ? 17  ASP A CG  1 
ATOM   128  O OD1 . ASP A 1 17  ? 3.156   18.974  17.860  1.00 38.14 ? 17  ASP A OD1 1 
ATOM   129  O OD2 . ASP A 1 17  ? 1.973   20.198  19.242  1.00 39.37 ? 17  ASP A OD2 1 
ATOM   130  N N   . ILE A 1 18  ? 2.371   16.309  16.869  1.00 37.25 ? 18  ILE A N   1 
ATOM   131  C CA  . ILE A 1 18  ? 2.764   15.086  17.567  1.00 39.25 ? 18  ILE A CA  1 
ATOM   132  C C   . ILE A 1 18  ? 4.062   15.295  18.347  1.00 42.39 ? 18  ILE A C   1 
ATOM   133  O O   . ILE A 1 18  ? 4.760   14.339  18.678  1.00 43.16 ? 18  ILE A O   1 
ATOM   134  C CB  . ILE A 1 18  ? 2.967   13.918  16.571  1.00 37.36 ? 18  ILE A CB  1 
ATOM   135  C CG1 . ILE A 1 18  ? 4.052   14.280  15.553  1.00 36.16 ? 18  ILE A CG1 1 
ATOM   136  C CG2 . ILE A 1 18  ? 1.656   13.605  15.860  1.00 36.79 ? 18  ILE A CG2 1 
ATOM   137  C CD1 . ILE A 1 18  ? 4.378   13.166  14.573  1.00 34.68 ? 18  ILE A CD1 1 
ATOM   138  N N   . THR A 1 19  ? 4.370   16.554  18.641  1.00 46.25 ? 19  THR A N   1 
ATOM   139  C CA  . THR A 1 19  ? 5.587   16.915  19.368  1.00 51.73 ? 19  THR A CA  1 
ATOM   140  C C   . THR A 1 19  ? 5.758   16.227  20.721  1.00 55.25 ? 19  THR A C   1 
ATOM   141  O O   . THR A 1 19  ? 6.853   15.776  21.059  1.00 56.34 ? 19  THR A O   1 
ATOM   142  C CB  . THR A 1 19  ? 5.657   18.443  19.601  1.00 50.42 ? 19  THR A CB  1 
ATOM   143  O OG1 . THR A 1 19  ? 5.812   19.114  18.346  1.00 52.64 ? 19  THR A OG1 1 
ATOM   144  C CG2 . THR A 1 19  ? 6.830   18.797  20.506  1.00 52.62 ? 19  THR A CG2 1 
ATOM   145  N N   . HIS A 1 20  ? 4.679   16.150  21.493  1.00 58.88 ? 20  HIS A N   1 
ATOM   146  C CA  . HIS A 1 20  ? 4.737   15.546  22.820  1.00 62.61 ? 20  HIS A CA  1 
ATOM   147  C C   . HIS A 1 20  ? 4.804   14.022  22.844  1.00 63.23 ? 20  HIS A C   1 
ATOM   148  O O   . HIS A 1 20  ? 5.429   13.444  23.732  1.00 63.70 ? 20  HIS A O   1 
ATOM   149  C CB  . HIS A 1 20  ? 3.548   16.028  23.654  1.00 65.47 ? 20  HIS A CB  1 
ATOM   150  C CG  . HIS A 1 20  ? 3.569   17.498  23.934  1.00 68.51 ? 20  HIS A CG  1 
ATOM   151  N ND1 . HIS A 1 20  ? 3.641   18.445  22.935  1.00 70.02 ? 20  HIS A ND1 1 
ATOM   152  C CD2 . HIS A 1 20  ? 3.542   18.185  25.101  1.00 70.12 ? 20  HIS A CD2 1 
ATOM   153  C CE1 . HIS A 1 20  ? 3.658   19.651  23.473  1.00 71.03 ? 20  HIS A CE1 1 
ATOM   154  N NE2 . HIS A 1 20  ? 3.599   19.521  24.787  1.00 71.33 ? 20  HIS A NE2 1 
ATOM   155  N N   . LYS A 1 21  ? 4.165   13.375  21.874  1.00 63.33 ? 21  LYS A N   1 
ATOM   156  C CA  . LYS A 1 21  ? 4.159   11.917  21.806  1.00 63.04 ? 21  LYS A CA  1 
ATOM   157  C C   . LYS A 1 21  ? 5.572   11.334  21.867  1.00 63.22 ? 21  LYS A C   1 
ATOM   158  O O   . LYS A 1 21  ? 6.552   12.024  21.583  1.00 63.22 ? 21  LYS A O   1 
ATOM   159  C CB  . LYS A 1 21  ? 3.458   11.459  20.526  1.00 62.86 ? 21  LYS A CB  1 
ATOM   160  C CG  . LYS A 1 21  ? 2.029   11.965  20.402  1.00 63.38 ? 21  LYS A CG  1 
ATOM   161  C CD  . LYS A 1 21  ? 1.392   11.554  19.084  1.00 63.71 ? 21  LYS A CD  1 
ATOM   162  C CE  . LYS A 1 21  ? 1.236   10.048  18.979  1.00 64.25 ? 21  LYS A CE  1 
ATOM   163  N NZ  . LYS A 1 21  ? 0.624   9.647   17.679  1.00 64.47 ? 21  LYS A NZ  1 
ATOM   164  N N   . GLU A 1 22  ? 5.668   10.062  22.245  1.00 63.44 ? 22  GLU A N   1 
ATOM   165  C CA  . GLU A 1 22  ? 6.958   9.383   22.349  1.00 62.86 ? 22  GLU A CA  1 
ATOM   166  C C   . GLU A 1 22  ? 7.286   8.607   21.077  1.00 60.61 ? 22  GLU A C   1 
ATOM   167  O O   . GLU A 1 22  ? 6.393   8.255   20.308  1.00 59.90 ? 22  GLU A O   1 
ATOM   168  C CB  . GLU A 1 22  ? 6.959   8.420   23.541  1.00 65.05 ? 22  GLU A CB  1 
ATOM   169  C CG  . GLU A 1 22  ? 6.786   9.091   24.897  1.00 68.36 ? 22  GLU A CG  1 
ATOM   170  C CD  . GLU A 1 22  ? 6.774   8.094   26.043  1.00 70.55 ? 22  GLU A CD  1 
ATOM   171  O OE1 . GLU A 1 22  ? 7.765   7.349   26.198  1.00 71.49 ? 22  GLU A OE1 1 
ATOM   172  O OE2 . GLU A 1 22  ? 5.772   8.056   26.790  1.00 71.67 ? 22  GLU A OE2 1 
ATOM   173  N N   . ASP A 1 23  ? 8.571   8.346   20.864  1.00 59.04 ? 23  ASP A N   1 
ATOM   174  C CA  . ASP A 1 23  ? 9.021   7.608   19.690  1.00 57.15 ? 23  ASP A CA  1 
ATOM   175  C C   . ASP A 1 23  ? 9.106   6.119   19.991  1.00 54.88 ? 23  ASP A C   1 
ATOM   176  O O   . ASP A 1 23  ? 9.845   5.697   20.879  1.00 54.68 ? 23  ASP A O   1 
ATOM   177  C CB  . ASP A 1 23  ? 10.395  8.105   19.237  1.00 59.07 ? 23  ASP A CB  1 
ATOM   178  C CG  . ASP A 1 23  ? 10.409  9.585   18.937  1.00 61.29 ? 23  ASP A CG  1 
ATOM   179  O OD1 . ASP A 1 23  ? 9.566   10.040  18.133  1.00 63.18 ? 23  ASP A OD1 1 
ATOM   180  O OD2 . ASP A 1 23  ? 11.267  10.294  19.503  1.00 63.19 ? 23  ASP A OD2 1 
ATOM   181  N N   . THR A 1 24  ? 8.346   5.327   19.243  1.00 51.02 ? 24  THR A N   1 
ATOM   182  C CA  . THR A 1 24  ? 8.340   3.882   19.421  1.00 48.19 ? 24  THR A CA  1 
ATOM   183  C C   . THR A 1 24  ? 8.398   3.202   18.059  1.00 46.07 ? 24  THR A C   1 
ATOM   184  O O   . THR A 1 24  ? 8.219   3.848   17.026  1.00 43.05 ? 24  THR A O   1 
ATOM   185  C CB  . THR A 1 24  ? 7.070   3.416   20.150  1.00 49.14 ? 24  THR A CB  1 
ATOM   186  O OG1 . THR A 1 24  ? 5.918   3.734   19.359  1.00 49.57 ? 24  THR A OG1 1 
ATOM   187  C CG2 . THR A 1 24  ? 6.952   4.106   21.499  1.00 51.03 ? 24  THR A CG2 1 
ATOM   188  N N   . VAL A 1 25  ? 8.655   1.897   18.063  1.00 44.16 ? 25  VAL A N   1 
ATOM   189  C CA  . VAL A 1 25  ? 8.725   1.136   16.823  1.00 42.06 ? 25  VAL A CA  1 
ATOM   190  C C   . VAL A 1 25  ? 7.315   0.934   16.287  1.00 39.94 ? 25  VAL A C   1 
ATOM   191  O O   . VAL A 1 25  ? 6.454   0.384   16.971  1.00 38.09 ? 25  VAL A O   1 
ATOM   192  C CB  . VAL A 1 25  ? 9.372   -0.243  17.048  1.00 43.63 ? 25  VAL A CB  1 
ATOM   193  C CG1 . VAL A 1 25  ? 9.502   -0.981  15.722  1.00 44.16 ? 25  VAL A CG1 1 
ATOM   194  C CG2 . VAL A 1 25  ? 10.733  -0.072  17.696  1.00 44.66 ? 25  VAL A CG2 1 
ATOM   195  N N   . ARG A 1 26  ? 7.084   1.380   15.058  1.00 37.66 ? 26  ARG A N   1 
ATOM   196  C CA  . ARG A 1 26  ? 5.769   1.256   14.448  1.00 36.46 ? 26  ARG A CA  1 
ATOM   197  C C   . ARG A 1 26  ? 5.825   0.510   13.122  1.00 35.41 ? 26  ARG A C   1 
ATOM   198  O O   . ARG A 1 26  ? 6.718   0.733   12.305  1.00 34.51 ? 26  ARG A O   1 
ATOM   199  C CB  . ARG A 1 26  ? 5.170   2.648   14.245  1.00 37.92 ? 26  ARG A CB  1 
ATOM   200  C CG  . ARG A 1 26  ? 4.901   3.389   15.549  1.00 40.36 ? 26  ARG A CG  1 
ATOM   201  C CD  . ARG A 1 26  ? 4.815   4.888   15.324  1.00 42.30 ? 26  ARG A CD  1 
ATOM   202  N NE  . ARG A 1 26  ? 4.502   5.622   16.548  1.00 42.48 ? 26  ARG A NE  1 
ATOM   203  C CZ  . ARG A 1 26  ? 3.296   5.670   17.107  1.00 41.80 ? 26  ARG A CZ  1 
ATOM   204  N NH1 . ARG A 1 26  ? 2.279   5.025   16.553  1.00 42.27 ? 26  ARG A NH1 1 
ATOM   205  N NH2 . ARG A 1 26  ? 3.107   6.374   18.214  1.00 40.94 ? 26  ARG A NH2 1 
ATOM   206  N N   . VAL A 1 27  ? 4.865   -0.384  12.922  1.00 33.60 ? 27  VAL A N   1 
ATOM   207  C CA  . VAL A 1 27  ? 4.783   -1.170  11.702  1.00 33.02 ? 27  VAL A CA  1 
ATOM   208  C C   . VAL A 1 27  ? 3.345   -1.165  11.194  1.00 32.42 ? 27  VAL A C   1 
ATOM   209  O O   . VAL A 1 27  ? 2.400   -1.086  11.979  1.00 32.12 ? 27  VAL A O   1 
ATOM   210  C CB  . VAL A 1 27  ? 5.224   -2.634  11.945  1.00 32.57 ? 27  VAL A CB  1 
ATOM   211  C CG1 . VAL A 1 27  ? 5.052   -3.454  10.679  1.00 33.31 ? 27  VAL A CG1 1 
ATOM   212  C CG2 . VAL A 1 27  ? 6.676   -2.669  12.400  1.00 32.90 ? 27  VAL A CG2 1 
ATOM   213  N N   . ALA A 1 28  ? 3.189   -1.232  9.876   1.00 29.56 ? 28  ALA A N   1 
ATOM   214  C CA  . ALA A 1 28  ? 1.869   -1.263  9.264   1.00 28.77 ? 28  ALA A CA  1 
ATOM   215  C C   . ALA A 1 28  ? 1.907   -2.186  8.057   1.00 26.90 ? 28  ALA A C   1 
ATOM   216  O O   . ALA A 1 28  ? 2.871   -2.185  7.287   1.00 25.99 ? 28  ALA A O   1 
ATOM   217  C CB  . ALA A 1 28  ? 1.443   0.139   8.848   1.00 27.81 ? 28  ALA A CB  1 
ATOM   218  N N   . VAL A 1 29  ? 0.856   -2.982  7.911   1.00 25.62 ? 29  VAL A N   1 
ATOM   219  C CA  . VAL A 1 29  ? 0.735   -3.925  6.810   1.00 26.04 ? 29  VAL A CA  1 
ATOM   220  C C   . VAL A 1 29  ? -0.579  -3.656  6.085   1.00 25.92 ? 29  VAL A C   1 
ATOM   221  O O   . VAL A 1 29  ? -1.648  -3.670  6.700   1.00 25.65 ? 29  VAL A O   1 
ATOM   222  C CB  . VAL A 1 29  ? 0.732   -5.382  7.327   1.00 25.01 ? 29  VAL A CB  1 
ATOM   223  C CG1 . VAL A 1 29  ? 0.638   -6.352  6.156   1.00 26.50 ? 29  VAL A CG1 1 
ATOM   224  C CG2 . VAL A 1 29  ? 1.987   -5.643  8.153   1.00 27.38 ? 29  VAL A CG2 1 
ATOM   225  N N   . ALA A 1 30  ? -0.495  -3.398  4.782   1.00 24.43 ? 30  ALA A N   1 
ATOM   226  C CA  . ALA A 1 30  ? -1.677  -3.124  3.974   1.00 23.61 ? 30  ALA A CA  1 
ATOM   227  C C   . ALA A 1 30  ? -1.766  -4.122  2.834   1.00 24.35 ? 30  ALA A C   1 
ATOM   228  O O   . ALA A 1 30  ? -0.753  -4.655  2.374   1.00 24.67 ? 30  ALA A O   1 
ATOM   229  C CB  . ALA A 1 30  ? -1.625  -1.700  3.423   1.00 23.25 ? 30  ALA A CB  1 
ATOM   230  N N   . GLN A 1 31  ? -2.980  -4.366  2.364   1.00 22.81 ? 31  GLN A N   1 
ATOM   231  C CA  . GLN A 1 31  ? -3.171  -5.326  1.296   1.00 23.55 ? 31  GLN A CA  1 
ATOM   232  C C   . GLN A 1 31  ? -4.134  -4.836  0.229   1.00 23.90 ? 31  GLN A C   1 
ATOM   233  O O   . GLN A 1 31  ? -5.064  -4.076  0.510   1.00 22.55 ? 31  GLN A O   1 
ATOM   234  C CB  . GLN A 1 31  ? -3.691  -6.632  1.901   1.00 25.63 ? 31  GLN A CB  1 
ATOM   235  C CG  . GLN A 1 31  ? -3.589  -7.850  1.004   1.00 30.69 ? 31  GLN A CG  1 
ATOM   236  C CD  . GLN A 1 31  ? -3.877  -9.135  1.764   1.00 32.45 ? 31  GLN A CD  1 
ATOM   237  O OE1 . GLN A 1 31  ? -5.024  -9.438  2.081   1.00 33.13 ? 31  GLN A OE1 1 
ATOM   238  N NE2 . GLN A 1 31  ? -2.827  -9.884  2.077   1.00 33.27 ? 31  GLN A NE2 1 
ATOM   239  N N   . THR A 1 32  ? -3.887  -5.269  -1.002  1.00 20.47 ? 32  THR A N   1 
ATOM   240  C CA  . THR A 1 32  ? -4.746  -4.947  -2.127  1.00 22.10 ? 32  THR A CA  1 
ATOM   241  C C   . THR A 1 32  ? -4.556  -6.054  -3.149  1.00 23.56 ? 32  THR A C   1 
ATOM   242  O O   . THR A 1 32  ? -3.912  -7.071  -2.864  1.00 23.56 ? 32  THR A O   1 
ATOM   243  C CB  . THR A 1 32  ? -4.407  -3.577  -2.766  1.00 22.77 ? 32  THR A CB  1 
ATOM   244  O OG1 . THR A 1 32  ? -5.416  -3.253  -3.729  1.00 21.83 ? 32  THR A OG1 1 
ATOM   245  C CG2 . THR A 1 32  ? -3.050  -3.613  -3.466  1.00 22.92 ? 32  THR A CG2 1 
ATOM   246  N N   . SER A 1 33  ? -5.118  -5.875  -4.334  1.00 23.97 ? 33  SER A N   1 
ATOM   247  C CA  . SER A 1 33  ? -4.976  -6.888  -5.363  1.00 25.33 ? 33  SER A CA  1 
ATOM   248  C C   . SER A 1 33  ? -5.344  -6.338  -6.722  1.00 25.74 ? 33  SER A C   1 
ATOM   249  O O   . SER A 1 33  ? -5.888  -5.241  -6.837  1.00 24.71 ? 33  SER A O   1 
ATOM   250  C CB  . SER A 1 33  ? -5.874  -8.085  -5.047  1.00 26.34 ? 33  SER A CB  1 
ATOM   251  O OG  . SER A 1 33  ? -7.237  -7.703  -5.055  1.00 28.18 ? 33  SER A OG  1 
ATOM   252  N N   . VAL A 1 34  ? -5.019  -7.102  -7.756  1.00 24.16 ? 34  VAL A N   1 
ATOM   253  C CA  . VAL A 1 34  ? -5.362  -6.721  -9.111  1.00 23.48 ? 34  VAL A CA  1 
ATOM   254  C C   . VAL A 1 34  ? -5.949  -7.972  -9.756  1.00 25.31 ? 34  VAL A C   1 
ATOM   255  O O   . VAL A 1 34  ? -5.271  -8.992  -9.870  1.00 24.03 ? 34  VAL A O   1 
ATOM   256  C CB  . VAL A 1 34  ? -4.133  -6.265  -9.930  1.00 23.86 ? 34  VAL A CB  1 
ATOM   257  C CG1 . VAL A 1 34  ? -4.584  -5.819  -11.312 1.00 23.22 ? 34  VAL A CG1 1 
ATOM   258  C CG2 . VAL A 1 34  ? -3.406  -5.126  -9.216  1.00 20.81 ? 34  VAL A CG2 1 
ATOM   259  N N   . THR A 1 35  ? -7.218  -7.899  -10.140 1.00 25.59 ? 35  THR A N   1 
ATOM   260  C CA  . THR A 1 35  ? -7.881  -9.020  -10.791 1.00 27.04 ? 35  THR A CA  1 
ATOM   261  C C   . THR A 1 35  ? -7.688  -8.800  -12.280 1.00 26.04 ? 35  THR A C   1 
ATOM   262  O O   . THR A 1 35  ? -8.001  -7.732  -12.806 1.00 25.25 ? 35  THR A O   1 
ATOM   263  C CB  . THR A 1 35  ? -9.373  -9.064  -10.429 1.00 28.74 ? 35  THR A CB  1 
ATOM   264  O OG1 . THR A 1 35  ? -9.501  -9.279  -9.019  1.00 31.29 ? 35  THR A OG1 1 
ATOM   265  C CG2 . THR A 1 35  ? -10.076 -10.190 -11.170 1.00 30.77 ? 35  THR A CG2 1 
ATOM   266  N N   . VAL A 1 36  ? -7.155  -9.812  -12.956 1.00 25.87 ? 36  VAL A N   1 
ATOM   267  C CA  . VAL A 1 36  ? -6.852  -9.700  -14.376 1.00 25.36 ? 36  VAL A CA  1 
ATOM   268  C C   . VAL A 1 36  ? -7.465  -10.795 -15.243 1.00 27.12 ? 36  VAL A C   1 
ATOM   269  O O   . VAL A 1 36  ? -7.935  -11.809 -14.739 1.00 28.42 ? 36  VAL A O   1 
ATOM   270  C CB  . VAL A 1 36  ? -5.321  -9.729  -14.587 1.00 25.99 ? 36  VAL A CB  1 
ATOM   271  C CG1 . VAL A 1 36  ? -4.656  -8.649  -13.739 1.00 25.49 ? 36  VAL A CG1 1 
ATOM   272  C CG2 . VAL A 1 36  ? -4.773  -11.102 -14.200 1.00 23.63 ? 36  VAL A CG2 1 
ATOM   273  N N   . SER A 1 37  ? -7.439  -10.578 -16.555 1.00 27.47 ? 37  SER A N   1 
ATOM   274  C CA  . SER A 1 37  ? -7.966  -11.545 -17.508 1.00 29.00 ? 37  SER A CA  1 
ATOM   275  C C   . SER A 1 37  ? -7.007  -12.727 -17.589 1.00 29.53 ? 37  SER A C   1 
ATOM   276  O O   . SER A 1 37  ? -5.855  -12.631 -17.155 1.00 26.08 ? 37  SER A O   1 
ATOM   277  C CB  . SER A 1 37  ? -8.098  -10.909 -18.892 1.00 28.75 ? 37  SER A CB  1 
ATOM   278  O OG  . SER A 1 37  ? -6.825  -10.585 -19.436 1.00 30.16 ? 37  SER A OG  1 
ATOM   279  N N   . ARG A 1 38  ? -7.474  -13.837 -18.152 1.00 29.56 ? 38  ARG A N   1 
ATOM   280  C CA  . ARG A 1 38  ? -6.628  -15.020 -18.277 1.00 29.76 ? 38  ARG A CA  1 
ATOM   281  C C   . ARG A 1 38  ? -5.386  -14.712 -19.103 1.00 27.98 ? 38  ARG A C   1 
ATOM   282  O O   . ARG A 1 38  ? -4.293  -15.170 -18.779 1.00 26.50 ? 38  ARG A O   1 
ATOM   283  C CB  . ARG A 1 38  ? -7.403  -16.180 -18.915 1.00 33.00 ? 38  ARG A CB  1 
ATOM   284  C CG  . ARG A 1 38  ? -6.560  -17.440 -19.119 1.00 36.51 ? 38  ARG A CG  1 
ATOM   285  C CD  . ARG A 1 38  ? -7.419  -18.680 -19.350 1.00 40.19 ? 38  ARG A CD  1 
ATOM   286  N NE  . ARG A 1 38  ? -8.242  -18.595 -20.555 1.00 44.93 ? 38  ARG A NE  1 
ATOM   287  C CZ  . ARG A 1 38  ? -7.772  -18.658 -21.799 1.00 47.38 ? 38  ARG A CZ  1 
ATOM   288  N NH1 . ARG A 1 38  ? -6.474  -18.808 -22.019 1.00 47.24 ? 38  ARG A NH1 1 
ATOM   289  N NH2 . ARG A 1 38  ? -8.607  -18.574 -22.827 1.00 49.02 ? 38  ARG A NH2 1 
ATOM   290  N N   . GLU A 1 39  ? -5.551  -13.927 -20.165 1.00 26.95 ? 39  GLU A N   1 
ATOM   291  C CA  . GLU A 1 39  ? -4.427  -13.573 -21.023 1.00 27.34 ? 39  GLU A CA  1 
ATOM   292  C C   . GLU A 1 39  ? -3.334  -12.835 -20.259 1.00 26.27 ? 39  GLU A C   1 
ATOM   293  O O   . GLU A 1 39  ? -2.148  -13.129 -20.414 1.00 24.98 ? 39  GLU A O   1 
ATOM   294  C CB  . GLU A 1 39  ? -4.897  -12.715 -22.202 1.00 31.07 ? 39  GLU A CB  1 
ATOM   295  C CG  . GLU A 1 39  ? -3.752  -12.116 -23.000 1.00 36.08 ? 39  GLU A CG  1 
ATOM   296  C CD  . GLU A 1 39  ? -4.217  -11.360 -24.229 1.00 39.62 ? 39  GLU A CD  1 
ATOM   297  O OE1 . GLU A 1 39  ? -5.212  -10.612 -24.133 1.00 41.19 ? 39  GLU A OE1 1 
ATOM   298  O OE2 . GLU A 1 39  ? -3.576  -11.506 -25.291 1.00 42.59 ? 39  GLU A OE2 1 
ATOM   299  N N   . ILE A 1 40  ? -3.729  -11.872 -19.433 1.00 25.55 ? 40  ILE A N   1 
ATOM   300  C CA  . ILE A 1 40  ? -2.753  -11.122 -18.649 1.00 24.14 ? 40  ILE A CA  1 
ATOM   301  C C   . ILE A 1 40  ? -2.028  -12.048 -17.669 1.00 22.59 ? 40  ILE A C   1 
ATOM   302  O O   . ILE A 1 40  ? -0.809  -11.968 -17.513 1.00 23.54 ? 40  ILE A O   1 
ATOM   303  C CB  . ILE A 1 40  ? -3.428  -9.967  -17.884 1.00 23.70 ? 40  ILE A CB  1 
ATOM   304  C CG1 . ILE A 1 40  ? -3.734  -8.826  -18.866 1.00 23.99 ? 40  ILE A CG1 1 
ATOM   305  C CG2 . ILE A 1 40  ? -2.522  -9.486  -16.747 1.00 25.24 ? 40  ILE A CG2 1 
ATOM   306  C CD1 . ILE A 1 40  ? -4.513  -7.673  -18.257 1.00 27.02 ? 40  ILE A CD1 1 
ATOM   307  N N   . TYR A 1 41  ? -2.774  -12.931 -17.016 1.00 21.51 ? 41  TYR A N   1 
ATOM   308  C CA  . TYR A 1 41  ? -2.167  -13.868 -16.078 1.00 22.64 ? 41  TYR A CA  1 
ATOM   309  C C   . TYR A 1 41  ? -1.150  -14.755 -16.807 1.00 23.29 ? 41  TYR A C   1 
ATOM   310  O O   . TYR A 1 41  ? -0.040  -14.974 -16.326 1.00 22.79 ? 41  TYR A O   1 
ATOM   311  C CB  . TYR A 1 41  ? -3.240  -14.757 -15.437 1.00 23.39 ? 41  TYR A CB  1 
ATOM   312  C CG  . TYR A 1 41  ? -2.658  -15.907 -14.650 1.00 24.64 ? 41  TYR A CG  1 
ATOM   313  C CD1 . TYR A 1 41  ? -2.104  -15.703 -13.386 1.00 24.82 ? 41  TYR A CD1 1 
ATOM   314  C CD2 . TYR A 1 41  ? -2.596  -17.192 -15.201 1.00 24.84 ? 41  TYR A CD2 1 
ATOM   315  C CE1 . TYR A 1 41  ? -1.494  -16.747 -12.688 1.00 25.57 ? 41  TYR A CE1 1 
ATOM   316  C CE2 . TYR A 1 41  ? -1.987  -18.241 -14.514 1.00 26.26 ? 41  TYR A CE2 1 
ATOM   317  C CZ  . TYR A 1 41  ? -1.436  -18.012 -13.262 1.00 26.13 ? 41  TYR A CZ  1 
ATOM   318  O OH  . TYR A 1 41  ? -0.799  -19.034 -12.598 1.00 25.26 ? 41  TYR A OH  1 
ATOM   319  N N   . GLU A 1 42  ? -1.537  -15.254 -17.977 1.00 23.72 ? 42  GLU A N   1 
ATOM   320  C CA  . GLU A 1 42  ? -0.667  -16.130 -18.761 1.00 25.89 ? 42  GLU A CA  1 
ATOM   321  C C   . GLU A 1 42  ? 0.640   -15.463 -19.165 1.00 26.08 ? 42  GLU A C   1 
ATOM   322  O O   . GLU A 1 42  ? 1.710   -16.069 -19.077 1.00 26.57 ? 42  GLU A O   1 
ATOM   323  C CB  . GLU A 1 42  ? -1.403  -16.620 -20.016 1.00 25.87 ? 42  GLU A CB  1 
ATOM   324  C CG  . GLU A 1 42  ? -2.642  -17.445 -19.705 1.00 26.17 ? 42  GLU A CG  1 
ATOM   325  C CD  . GLU A 1 42  ? -3.445  -17.811 -20.939 1.00 26.90 ? 42  GLU A CD  1 
ATOM   326  O OE1 . GLU A 1 42  ? -3.399  -17.066 -21.942 1.00 29.72 ? 42  GLU A OE1 1 
ATOM   327  O OE2 . GLU A 1 42  ? -4.148  -18.838 -20.894 1.00 29.06 ? 42  GLU A OE2 1 
ATOM   328  N N   . LYS A 1 43  ? 0.567   -14.212 -19.604 1.00 26.74 ? 43  LYS A N   1 
ATOM   329  C CA  . LYS A 1 43  ? 1.774   -13.527 -20.028 1.00 28.75 ? 43  LYS A CA  1 
ATOM   330  C C   . LYS A 1 43  ? 2.661   -13.092 -18.872 1.00 28.48 ? 43  LYS A C   1 
ATOM   331  O O   . LYS A 1 43  ? 3.866   -12.923 -19.045 1.00 29.56 ? 43  LYS A O   1 
ATOM   332  C CB  . LYS A 1 43  ? 1.411   -12.351 -20.938 1.00 31.27 ? 43  LYS A CB  1 
ATOM   333  C CG  . LYS A 1 43  ? 0.848   -12.853 -22.265 1.00 35.82 ? 43  LYS A CG  1 
ATOM   334  C CD  . LYS A 1 43  ? 0.392   -11.763 -23.208 1.00 39.17 ? 43  LYS A CD  1 
ATOM   335  C CE  . LYS A 1 43  ? -0.179  -12.399 -24.477 1.00 40.21 ? 43  LYS A CE  1 
ATOM   336  N NZ  . LYS A 1 43  ? -0.717  -11.394 -25.434 1.00 46.41 ? 43  LYS A NZ  1 
ATOM   337  N N   . MET A 1 44  ? 2.074   -12.937 -17.691 1.00 27.17 ? 44  MET A N   1 
ATOM   338  C CA  . MET A 1 44  ? 2.849   -12.546 -16.518 1.00 28.41 ? 44  MET A CA  1 
ATOM   339  C C   . MET A 1 44  ? 3.485   -13.753 -15.831 1.00 28.55 ? 44  MET A C   1 
ATOM   340  O O   . MET A 1 44  ? 4.429   -13.602 -15.059 1.00 31.05 ? 44  MET A O   1 
ATOM   341  C CB  . MET A 1 44  ? 1.964   -11.821 -15.503 1.00 27.51 ? 44  MET A CB  1 
ATOM   342  C CG  . MET A 1 44  ? 1.757   -10.345 -15.771 1.00 28.54 ? 44  MET A CG  1 
ATOM   343  S SD  . MET A 1 44  ? 0.738   -9.621  -14.466 1.00 33.39 ? 44  MET A SD  1 
ATOM   344  C CE  . MET A 1 44  ? 1.916   -9.499  -13.170 1.00 27.37 ? 44  MET A CE  1 
ATOM   345  N N   . THR A 1 45  ? 2.978   -14.949 -16.107 1.00 27.44 ? 45  THR A N   1 
ATOM   346  C CA  . THR A 1 45  ? 3.520   -16.138 -15.458 1.00 27.99 ? 45  THR A CA  1 
ATOM   347  C C   . THR A 1 45  ? 4.360   -17.049 -16.347 1.00 31.43 ? 45  THR A C   1 
ATOM   348  O O   . THR A 1 45  ? 4.802   -18.112 -15.907 1.00 34.78 ? 45  THR A O   1 
ATOM   349  C CB  . THR A 1 45  ? 2.398   -16.964 -14.800 1.00 26.52 ? 45  THR A CB  1 
ATOM   350  O OG1 . THR A 1 45  ? 1.408   -17.298 -15.775 1.00 26.45 ? 45  THR A OG1 1 
ATOM   351  C CG2 . THR A 1 45  ? 1.739   -16.161 -13.684 1.00 26.05 ? 45  THR A CG2 1 
ATOM   352  N N   . SER A 1 46  ? 4.585   -16.639 -17.592 1.00 31.19 ? 46  SER A N   1 
ATOM   353  C CA  . SER A 1 46  ? 5.406   -17.419 -18.515 1.00 33.12 ? 46  SER A CA  1 
ATOM   354  C C   . SER A 1 46  ? 6.478   -16.536 -19.142 1.00 33.82 ? 46  SER A C   1 
ATOM   355  O O   . SER A 1 46  ? 6.204   -15.405 -19.529 1.00 33.05 ? 46  SER A O   1 
ATOM   356  C CB  . SER A 1 46  ? 4.551   -18.027 -19.627 1.00 33.70 ? 46  SER A CB  1 
ATOM   357  O OG  . SER A 1 46  ? 5.375   -18.698 -20.573 1.00 36.80 ? 46  SER A OG  1 
ATOM   358  N N   . ASN A 1 47  ? 7.696   -17.057 -19.245 1.00 35.25 ? 47  ASN A N   1 
ATOM   359  C CA  . ASN A 1 47  ? 8.801   -16.310 -19.842 1.00 38.88 ? 47  ASN A CA  1 
ATOM   360  C C   . ASN A 1 47  ? 9.093   -16.790 -21.259 1.00 37.92 ? 47  ASN A C   1 
ATOM   361  O O   . ASN A 1 47  ? 10.096  -16.401 -21.861 1.00 37.25 ? 47  ASN A O   1 
ATOM   362  C CB  . ASN A 1 47  ? 10.063  -16.449 -18.985 1.00 42.43 ? 47  ASN A CB  1 
ATOM   363  C CG  . ASN A 1 47  ? 10.073  -15.505 -17.800 1.00 46.85 ? 47  ASN A CG  1 
ATOM   364  O OD1 . ASN A 1 47  ? 10.939  -15.595 -16.931 1.00 51.61 ? 47  ASN A OD1 1 
ATOM   365  N ND2 . ASN A 1 47  ? 9.115   -14.585 -17.764 1.00 48.92 ? 47  ASN A ND2 1 
ATOM   366  N N   . ALA A 1 48  ? 8.208   -17.630 -21.787 1.00 36.63 ? 48  ALA A N   1 
ATOM   367  C CA  . ALA A 1 48  ? 8.360   -18.175 -23.133 1.00 36.22 ? 48  ALA A CA  1 
ATOM   368  C C   . ALA A 1 48  ? 8.545   -17.088 -24.189 1.00 35.10 ? 48  ALA A C   1 
ATOM   369  O O   . ALA A 1 48  ? 9.356   -17.236 -25.105 1.00 34.60 ? 48  ALA A O   1 
ATOM   370  C CB  . ALA A 1 48  ? 7.154   -19.033 -23.482 1.00 36.07 ? 48  ALA A CB  1 
ATOM   371  N N   . ILE A 1 49  ? 7.788   -16.003 -24.064 1.00 33.25 ? 49  ILE A N   1 
ATOM   372  C CA  . ILE A 1 49  ? 7.878   -14.906 -25.021 1.00 34.49 ? 49  ILE A CA  1 
ATOM   373  C C   . ILE A 1 49  ? 8.124   -13.560 -24.339 1.00 35.53 ? 49  ILE A C   1 
ATOM   374  O O   . ILE A 1 49  ? 9.068   -12.849 -24.680 1.00 36.34 ? 49  ILE A O   1 
ATOM   375  C CB  . ILE A 1 49  ? 6.598   -14.830 -25.889 1.00 33.27 ? 49  ILE A CB  1 
ATOM   376  C CG1 . ILE A 1 49  ? 6.506   -16.082 -26.770 1.00 33.92 ? 49  ILE A CG1 1 
ATOM   377  C CG2 . ILE A 1 49  ? 6.616   -13.574 -26.742 1.00 33.77 ? 49  ILE A CG2 1 
ATOM   378  C CD1 . ILE A 1 49  ? 5.300   -16.123 -27.683 1.00 31.38 ? 49  ILE A CD1 1 
ATOM   379  N N   . GLU A 1 50  ? 7.266   -13.208 -23.385 1.00 35.64 ? 50  GLU A N   1 
ATOM   380  C CA  . GLU A 1 50  ? 7.416   -11.954 -22.651 1.00 35.97 ? 50  GLU A CA  1 
ATOM   381  C C   . GLU A 1 50  ? 8.355   -12.223 -21.481 1.00 35.49 ? 50  GLU A C   1 
ATOM   382  O O   . GLU A 1 50  ? 7.980   -12.893 -20.520 1.00 34.06 ? 50  GLU A O   1 
ATOM   383  C CB  . GLU A 1 50  ? 6.063   -11.478 -22.113 1.00 36.70 ? 50  GLU A CB  1 
ATOM   384  C CG  . GLU A 1 50  ? 5.008   -11.191 -23.173 1.00 38.20 ? 50  GLU A CG  1 
ATOM   385  C CD  . GLU A 1 50  ? 5.342   -9.983  -24.034 1.00 41.66 ? 50  GLU A CD  1 
ATOM   386  O OE1 . GLU A 1 50  ? 6.286   -9.238  -23.693 1.00 41.52 ? 50  GLU A OE1 1 
ATOM   387  O OE2 . GLU A 1 50  ? 4.649   -9.773  -25.053 1.00 41.46 ? 50  GLU A OE2 1 
ATOM   388  N N   . LYS A 1 51  ? 9.576   -11.706 -21.554 1.00 35.77 ? 51  LYS A N   1 
ATOM   389  C CA  . LYS A 1 51  ? 10.533  -11.931 -20.480 1.00 36.73 ? 51  LYS A CA  1 
ATOM   390  C C   . LYS A 1 51  ? 10.538  -10.795 -19.459 1.00 35.18 ? 51  LYS A C   1 
ATOM   391  O O   . LYS A 1 51  ? 11.161  -10.901 -18.406 1.00 36.11 ? 51  LYS A O   1 
ATOM   392  C CB  . LYS A 1 51  ? 11.925  -12.149 -21.075 1.00 39.50 ? 51  LYS A CB  1 
ATOM   393  C CG  . LYS A 1 51  ? 11.939  -13.282 -22.107 1.00 42.79 ? 51  LYS A CG  1 
ATOM   394  C CD  . LYS A 1 51  ? 13.318  -13.557 -22.670 1.00 45.58 ? 51  LYS A CD  1 
ATOM   395  C CE  . LYS A 1 51  ? 13.246  -14.577 -23.804 1.00 46.52 ? 51  LYS A CE  1 
ATOM   396  N NZ  . LYS A 1 51  ? 12.589  -15.854 -23.383 1.00 46.00 ? 51  LYS A NZ  1 
ATOM   397  N N   . GLY A 1 52  ? 9.818   -9.720  -19.762 1.00 34.09 ? 52  GLY A N   1 
ATOM   398  C CA  . GLY A 1 52  ? 9.757   -8.593  -18.847 1.00 32.69 ? 52  GLY A CA  1 
ATOM   399  C C   . GLY A 1 52  ? 9.096   -8.955  -17.527 1.00 33.91 ? 52  GLY A C   1 
ATOM   400  O O   . GLY A 1 52  ? 8.074   -9.644  -17.506 1.00 33.97 ? 52  GLY A O   1 
ATOM   401  N N   . ASP A 1 53  ? 9.670   -8.485  -16.424 1.00 30.24 ? 53  ASP A N   1 
ATOM   402  C CA  . ASP A 1 53  ? 9.131   -8.767  -15.095 1.00 29.02 ? 53  ASP A CA  1 
ATOM   403  C C   . ASP A 1 53  ? 8.245   -7.615  -14.604 1.00 27.49 ? 53  ASP A C   1 
ATOM   404  O O   . ASP A 1 53  ? 8.751   -6.597  -14.130 1.00 25.46 ? 53  ASP A O   1 
ATOM   405  C CB  . ASP A 1 53  ? 10.279  -8.975  -14.107 1.00 30.55 ? 53  ASP A CB  1 
ATOM   406  C CG  . ASP A 1 53  ? 9.806   -9.468  -12.760 1.00 33.82 ? 53  ASP A CG  1 
ATOM   407  O OD1 . ASP A 1 53  ? 8.609   -9.318  -12.449 1.00 31.77 ? 53  ASP A OD1 1 
ATOM   408  O OD2 . ASP A 1 53  ? 10.638  -10.007 -12.003 1.00 39.49 ? 53  ASP A OD2 1 
ATOM   409  N N   . VAL A 1 54  ? 6.928   -7.780  -14.714 1.00 24.66 ? 54  VAL A N   1 
ATOM   410  C CA  . VAL A 1 54  ? 5.992   -6.744  -14.277 1.00 23.76 ? 54  VAL A CA  1 
ATOM   411  C C   . VAL A 1 54  ? 6.072   -6.509  -12.767 1.00 23.71 ? 54  VAL A C   1 
ATOM   412  O O   . VAL A 1 54  ? 6.029   -5.363  -12.299 1.00 21.51 ? 54  VAL A O   1 
ATOM   413  C CB  . VAL A 1 54  ? 4.523   -7.119  -14.646 1.00 24.80 ? 54  VAL A CB  1 
ATOM   414  C CG1 . VAL A 1 54  ? 3.540   -6.129  -14.007 1.00 22.95 ? 54  VAL A CG1 1 
ATOM   415  C CG2 . VAL A 1 54  ? 4.352   -7.114  -16.152 1.00 20.93 ? 54  VAL A CG2 1 
ATOM   416  N N   . LEU A 1 55  ? 6.199   -7.589  -12.003 1.00 21.39 ? 55  LEU A N   1 
ATOM   417  C CA  . LEU A 1 55  ? 6.254   -7.458  -10.552 1.00 23.38 ? 55  LEU A CA  1 
ATOM   418  C C   . LEU A 1 55  ? 7.474   -6.682  -10.057 1.00 23.62 ? 55  LEU A C   1 
ATOM   419  O O   . LEU A 1 55  ? 7.386   -5.966  -9.060  1.00 23.16 ? 55  LEU A O   1 
ATOM   420  C CB  . LEU A 1 55  ? 6.193   -8.840  -9.887  1.00 24.19 ? 55  LEU A CB  1 
ATOM   421  C CG  . LEU A 1 55  ? 4.995   -9.719  -10.282 1.00 26.14 ? 55  LEU A CG  1 
ATOM   422  C CD1 . LEU A 1 55  ? 4.967   -10.988 -9.420  1.00 26.73 ? 55  LEU A CD1 1 
ATOM   423  C CD2 . LEU A 1 55  ? 3.710   -8.938  -10.103 1.00 26.53 ? 55  LEU A CD2 1 
ATOM   424  N N   . ALA A 1 56  ? 8.604   -6.811  -10.750 1.00 22.94 ? 56  ALA A N   1 
ATOM   425  C CA  . ALA A 1 56  ? 9.818   -6.096  -10.351 1.00 22.12 ? 56  ALA A CA  1 
ATOM   426  C C   . ALA A 1 56  ? 9.608   -4.588  -10.461 1.00 22.64 ? 56  ALA A C   1 
ATOM   427  O O   . ALA A 1 56  ? 10.078  -3.821  -9.615  1.00 20.77 ? 56  ALA A O   1 
ATOM   428  C CB  . ALA A 1 56  ? 10.998  -6.519  -11.225 1.00 25.07 ? 56  ALA A CB  1 
ATOM   429  N N   . VAL A 1 57  ? 8.909   -4.172  -11.516 1.00 21.16 ? 57  VAL A N   1 
ATOM   430  C CA  . VAL A 1 57  ? 8.622   -2.763  -11.753 1.00 21.54 ? 57  VAL A CA  1 
ATOM   431  C C   . VAL A 1 57  ? 7.608   -2.241  -10.737 1.00 21.07 ? 57  VAL A C   1 
ATOM   432  O O   . VAL A 1 57  ? 7.781   -1.160  -10.165 1.00 20.47 ? 57  VAL A O   1 
ATOM   433  C CB  . VAL A 1 57  ? 8.052   -2.538  -13.175 1.00 21.89 ? 57  VAL A CB  1 
ATOM   434  C CG1 . VAL A 1 57  ? 7.813   -1.052  -13.414 1.00 22.97 ? 57  VAL A CG1 1 
ATOM   435  C CG2 . VAL A 1 57  ? 9.016   -3.092  -14.215 1.00 22.71 ? 57  VAL A CG2 1 
ATOM   436  N N   . ALA A 1 58  ? 6.551   -3.015  -10.518 1.00 19.49 ? 58  ALA A N   1 
ATOM   437  C CA  . ALA A 1 58  ? 5.509   -2.632  -9.573  1.00 19.28 ? 58  ALA A CA  1 
ATOM   438  C C   . ALA A 1 58  ? 6.069   -2.559  -8.153  1.00 19.64 ? 58  ALA A C   1 
ATOM   439  O O   . ALA A 1 58  ? 5.669   -1.701  -7.365  1.00 21.39 ? 58  ALA A O   1 
ATOM   440  C CB  . ALA A 1 58  ? 4.352   -3.631  -9.638  1.00 20.39 ? 58  ALA A CB  1 
ATOM   441  N N   . GLN A 1 59  ? 6.983   -3.468  -7.829  1.00 20.48 ? 59  GLN A N   1 
ATOM   442  C CA  . GLN A 1 59  ? 7.614   -3.482  -6.509  1.00 21.17 ? 59  GLN A CA  1 
ATOM   443  C C   . GLN A 1 59  ? 8.369   -2.168  -6.297  1.00 21.09 ? 59  GLN A C   1 
ATOM   444  O O   . GLN A 1 59  ? 8.214   -1.508  -5.267  1.00 20.85 ? 59  GLN A O   1 
ATOM   445  C CB  . GLN A 1 59  ? 8.591   -4.651  -6.403  1.00 22.25 ? 59  GLN A CB  1 
ATOM   446  C CG  . GLN A 1 59  ? 9.347   -4.708  -5.083  1.00 24.33 ? 59  GLN A CG  1 
ATOM   447  C CD  . GLN A 1 59  ? 8.802   -5.770  -4.150  1.00 23.80 ? 59  GLN A CD  1 
ATOM   448  O OE1 . GLN A 1 59  ? 7.844   -6.468  -4.478  1.00 26.29 ? 59  GLN A OE1 1 
ATOM   449  N NE2 . GLN A 1 59  ? 9.413   -5.899  -2.983  1.00 21.91 ? 59  GLN A NE2 1 
ATOM   450  N N   . VAL A 1 60  ? 9.193   -1.791  -7.273  1.00 21.33 ? 60  VAL A N   1 
ATOM   451  C CA  . VAL A 1 60  ? 9.952   -0.541  -7.185  1.00 21.87 ? 60  VAL A CA  1 
ATOM   452  C C   . VAL A 1 60  ? 9.013   0.661   -7.030  1.00 21.48 ? 60  VAL A C   1 
ATOM   453  O O   . VAL A 1 60  ? 9.244   1.533   -6.195  1.00 21.92 ? 60  VAL A O   1 
ATOM   454  C CB  . VAL A 1 60  ? 10.841  -0.333  -8.437  1.00 22.63 ? 60  VAL A CB  1 
ATOM   455  C CG1 . VAL A 1 60  ? 11.412  1.083   -8.450  1.00 24.78 ? 60  VAL A CG1 1 
ATOM   456  C CG2 . VAL A 1 60  ? 11.977  -1.351  -8.436  1.00 21.37 ? 60  VAL A CG2 1 
ATOM   457  N N   . ALA A 1 61  ? 7.956   0.710   -7.834  1.00 22.38 ? 61  ALA A N   1 
ATOM   458  C CA  . ALA A 1 61  ? 6.999   1.813   -7.755  1.00 21.14 ? 61  ALA A CA  1 
ATOM   459  C C   . ALA A 1 61  ? 6.369   1.895   -6.367  1.00 21.54 ? 61  ALA A C   1 
ATOM   460  O O   . ALA A 1 61  ? 6.212   2.984   -5.808  1.00 18.57 ? 61  ALA A O   1 
ATOM   461  C CB  . ALA A 1 61  ? 5.908   1.641   -8.813  1.00 21.96 ? 61  ALA A CB  1 
ATOM   462  N N   . GLY A 1 62  ? 6.013   0.738   -5.814  1.00 20.74 ? 62  GLY A N   1 
ATOM   463  C CA  . GLY A 1 62  ? 5.402   0.705   -4.498  1.00 20.60 ? 62  GLY A CA  1 
ATOM   464  C C   . GLY A 1 62  ? 6.306   1.223   -3.396  1.00 21.08 ? 62  GLY A C   1 
ATOM   465  O O   . GLY A 1 62  ? 5.864   1.973   -2.521  1.00 19.43 ? 62  GLY A O   1 
ATOM   466  N N   . VAL A 1 63  ? 7.572   0.820   -3.423  1.00 19.40 ? 63  VAL A N   1 
ATOM   467  C CA  . VAL A 1 63  ? 8.527   1.269   -2.415  1.00 21.20 ? 63  VAL A CA  1 
ATOM   468  C C   . VAL A 1 63  ? 8.725   2.777   -2.510  1.00 21.27 ? 63  VAL A C   1 
ATOM   469  O O   . VAL A 1 63  ? 8.727   3.477   -1.497  1.00 21.08 ? 63  VAL A O   1 
ATOM   470  C CB  . VAL A 1 63  ? 9.894   0.563   -2.581  1.00 20.37 ? 63  VAL A CB  1 
ATOM   471  C CG1 . VAL A 1 63  ? 10.930  1.188   -1.646  1.00 21.09 ? 63  VAL A CG1 1 
ATOM   472  C CG2 . VAL A 1 63  ? 9.745   -0.919  -2.274  1.00 21.71 ? 63  VAL A CG2 1 
ATOM   473  N N   . MET A 1 64  ? 8.884   3.276   -3.731  1.00 20.33 ? 64  MET A N   1 
ATOM   474  C CA  . MET A 1 64  ? 9.077   4.702   -3.940  1.00 20.85 ? 64  MET A CA  1 
ATOM   475  C C   . MET A 1 64  ? 7.826   5.490   -3.536  1.00 22.34 ? 64  MET A C   1 
ATOM   476  O O   . MET A 1 64  ? 7.925   6.616   -3.039  1.00 22.09 ? 64  MET A O   1 
ATOM   477  C CB  . MET A 1 64  ? 9.453   4.958   -5.403  1.00 21.40 ? 64  MET A CB  1 
ATOM   478  C CG  . MET A 1 64  ? 10.836  4.394   -5.765  1.00 22.72 ? 64  MET A CG  1 
ATOM   479  S SD  . MET A 1 64  ? 11.277  4.572   -7.500  1.00 26.32 ? 64  MET A SD  1 
ATOM   480  C CE  . MET A 1 64  ? 11.761  6.322   -7.541  1.00 26.29 ? 64  MET A CE  1 
ATOM   481  N N   . ALA A 1 65  ? 6.651   4.895   -3.730  1.00 20.22 ? 65  ALA A N   1 
ATOM   482  C CA  . ALA A 1 65  ? 5.400   5.555   -3.354  1.00 19.83 ? 65  ALA A CA  1 
ATOM   483  C C   . ALA A 1 65  ? 5.304   5.706   -1.831  1.00 20.79 ? 65  ALA A C   1 
ATOM   484  O O   . ALA A 1 65  ? 4.779   6.702   -1.328  1.00 22.24 ? 65  ALA A O   1 
ATOM   485  C CB  . ALA A 1 65  ? 4.207   4.761   -3.878  1.00 18.91 ? 65  ALA A CB  1 
ATOM   486  N N   . ALA A 1 66  ? 5.798   4.714   -1.096  1.00 20.65 ? 66  ALA A N   1 
ATOM   487  C CA  . ALA A 1 66  ? 5.776   4.774   0.361   1.00 22.02 ? 66  ALA A CA  1 
ATOM   488  C C   . ALA A 1 66  ? 6.496   6.042   0.817   1.00 23.97 ? 66  ALA A C   1 
ATOM   489  O O   . ALA A 1 66  ? 6.046   6.721   1.741   1.00 22.48 ? 66  ALA A O   1 
ATOM   490  C CB  . ALA A 1 66  ? 6.457   3.545   0.951   1.00 21.89 ? 66  ALA A CB  1 
ATOM   491  N N   . LYS A 1 67  ? 7.612   6.357   0.158   1.00 23.88 ? 67  LYS A N   1 
ATOM   492  C CA  . LYS A 1 67  ? 8.408   7.538   0.486   1.00 25.04 ? 67  LYS A CA  1 
ATOM   493  C C   . LYS A 1 67  ? 7.739   8.838   0.051   1.00 26.81 ? 67  LYS A C   1 
ATOM   494  O O   . LYS A 1 67  ? 8.017   9.899   0.609   1.00 27.65 ? 67  LYS A O   1 
ATOM   495  C CB  . LYS A 1 67  ? 9.806   7.441   -0.158  1.00 25.54 ? 67  LYS A CB  1 
ATOM   496  C CG  . LYS A 1 67  ? 10.704  6.358   0.449   1.00 26.19 ? 67  LYS A CG  1 
ATOM   497  C CD  . LYS A 1 67  ? 12.132  6.367   -0.122  1.00 27.04 ? 67  LYS A CD  1 
ATOM   498  C CE  . LYS A 1 67  ? 12.194  5.839   -1.551  1.00 26.77 ? 67  LYS A CE  1 
ATOM   499  N NZ  . LYS A 1 67  ? 13.601  5.731   -2.053  1.00 24.65 ? 67  LYS A NZ  1 
ATOM   500  N N   . LYS A 1 68  ? 6.866   8.756   -0.949  1.00 25.90 ? 68  LYS A N   1 
ATOM   501  C CA  . LYS A 1 68  ? 6.159   9.938   -1.459  1.00 27.58 ? 68  LYS A CA  1 
ATOM   502  C C   . LYS A 1 68  ? 4.819   10.150  -0.760  1.00 25.95 ? 68  LYS A C   1 
ATOM   503  O O   . LYS A 1 68  ? 4.089   11.084  -1.060  1.00 24.37 ? 68  LYS A O   1 
ATOM   504  C CB  . LYS A 1 68  ? 5.895   9.779   -2.953  1.00 30.08 ? 68  LYS A CB  1 
ATOM   505  C CG  . LYS A 1 68  ? 7.180   9.839   -3.801  1.00 38.05 ? 68  LYS A CG  1 
ATOM   506  C CD  . LYS A 1 68  ? 7.613   11.252  -4.236  1.00 42.96 ? 68  LYS A CD  1 
ATOM   507  C CE  . LYS A 1 68  ? 8.252   11.219  -5.637  1.00 46.52 ? 68  LYS A CE  1 
ATOM   508  N NZ  . LYS A 1 68  ? 9.086   12.391  -5.845  1.00 49.94 ? 68  LYS A NZ  1 
ATOM   509  N N   . THR A 1 69  ? 4.473   9.283   0.186   1.00 23.59 ? 69  THR A N   1 
ATOM   510  C CA  . THR A 1 69  ? 3.187   9.404   0.863   1.00 23.00 ? 69  THR A CA  1 
ATOM   511  C C   . THR A 1 69  ? 2.855   10.816  1.364   1.00 23.33 ? 69  THR A C   1 
ATOM   512  O O   . THR A 1 69  ? 1.756   11.323  1.119   1.00 22.73 ? 69  THR A O   1 
ATOM   513  C CB  . THR A 1 69  ? 3.083   8.397   2.029   1.00 23.36 ? 69  THR A CB  1 
ATOM   514  O OG1 . THR A 1 69  ? 3.232   7.066   1.513   1.00 22.34 ? 69  THR A OG1 1 
ATOM   515  C CG2 . THR A 1 69  ? 1.724   8.500   2.713   1.00 21.95 ? 69  THR A CG2 1 
ATOM   516  N N   . ALA A 1 70  ? 3.797   11.461  2.046   1.00 22.59 ? 70  ALA A N   1 
ATOM   517  C CA  . ALA A 1 70  ? 3.546   12.803  2.572   1.00 22.71 ? 70  ALA A CA  1 
ATOM   518  C C   . ALA A 1 70  ? 3.370   13.856  1.473   1.00 23.71 ? 70  ALA A C   1 
ATOM   519  O O   . ALA A 1 70  ? 2.773   14.907  1.711   1.00 22.97 ? 70  ALA A O   1 
ATOM   520  C CB  . ALA A 1 70  ? 4.672   13.214  3.527   1.00 24.68 ? 70  ALA A CB  1 
ATOM   521  N N   . ASP A 1 71  ? 3.894   13.578  0.281   1.00 22.90 ? 71  ASP A N   1 
ATOM   522  C CA  . ASP A 1 71  ? 3.766   14.496  -0.849  1.00 25.05 ? 71  ASP A CA  1 
ATOM   523  C C   . ASP A 1 71  ? 2.369   14.384  -1.460  1.00 23.77 ? 71  ASP A C   1 
ATOM   524  O O   . ASP A 1 71  ? 1.882   15.325  -2.079  1.00 24.03 ? 71  ASP A O   1 
ATOM   525  C CB  . ASP A 1 71  ? 4.765   14.167  -1.961  1.00 28.31 ? 71  ASP A CB  1 
ATOM   526  C CG  . ASP A 1 71  ? 6.211   14.308  -1.527  1.00 35.63 ? 71  ASP A CG  1 
ATOM   527  O OD1 . ASP A 1 71  ? 6.540   15.283  -0.823  1.00 36.80 ? 71  ASP A OD1 1 
ATOM   528  O OD2 . ASP A 1 71  ? 7.024   13.445  -1.916  1.00 39.88 ? 71  ASP A OD2 1 
ATOM   529  N N   . LEU A 1 72  ? 1.741   13.227  -1.278  1.00 21.82 ? 72  LEU A N   1 
ATOM   530  C CA  . LEU A 1 72  ? 0.421   12.944  -1.852  1.00 21.92 ? 72  LEU A CA  1 
ATOM   531  C C   . LEU A 1 72  ? -0.771  13.107  -0.919  1.00 22.18 ? 72  LEU A C   1 
ATOM   532  O O   . LEU A 1 72  ? -1.838  13.548  -1.347  1.00 23.12 ? 72  LEU A O   1 
ATOM   533  C CB  . LEU A 1 72  ? 0.405   11.517  -2.401  1.00 23.01 ? 72  LEU A CB  1 
ATOM   534  C CG  . LEU A 1 72  ? 1.448   11.148  -3.454  1.00 22.03 ? 72  LEU A CG  1 
ATOM   535  C CD1 . LEU A 1 72  ? 1.449   9.637   -3.640  1.00 23.14 ? 72  LEU A CD1 1 
ATOM   536  C CD2 . LEU A 1 72  ? 1.146   11.869  -4.767  1.00 23.12 ? 72  LEU A CD2 1 
ATOM   537  N N   . ILE A 1 73  ? -0.598  12.721  0.341   1.00 22.50 ? 73  ILE A N   1 
ATOM   538  C CA  . ILE A 1 73  ? -1.666  12.808  1.338   1.00 22.80 ? 73  ILE A CA  1 
ATOM   539  C C   . ILE A 1 73  ? -1.452  14.109  2.104   1.00 23.22 ? 73  ILE A C   1 
ATOM   540  O O   . ILE A 1 73  ? -0.542  14.213  2.922   1.00 22.99 ? 73  ILE A O   1 
ATOM   541  C CB  . ILE A 1 73  ? -1.600  11.610  2.307   1.00 23.17 ? 73  ILE A CB  1 
ATOM   542  C CG1 . ILE A 1 73  ? -1.460  10.309  1.508   1.00 22.72 ? 73  ILE A CG1 1 
ATOM   543  C CG2 . ILE A 1 73  ? -2.845  11.582  3.191   1.00 22.66 ? 73  ILE A CG2 1 
ATOM   544  C CD1 . ILE A 1 73  ? -2.529  10.107  0.430   1.00 23.30 ? 73  ILE A CD1 1 
ATOM   545  N N   . PRO A 1 74  ? -2.304  15.113  1.849   1.00 23.45 ? 74  PRO A N   1 
ATOM   546  C CA  . PRO A 1 74  ? -2.254  16.442  2.466   1.00 23.64 ? 74  PRO A CA  1 
ATOM   547  C C   . PRO A 1 74  ? -1.780  16.565  3.911   1.00 24.11 ? 74  PRO A C   1 
ATOM   548  O O   . PRO A 1 74  ? -0.810  17.270  4.184   1.00 23.50 ? 74  PRO A O   1 
ATOM   549  C CB  . PRO A 1 74  ? -3.675  16.958  2.276   1.00 23.69 ? 74  PRO A CB  1 
ATOM   550  C CG  . PRO A 1 74  ? -4.053  16.370  0.955   1.00 24.25 ? 74  PRO A CG  1 
ATOM   551  C CD  . PRO A 1 74  ? -3.566  14.944  1.100   1.00 22.92 ? 74  PRO A CD  1 
ATOM   552  N N   . MET A 1 75  ? -2.442  15.884  4.838   1.00 24.15 ? 75  MET A N   1 
ATOM   553  C CA  . MET A 1 75  ? -2.068  16.013  6.248   1.00 24.87 ? 75  MET A CA  1 
ATOM   554  C C   . MET A 1 75  ? -1.092  14.999  6.846   1.00 25.39 ? 75  MET A C   1 
ATOM   555  O O   . MET A 1 75  ? -0.859  15.006  8.057   1.00 26.11 ? 75  MET A O   1 
ATOM   556  C CB  . MET A 1 75  ? -3.333  16.064  7.106   1.00 24.89 ? 75  MET A CB  1 
ATOM   557  C CG  . MET A 1 75  ? -4.298  17.185  6.718   1.00 24.61 ? 75  MET A CG  1 
ATOM   558  S SD  . MET A 1 75  ? -3.546  18.843  6.781   1.00 26.20 ? 75  MET A SD  1 
ATOM   559  C CE  . MET A 1 75  ? -3.565  19.307  5.027   1.00 24.54 ? 75  MET A CE  1 
ATOM   560  N N   . CYS A 1 76  ? -0.507  14.139  6.022   1.00 25.17 ? 76  CYS A N   1 
ATOM   561  C CA  . CYS A 1 76  ? 0.439   13.159  6.546   1.00 27.11 ? 76  CYS A CA  1 
ATOM   562  C C   . CYS A 1 76  ? 1.770   13.801  6.921   1.00 27.45 ? 76  CYS A C   1 
ATOM   563  O O   . CYS A 1 76  ? 2.244   14.709  6.238   1.00 26.36 ? 76  CYS A O   1 
ATOM   564  C CB  . CYS A 1 76  ? 0.696   12.044  5.526   1.00 29.30 ? 76  CYS A CB  1 
ATOM   565  S SG  . CYS A 1 76  ? -0.559  10.763  5.502   1.00 38.50 ? 76  CYS A SG  1 
ATOM   566  N N   . HIS A 1 77  ? 2.362   13.326  8.013   1.00 29.29 ? 77  HIS A N   1 
ATOM   567  C CA  . HIS A 1 77  ? 3.653   13.832  8.469   1.00 30.11 ? 77  HIS A CA  1 
ATOM   568  C C   . HIS A 1 77  ? 4.765   13.202  7.633   1.00 32.09 ? 77  HIS A C   1 
ATOM   569  O O   . HIS A 1 77  ? 4.646   12.059  7.196   1.00 31.61 ? 77  HIS A O   1 
ATOM   570  C CB  . HIS A 1 77  ? 3.911   13.456  9.935   1.00 30.10 ? 77  HIS A CB  1 
ATOM   571  C CG  . HIS A 1 77  ? 2.922   14.027  10.902  1.00 29.88 ? 77  HIS A CG  1 
ATOM   572  N ND1 . HIS A 1 77  ? 1.670   13.484  11.097  1.00 30.68 ? 77  HIS A ND1 1 
ATOM   573  C CD2 . HIS A 1 77  ? 3.003   15.094  11.732  1.00 30.16 ? 77  HIS A CD2 1 
ATOM   574  C CE1 . HIS A 1 77  ? 1.022   14.192  12.006  1.00 29.47 ? 77  HIS A CE1 1 
ATOM   575  N NE2 . HIS A 1 77  ? 1.809   15.176  12.404  1.00 29.53 ? 77  HIS A NE2 1 
ATOM   576  N N   . PRO A 1 78  ? 5.855   13.946  7.388   1.00 33.28 ? 78  PRO A N   1 
ATOM   577  C CA  . PRO A 1 78  ? 6.973   13.405  6.606   1.00 36.05 ? 78  PRO A CA  1 
ATOM   578  C C   . PRO A 1 78  ? 7.806   12.565  7.577   1.00 38.34 ? 78  PRO A C   1 
ATOM   579  O O   . PRO A 1 78  ? 8.287   13.078  8.587   1.00 40.92 ? 78  PRO A O   1 
ATOM   580  C CB  . PRO A 1 78  ? 7.696   14.662  6.129   1.00 36.49 ? 78  PRO A CB  1 
ATOM   581  C CG  . PRO A 1 78  ? 7.481   15.617  7.261   1.00 35.36 ? 78  PRO A CG  1 
ATOM   582  C CD  . PRO A 1 78  ? 6.025   15.392  7.624   1.00 34.99 ? 78  PRO A CD  1 
ATOM   583  N N   . LEU A 1 79  ? 7.967   11.279  7.286   1.00 38.76 ? 79  LEU A N   1 
ATOM   584  C CA  . LEU A 1 79  ? 8.704   10.396  8.184   1.00 39.55 ? 79  LEU A CA  1 
ATOM   585  C C   . LEU A 1 79  ? 9.977   9.792   7.609   1.00 41.05 ? 79  LEU A C   1 
ATOM   586  O O   . LEU A 1 79  ? 10.154  9.715   6.393   1.00 42.01 ? 79  LEU A O   1 
ATOM   587  C CB  . LEU A 1 79  ? 7.790   9.257   8.641   1.00 38.30 ? 79  LEU A CB  1 
ATOM   588  C CG  . LEU A 1 79  ? 6.442   9.630   9.261   1.00 39.29 ? 79  LEU A CG  1 
ATOM   589  C CD1 . LEU A 1 79  ? 5.648   8.362   9.541   1.00 39.49 ? 79  LEU A CD1 1 
ATOM   590  C CD2 . LEU A 1 79  ? 6.659   10.424  10.537  1.00 39.07 ? 79  LEU A CD2 1 
ATOM   591  N N   . MET A 1 80  ? 10.862  9.361   8.504   1.00 42.05 ? 80  MET A N   1 
ATOM   592  C CA  . MET A 1 80  ? 12.109  8.720   8.106   1.00 43.38 ? 80  MET A CA  1 
ATOM   593  C C   . MET A 1 80  ? 11.854  7.217   8.119   1.00 41.33 ? 80  MET A C   1 
ATOM   594  O O   . MET A 1 80  ? 12.206  6.534   9.080   1.00 42.70 ? 80  MET A O   1 
ATOM   595  C CB  . MET A 1 80  ? 13.236  9.043   9.094   1.00 47.71 ? 80  MET A CB  1 
ATOM   596  C CG  . MET A 1 80  ? 14.271  10.037  8.598   1.00 52.38 ? 80  MET A CG  1 
ATOM   597  S SD  . MET A 1 80  ? 15.304  10.683  9.943   1.00 60.25 ? 80  MET A SD  1 
ATOM   598  C CE  . MET A 1 80  ? 16.955  10.546  9.233   1.00 54.83 ? 80  MET A CE  1 
ATOM   599  N N   . LEU A 1 81  ? 11.233  6.704   7.061   1.00 38.26 ? 81  LEU A N   1 
ATOM   600  C CA  . LEU A 1 81  ? 10.937  5.277   6.985   1.00 35.90 ? 81  LEU A CA  1 
ATOM   601  C C   . LEU A 1 81  ? 12.198  4.444   7.179   1.00 35.40 ? 81  LEU A C   1 
ATOM   602  O O   . LEU A 1 81  ? 13.246  4.746   6.610   1.00 33.57 ? 81  LEU A O   1 
ATOM   603  C CB  . LEU A 1 81  ? 10.287  4.940   5.639   1.00 35.16 ? 81  LEU A CB  1 
ATOM   604  C CG  . LEU A 1 81  ? 8.954   5.644   5.363   1.00 36.56 ? 81  LEU A CG  1 
ATOM   605  C CD1 . LEU A 1 81  ? 8.370   5.157   4.041   1.00 34.82 ? 81  LEU A CD1 1 
ATOM   606  C CD2 . LEU A 1 81  ? 7.988   5.367   6.509   1.00 34.64 ? 81  LEU A CD2 1 
ATOM   607  N N   . LYS A 1 82  ? 12.092  3.396   7.992   1.00 34.98 ? 82  LYS A N   1 
ATOM   608  C CA  . LYS A 1 82  ? 13.227  2.526   8.269   1.00 36.54 ? 82  LYS A CA  1 
ATOM   609  C C   . LYS A 1 82  ? 13.208  1.265   7.413   1.00 34.96 ? 82  LYS A C   1 
ATOM   610  O O   . LYS A 1 82  ? 14.214  0.562   7.307   1.00 36.71 ? 82  LYS A O   1 
ATOM   611  C CB  . LYS A 1 82  ? 13.248  2.136   9.752   1.00 38.72 ? 82  LYS A CB  1 
ATOM   612  C CG  . LYS A 1 82  ? 13.415  3.311   10.701  1.00 40.36 ? 82  LYS A CG  1 
ATOM   613  C CD  . LYS A 1 82  ? 14.693  4.076   10.405  1.00 44.70 ? 82  LYS A CD  1 
ATOM   614  C CE  . LYS A 1 82  ? 14.830  5.289   11.307  1.00 46.38 ? 82  LYS A CE  1 
ATOM   615  N NZ  . LYS A 1 82  ? 15.531  5.293   12.590  1.00 49.36 ? 82  LYS A NZ  1 
ATOM   616  N N   . GLY A 1 83  ? 12.064  0.984   6.802   1.00 32.25 ? 83  GLY A N   1 
ATOM   617  C CA  . GLY A 1 83  ? 11.954  -0.200  5.970   1.00 29.08 ? 83  GLY A CA  1 
ATOM   618  C C   . GLY A 1 83  ? 10.648  -0.280  5.202   1.00 28.05 ? 83  GLY A C   1 
ATOM   619  O O   . GLY A 1 83  ? 9.601   0.152   5.681   1.00 27.02 ? 83  GLY A O   1 
ATOM   620  N N   . VAL A 1 84  ? 10.719  -0.830  3.997   1.00 25.57 ? 84  VAL A N   1 
ATOM   621  C CA  . VAL A 1 84  ? 9.545   -0.991  3.149   1.00 24.94 ? 84  VAL A CA  1 
ATOM   622  C C   . VAL A 1 84  ? 9.757   -2.236  2.304   1.00 25.25 ? 84  VAL A C   1 
ATOM   623  O O   . VAL A 1 84  ? 10.780  -2.370  1.629   1.00 24.59 ? 84  VAL A O   1 
ATOM   624  C CB  . VAL A 1 84  ? 9.335   0.214   2.189   1.00 24.13 ? 84  VAL A CB  1 
ATOM   625  C CG1 . VAL A 1 84  ? 8.059   0.009   1.367   1.00 23.79 ? 84  VAL A CG1 1 
ATOM   626  C CG2 . VAL A 1 84  ? 9.236   1.507   2.972   1.00 25.77 ? 84  VAL A CG2 1 
ATOM   627  N N   . ASP A 1 85  ? 8.795   -3.150  2.353   1.00 24.49 ? 85  ASP A N   1 
ATOM   628  C CA  . ASP A 1 85  ? 8.876   -4.372  1.570   1.00 26.78 ? 85  ASP A CA  1 
ATOM   629  C C   . ASP A 1 85  ? 7.487   -4.722  1.047   1.00 27.16 ? 85  ASP A C   1 
ATOM   630  O O   . ASP A 1 85  ? 6.475   -4.342  1.644   1.00 27.18 ? 85  ASP A O   1 
ATOM   631  C CB  . ASP A 1 85  ? 9.435   -5.516  2.420   1.00 29.73 ? 85  ASP A CB  1 
ATOM   632  C CG  . ASP A 1 85  ? 9.739   -6.763  1.601   1.00 33.36 ? 85  ASP A CG  1 
ATOM   633  O OD1 . ASP A 1 85  ? 9.978   -6.640  0.380   1.00 30.98 ? 85  ASP A OD1 1 
ATOM   634  O OD2 . ASP A 1 85  ? 9.749   -7.866  2.183   1.00 36.87 ? 85  ASP A OD2 1 
ATOM   635  N N   . ILE A 1 86  ? 7.443   -5.427  -0.075  1.00 24.48 ? 86  ILE A N   1 
ATOM   636  C CA  . ILE A 1 86  ? 6.183   -5.821  -0.685  1.00 23.97 ? 86  ILE A CA  1 
ATOM   637  C C   . ILE A 1 86  ? 6.255   -7.295  -1.068  1.00 25.36 ? 86  ILE A C   1 
ATOM   638  O O   . ILE A 1 86  ? 7.312   -7.789  -1.464  1.00 23.32 ? 86  ILE A O   1 
ATOM   639  C CB  . ILE A 1 86  ? 5.900   -4.963  -1.944  1.00 24.81 ? 86  ILE A CB  1 
ATOM   640  C CG1 . ILE A 1 86  ? 5.664   -3.503  -1.530  1.00 23.82 ? 86  ILE A CG1 1 
ATOM   641  C CG2 . ILE A 1 86  ? 4.709   -5.516  -2.714  1.00 23.73 ? 86  ILE A CG2 1 
ATOM   642  C CD1 . ILE A 1 86  ? 5.470   -2.556  -2.707  1.00 23.00 ? 86  ILE A CD1 1 
ATOM   643  N N   . ALA A 1 87  ? 5.135   -7.997  -0.929  1.00 23.91 ? 87  ALA A N   1 
ATOM   644  C CA  . ALA A 1 87  ? 5.071   -9.414  -1.274  1.00 24.94 ? 87  ALA A CA  1 
ATOM   645  C C   . ALA A 1 87  ? 3.896   -9.644  -2.217  1.00 24.69 ? 87  ALA A C   1 
ATOM   646  O O   . ALA A 1 87  ? 2.857   -9.001  -2.088  1.00 22.87 ? 87  ALA A O   1 
ATOM   647  C CB  . ALA A 1 87  ? 4.912   -10.259 -0.008  1.00 26.04 ? 87  ALA A CB  1 
ATOM   648  N N   . PHE A 1 88  ? 4.073   -10.554 -3.172  1.00 24.59 ? 88  PHE A N   1 
ATOM   649  C CA  . PHE A 1 88  ? 3.031   -10.873 -4.148  1.00 23.74 ? 88  PHE A CA  1 
ATOM   650  C C   . PHE A 1 88  ? 2.620   -12.335 -4.026  1.00 24.63 ? 88  PHE A C   1 
ATOM   651  O O   . PHE A 1 88  ? 3.399   -13.170 -3.575  1.00 23.42 ? 88  PHE A O   1 
ATOM   652  C CB  . PHE A 1 88  ? 3.536   -10.674 -5.577  1.00 22.94 ? 88  PHE A CB  1 
ATOM   653  C CG  . PHE A 1 88  ? 3.867   -9.251  -5.928  1.00 21.56 ? 88  PHE A CG  1 
ATOM   654  C CD1 . PHE A 1 88  ? 2.864   -8.353  -6.272  1.00 21.42 ? 88  PHE A CD1 1 
ATOM   655  C CD2 . PHE A 1 88  ? 5.193   -8.825  -5.963  1.00 22.92 ? 88  PHE A CD2 1 
ATOM   656  C CE1 . PHE A 1 88  ? 3.178   -7.044  -6.655  1.00 23.22 ? 88  PHE A CE1 1 
ATOM   657  C CE2 . PHE A 1 88  ? 5.519   -7.518  -6.341  1.00 20.38 ? 88  PHE A CE2 1 
ATOM   658  C CZ  . PHE A 1 88  ? 4.509   -6.630  -6.689  1.00 20.40 ? 88  PHE A CZ  1 
ATOM   659  N N   . ALA A 1 89  ? 1.400   -12.631 -4.462  1.00 24.32 ? 89  ALA A N   1 
ATOM   660  C CA  . ALA A 1 89  ? 0.879   -13.990 -4.454  1.00 25.84 ? 89  ALA A CA  1 
ATOM   661  C C   . ALA A 1 89  ? -0.309  -14.066 -5.398  1.00 27.10 ? 89  ALA A C   1 
ATOM   662  O O   . ALA A 1 89  ? -1.206  -13.224 -5.339  1.00 26.69 ? 89  ALA A O   1 
ATOM   663  C CB  . ALA A 1 89  ? 0.456   -14.390 -3.046  1.00 26.01 ? 89  ALA A CB  1 
ATOM   664  N N   . TRP A 1 90  ? -0.306  -15.048 -6.295  1.00 24.76 ? 90  TRP A N   1 
ATOM   665  C CA  . TRP A 1 90  ? -1.428  -15.212 -7.203  1.00 28.62 ? 90  TRP A CA  1 
ATOM   666  C C   . TRP A 1 90  ? -2.498  -16.047 -6.509  1.00 32.08 ? 90  TRP A C   1 
ATOM   667  O O   . TRP A 1 90  ? -2.200  -17.063 -5.876  1.00 30.65 ? 90  TRP A O   1 
ATOM   668  C CB  . TRP A 1 90  ? -1.003  -15.901 -8.504  1.00 27.86 ? 90  TRP A CB  1 
ATOM   669  C CG  . TRP A 1 90  ? -0.401  -14.968 -9.518  1.00 28.29 ? 90  TRP A CG  1 
ATOM   670  C CD1 . TRP A 1 90  ? 0.917   -14.847 -9.846  1.00 29.16 ? 90  TRP A CD1 1 
ATOM   671  C CD2 . TRP A 1 90  ? -1.105  -14.021 -10.330 1.00 27.67 ? 90  TRP A CD2 1 
ATOM   672  N NE1 . TRP A 1 90  ? 1.080   -13.883 -10.814 1.00 28.60 ? 90  TRP A NE1 1 
ATOM   673  C CE2 . TRP A 1 90  ? -0.147  -13.360 -11.129 1.00 27.07 ? 90  TRP A CE2 1 
ATOM   674  C CE3 . TRP A 1 90  ? -2.456  -13.665 -10.460 1.00 27.08 ? 90  TRP A CE3 1 
ATOM   675  C CZ2 . TRP A 1 90  ? -0.494  -12.362 -12.048 1.00 26.38 ? 90  TRP A CZ2 1 
ATOM   676  C CZ3 . TRP A 1 90  ? -2.803  -12.671 -11.376 1.00 26.41 ? 90  TRP A CZ3 1 
ATOM   677  C CH2 . TRP A 1 90  ? -1.822  -12.033 -12.156 1.00 26.27 ? 90  TRP A CH2 1 
ATOM   678  N N   . GLU A 1 91  ? -3.744  -15.599 -6.607  1.00 33.55 ? 91  GLU A N   1 
ATOM   679  C CA  . GLU A 1 91  ? -4.862  -16.311 -6.013  1.00 39.15 ? 91  GLU A CA  1 
ATOM   680  C C   . GLU A 1 91  ? -5.977  -16.407 -7.039  1.00 41.59 ? 91  GLU A C   1 
ATOM   681  O O   . GLU A 1 91  ? -5.868  -15.860 -8.134  1.00 39.79 ? 91  GLU A O   1 
ATOM   682  C CB  . GLU A 1 91  ? -5.345  -15.599 -4.742  1.00 38.67 ? 91  GLU A CB  1 
ATOM   683  C CG  . GLU A 1 91  ? -4.475  -15.904 -3.524  1.00 43.71 ? 91  GLU A CG  1 
ATOM   684  C CD  . GLU A 1 91  ? -4.918  -15.181 -2.263  1.00 44.46 ? 91  GLU A CD  1 
ATOM   685  O OE1 . GLU A 1 91  ? -6.141  -15.049 -2.042  1.00 46.07 ? 91  GLU A OE1 1 
ATOM   686  O OE2 . GLU A 1 91  ? -4.037  -14.760 -1.482  1.00 46.99 ? 91  GLU A OE2 1 
ATOM   687  N N   . ASN A 1 92  ? -7.042  -17.115 -6.692  1.00 47.56 ? 92  ASN A N   1 
ATOM   688  C CA  . ASN A 1 92  ? -8.163  -17.282 -7.604  1.00 53.39 ? 92  ASN A CA  1 
ATOM   689  C C   . ASN A 1 92  ? -9.485  -16.958 -6.921  1.00 56.26 ? 92  ASN A C   1 
ATOM   690  O O   . ASN A 1 92  ? -10.167 -17.851 -6.416  1.00 57.94 ? 92  ASN A O   1 
ATOM   691  C CB  . ASN A 1 92  ? -8.180  -18.715 -8.146  1.00 54.23 ? 92  ASN A CB  1 
ATOM   692  C CG  . ASN A 1 92  ? -6.997  -19.007 -9.059  1.00 57.98 ? 92  ASN A CG  1 
ATOM   693  O OD1 . ASN A 1 92  ? -6.697  -20.164 -9.366  1.00 58.19 ? 92  ASN A OD1 1 
ATOM   694  N ND2 . ASN A 1 92  ? -6.325  -17.954 -9.507  1.00 59.60 ? 92  ASN A ND2 1 
ATOM   695  N N   . ASP A 1 93  ? -9.832  -15.674 -6.900  1.00 58.44 ? 93  ASP A N   1 
ATOM   696  C CA  . ASP A 1 93  ? -11.079 -15.223 -6.293  1.00 61.29 ? 93  ASP A CA  1 
ATOM   697  C C   . ASP A 1 93  ? -12.191 -15.622 -7.260  1.00 61.52 ? 93  ASP A C   1 
ATOM   698  O O   . ASP A 1 93  ? -12.841 -14.771 -7.871  1.00 62.25 ? 93  ASP A O   1 
ATOM   699  C CB  . ASP A 1 93  ? -11.053 -13.702 -6.107  1.00 63.43 ? 93  ASP A CB  1 
ATOM   700  C CG  . ASP A 1 93  ? -11.905 -13.239 -4.939  1.00 65.04 ? 93  ASP A CG  1 
ATOM   701  O OD1 . ASP A 1 93  ? -11.640 -13.681 -3.798  1.00 65.76 ? 93  ASP A OD1 1 
ATOM   702  O OD2 . ASP A 1 93  ? -12.834 -12.430 -5.155  1.00 66.08 ? 93  ASP A OD2 1 
ATOM   703  N N   . GLY A 1 94  ? -12.391 -16.930 -7.390  1.00 60.88 ? 94  GLY A N   1 
ATOM   704  C CA  . GLY A 1 94  ? -13.339 -17.495 -8.335  1.00 59.44 ? 94  GLY A CA  1 
ATOM   705  C C   . GLY A 1 94  ? -12.598 -18.228 -9.444  1.00 58.28 ? 94  GLY A C   1 
ATOM   706  O O   . GLY A 1 94  ? -11.696 -19.017 -9.209  1.00 58.45 ? 94  GLY A O   1 
ATOM   707  N N   . GLU A 1 95  ? -13.022 -17.965 -10.690 1.00 57.18 ? 95  GLU A N   1 
ATOM   708  C CA  . GLU A 1 95  ? -12.284 -18.532 -11.809 1.00 55.49 ? 95  GLU A CA  1 
ATOM   709  C C   . GLU A 1 95  ? -11.283 -17.527 -12.391 1.00 52.82 ? 95  GLU A C   1 
ATOM   710  O O   . GLU A 1 95  ? -10.468 -17.838 -13.251 1.00 53.51 ? 95  GLU A O   1 
ATOM   711  C CB  . GLU A 1 95  ? -13.283 -18.964 -12.881 1.00 58.58 ? 95  GLU A CB  1 
ATOM   712  C CG  . GLU A 1 95  ? -13.872 -17.779 -13.645 1.00 62.14 ? 95  GLU A CG  1 
ATOM   713  C CD  . GLU A 1 95  ? -14.339 -18.255 -15.002 1.00 64.64 ? 95  GLU A CD  1 
ATOM   714  O OE1 . GLU A 1 95  ? -15.023 -19.267 -15.063 1.00 65.65 ? 95  GLU A OE1 1 
ATOM   715  O OE2 . GLU A 1 95  ? -14.041 -17.585 -15.989 1.00 65.69 ? 95  GLU A OE2 1 
ATOM   716  N N   . ALA A 1 96  ? -11.391 -16.269 -11.914 1.00 47.68 ? 96  ALA A N   1 
ATOM   717  C CA  . ALA A 1 96  ? -10.471 -15.237 -12.378 1.00 41.96 ? 96  ALA A CA  1 
ATOM   718  C C   . ALA A 1 96  ? -9.196  -15.194 -11.531 1.00 38.27 ? 96  ALA A C   1 
ATOM   719  O O   . ALA A 1 96  ? -9.187  -15.532 -10.354 1.00 36.94 ? 96  ALA A O   1 
ATOM   720  C CB  . ALA A 1 96  ? -11.190 -13.888 -12.307 1.00 43.21 ? 96  ALA A CB  1 
ATOM   721  N N   . HIS A 1 97  ? -8.099  -14.784 -12.157 1.00 33.95 ? 97  HIS A N   1 
ATOM   722  C CA  . HIS A 1 97  ? -6.814  -14.706 -11.479 1.00 30.27 ? 97  HIS A CA  1 
ATOM   723  C C   . HIS A 1 97  ? -6.718  -13.386 -10.722 1.00 29.65 ? 97  HIS A C   1 
ATOM   724  O O   . HIS A 1 97  ? -7.050  -12.326 -11.249 1.00 28.39 ? 97  HIS A O   1 
ATOM   725  C CB  . HIS A 1 97  ? -5.689  -14.837 -12.503 1.00 30.16 ? 97  HIS A CB  1 
ATOM   726  C CG  . HIS A 1 97  ? -5.654  -16.176 -13.172 1.00 29.28 ? 97  HIS A CG  1 
ATOM   727  N ND1 . HIS A 1 97  ? -5.172  -17.307 -12.547 1.00 28.85 ? 97  HIS A ND1 1 
ATOM   728  C CD2 . HIS A 1 97  ? -6.097  -16.579 -14.387 1.00 31.28 ? 97  HIS A CD2 1 
ATOM   729  C CE1 . HIS A 1 97  ? -5.320  -18.346 -13.347 1.00 30.27 ? 97  HIS A CE1 1 
ATOM   730  N NE2 . HIS A 1 97  ? -5.880  -17.933 -14.469 1.00 31.15 ? 97  HIS A NE2 1 
ATOM   731  N N   . LYS A 1 98  ? -6.263  -13.465 -9.480  1.00 27.42 ? 98  LYS A N   1 
ATOM   732  C CA  . LYS A 1 98  ? -6.182  -12.338 -8.569  1.00 28.75 ? 98  LYS A CA  1 
ATOM   733  C C   . LYS A 1 98  ? -4.765  -12.176 -8.026  1.00 25.92 ? 98  LYS A C   1 
ATOM   734  O O   . LYS A 1 98  ? -4.259  -12.987 -7.258  1.00 26.11 ? 98  LYS A O   1 
ATOM   735  C CB  . LYS A 1 98  ? -7.174  -12.578 -7.430  1.00 29.88 ? 98  LYS A CB  1 
ATOM   736  C CG  . LYS A 1 98  ? -7.294  -11.389 -6.483  1.00 32.36 ? 98  LYS A CG  1 
ATOM   737  C CD  . LYS A 1 98  ? -8.562  -11.474 -5.625  1.00 36.82 ? 98  LYS A CD  1 
ATOM   738  C CE  . LYS A 1 98  ? -8.310  -11.091 -4.163  1.00 40.03 ? 98  LYS A CE  1 
ATOM   739  N NZ  . LYS A 1 98  ? -9.324  -11.709 -3.319  1.00 42.75 ? 98  LYS A NZ  1 
ATOM   740  N N   . LEU A 1 99  ? -4.047  -11.115 -8.382  1.00 24.44 ? 99  LEU A N   1 
ATOM   741  C CA  . LEU A 1 99  ? -2.714  -10.898 -7.835  1.00 23.79 ? 99  LEU A CA  1 
ATOM   742  C C   . LEU A 1 99  ? -2.849  -10.157 -6.507  1.00 24.67 ? 99  LEU A C   1 
ATOM   743  O O   . LEU A 1 99  ? -3.283  -9.004  -6.470  1.00 23.97 ? 99  LEU A O   1 
ATOM   744  C CB  . LEU A 1 99  ? -1.863  -10.068 -8.800  1.00 22.20 ? 99  LEU A CB  1 
ATOM   745  C CG  . LEU A 1 99  ? -0.477  -9.654  -8.289  1.00 22.24 ? 99  LEU A CG  1 
ATOM   746  C CD1 . LEU A 1 99  ? 0.434   -10.884 -8.204  1.00 23.22 ? 99  LEU A CD1 1 
ATOM   747  C CD2 . LEU A 1 99  ? 0.123   -8.610  -9.228  1.00 21.74 ? 99  LEU A CD2 1 
ATOM   748  N N   . VAL A 1 100 ? -2.484  -10.816 -5.416  1.00 23.71 ? 100 VAL A N   1 
ATOM   749  C CA  . VAL A 1 100 ? -2.573  -10.196 -4.102  1.00 25.35 ? 100 VAL A CA  1 
ATOM   750  C C   . VAL A 1 100 ? -1.258  -9.504  -3.766  1.00 24.82 ? 100 VAL A C   1 
ATOM   751  O O   . VAL A 1 100 ? -0.181  -10.086 -3.900  1.00 25.19 ? 100 VAL A O   1 
ATOM   752  C CB  . VAL A 1 100 ? -2.917  -11.242 -3.023  1.00 25.58 ? 100 VAL A CB  1 
ATOM   753  C CG1 . VAL A 1 100 ? -2.966  -10.587 -1.645  1.00 24.93 ? 100 VAL A CG1 1 
ATOM   754  C CG2 . VAL A 1 100 ? -4.262  -11.885 -3.357  1.00 25.46 ? 100 VAL A CG2 1 
ATOM   755  N N   . ILE A 1 101 ? -1.365  -8.251  -3.333  1.00 23.55 ? 101 ILE A N   1 
ATOM   756  C CA  . ILE A 1 101 ? -0.212  -7.425  -3.000  1.00 21.71 ? 101 ILE A CA  1 
ATOM   757  C C   . ILE A 1 101 ? -0.230  -7.058  -1.519  1.00 23.42 ? 101 ILE A C   1 
ATOM   758  O O   . ILE A 1 101 ? -1.231  -6.546  -1.020  1.00 23.89 ? 101 ILE A O   1 
ATOM   759  C CB  . ILE A 1 101 ? -0.243  -6.121  -3.837  1.00 22.39 ? 101 ILE A CB  1 
ATOM   760  C CG1 . ILE A 1 101 ? -0.231  -6.468  -5.327  1.00 22.16 ? 101 ILE A CG1 1 
ATOM   761  C CG2 . ILE A 1 101 ? 0.916   -5.225  -3.457  1.00 22.52 ? 101 ILE A CG2 1 
ATOM   762  C CD1 . ILE A 1 101 ? -0.659  -5.318  -6.239  1.00 22.38 ? 101 ILE A CD1 1 
ATOM   763  N N   . THR A 1 102 ? 0.875   -7.310  -0.820  1.00 22.32 ? 102 THR A N   1 
ATOM   764  C CA  . THR A 1 102 ? 0.954   -7.002  0.607   1.00 22.89 ? 102 THR A CA  1 
ATOM   765  C C   . THR A 1 102 ? 2.166   -6.123  0.904   1.00 23.05 ? 102 THR A C   1 
ATOM   766  O O   . THR A 1 102 ? 3.307   -6.544  0.716   1.00 24.38 ? 102 THR A O   1 
ATOM   767  C CB  . THR A 1 102 ? 1.052   -8.293  1.456   1.00 24.38 ? 102 THR A CB  1 
ATOM   768  O OG1 . THR A 1 102 ? -0.068  -9.140  1.171   1.00 25.93 ? 102 THR A OG1 1 
ATOM   769  C CG2 . THR A 1 102 ? 1.043   -7.954  2.939   1.00 26.38 ? 102 THR A CG2 1 
ATOM   770  N N   . ALA A 1 103 ? 1.914   -4.904  1.372   1.00 22.24 ? 103 ALA A N   1 
ATOM   771  C CA  . ALA A 1 103 ? 2.991   -3.968  1.667   1.00 22.60 ? 103 ALA A CA  1 
ATOM   772  C C   . ALA A 1 103 ? 3.208   -3.779  3.160   1.00 24.22 ? 103 ALA A C   1 
ATOM   773  O O   . ALA A 1 103 ? 2.260   -3.533  3.909   1.00 22.36 ? 103 ALA A O   1 
ATOM   774  C CB  . ALA A 1 103 ? 2.702   -2.617  1.006   1.00 23.65 ? 103 ALA A CB  1 
ATOM   775  N N   . THR A 1 104 ? 4.466   -3.887  3.581   1.00 23.78 ? 104 THR A N   1 
ATOM   776  C CA  . THR A 1 104 ? 4.829   -3.727  4.985   1.00 24.38 ? 104 THR A CA  1 
ATOM   777  C C   . THR A 1 104 ? 5.793   -2.555  5.141   1.00 25.26 ? 104 THR A C   1 
ATOM   778  O O   . THR A 1 104 ? 6.840   -2.512  4.495   1.00 24.65 ? 104 THR A O   1 
ATOM   779  C CB  . THR A 1 104 ? 5.506   -4.996  5.531   1.00 24.79 ? 104 THR A CB  1 
ATOM   780  O OG1 . THR A 1 104 ? 4.617   -6.107  5.380   1.00 28.02 ? 104 THR A OG1 1 
ATOM   781  C CG2 . THR A 1 104 ? 5.863   -4.826  7.010   1.00 26.47 ? 104 THR A CG2 1 
ATOM   782  N N   . VAL A 1 105 ? 5.434   -1.605  6.000   1.00 24.30 ? 105 VAL A N   1 
ATOM   783  C CA  . VAL A 1 105 ? 6.266   -0.430  6.239   1.00 25.40 ? 105 VAL A CA  1 
ATOM   784  C C   . VAL A 1 105 ? 6.630   -0.347  7.718   1.00 28.20 ? 105 VAL A C   1 
ATOM   785  O O   . VAL A 1 105 ? 5.799   -0.615  8.585   1.00 26.67 ? 105 VAL A O   1 
ATOM   786  C CB  . VAL A 1 105 ? 5.531   0.867   5.818   1.00 26.05 ? 105 VAL A CB  1 
ATOM   787  C CG1 . VAL A 1 105 ? 6.422   2.074   6.054   1.00 24.82 ? 105 VAL A CG1 1 
ATOM   788  C CG2 . VAL A 1 105 ? 5.134   0.786   4.340   1.00 24.32 ? 105 VAL A CG2 1 
ATOM   789  N N   . LYS A 1 106 ? 7.879   0.019   7.998   1.00 30.23 ? 106 LYS A N   1 
ATOM   790  C CA  . LYS A 1 106 ? 8.361   0.133   9.371   1.00 32.60 ? 106 LYS A CA  1 
ATOM   791  C C   . LYS A 1 106 ? 9.024   1.482   9.607   1.00 33.69 ? 106 LYS A C   1 
ATOM   792  O O   . LYS A 1 106 ? 9.573   2.083   8.687   1.00 33.09 ? 106 LYS A O   1 
ATOM   793  C CB  . LYS A 1 106 ? 9.389   -0.961  9.671   1.00 34.53 ? 106 LYS A CB  1 
ATOM   794  C CG  . LYS A 1 106 ? 8.912   -2.383  9.458   1.00 39.49 ? 106 LYS A CG  1 
ATOM   795  C CD  . LYS A 1 106 ? 10.042  -3.368  9.749   1.00 42.33 ? 106 LYS A CD  1 
ATOM   796  C CE  . LYS A 1 106 ? 9.661   -4.798  9.401   1.00 45.49 ? 106 LYS A CE  1 
ATOM   797  N NZ  . LYS A 1 106 ? 8.531   -5.305  10.229  1.00 48.40 ? 106 LYS A NZ  1 
ATOM   798  N N   . THR A 1 107 ? 8.982   1.950   10.850  1.00 34.10 ? 107 THR A N   1 
ATOM   799  C CA  . THR A 1 107 ? 9.604   3.216   11.203  1.00 35.93 ? 107 THR A CA  1 
ATOM   800  C C   . THR A 1 107 ? 9.745   3.323   12.717  1.00 36.78 ? 107 THR A C   1 
ATOM   801  O O   . THR A 1 107 ? 9.317   2.438   13.453  1.00 36.11 ? 107 THR A O   1 
ATOM   802  C CB  . THR A 1 107 ? 8.781   4.415   10.696  1.00 35.62 ? 107 THR A CB  1 
ATOM   803  O OG1 . THR A 1 107 ? 9.570   5.605   10.787  1.00 38.11 ? 107 THR A OG1 1 
ATOM   804  C CG2 . THR A 1 107 ? 7.524   4.596   11.536  1.00 36.75 ? 107 THR A CG2 1 
ATOM   805  N N   . LYS A 1 108 ? 10.358  4.412   13.161  1.00 38.73 ? 108 LYS A N   1 
ATOM   806  C CA  . LYS A 1 108 ? 10.559  4.680   14.580  1.00 40.61 ? 108 LYS A CA  1 
ATOM   807  C C   . LYS A 1 108 ? 10.144  6.130   14.773  1.00 39.64 ? 108 LYS A C   1 
ATOM   808  O O   . LYS A 1 108 ? 10.840  7.042   14.325  1.00 41.00 ? 108 LYS A O   1 
ATOM   809  C CB  . LYS A 1 108 ? 12.034  4.499   14.950  1.00 43.79 ? 108 LYS A CB  1 
ATOM   810  C CG  . LYS A 1 108 ? 12.363  4.750   16.419  1.00 48.72 ? 108 LYS A CG  1 
ATOM   811  C CD  . LYS A 1 108 ? 11.786  3.674   17.327  1.00 51.85 ? 108 LYS A CD  1 
ATOM   812  C CE  . LYS A 1 108 ? 12.206  3.904   18.776  1.00 54.49 ? 108 LYS A CE  1 
ATOM   813  N NZ  . LYS A 1 108 ? 11.679  2.857   19.700  1.00 55.91 ? 108 LYS A NZ  1 
ATOM   814  N N   . GLY A 1 109 ? 9.006   6.349   15.421  1.00 38.44 ? 109 GLY A N   1 
ATOM   815  C CA  . GLY A 1 109 ? 8.550   7.712   15.618  1.00 37.38 ? 109 GLY A CA  1 
ATOM   816  C C   . GLY A 1 109 ? 7.270   7.868   16.410  1.00 36.93 ? 109 GLY A C   1 
ATOM   817  O O   . GLY A 1 109 ? 6.792   6.925   17.042  1.00 36.01 ? 109 GLY A O   1 
ATOM   818  N N   . SER A 1 110 ? 6.706   9.071   16.353  1.00 36.27 ? 110 SER A N   1 
ATOM   819  C CA  . SER A 1 110 ? 5.494   9.402   17.088  1.00 37.61 ? 110 SER A CA  1 
ATOM   820  C C   . SER A 1 110 ? 4.188   9.280   16.311  1.00 37.32 ? 110 SER A C   1 
ATOM   821  O O   . SER A 1 110 ? 3.158   9.775   16.764  1.00 37.32 ? 110 SER A O   1 
ATOM   822  C CB  . SER A 1 110 ? 5.614   10.821  17.643  1.00 39.17 ? 110 SER A CB  1 
ATOM   823  O OG  . SER A 1 110 ? 6.764   10.943  18.462  1.00 43.75 ? 110 SER A OG  1 
ATOM   824  N N   . THR A 1 111 ? 4.221   8.636   15.148  1.00 35.80 ? 111 THR A N   1 
ATOM   825  C CA  . THR A 1 111 ? 3.008   8.471   14.356  1.00 35.81 ? 111 THR A CA  1 
ATOM   826  C C   . THR A 1 111 ? 3.080   7.199   13.510  1.00 34.59 ? 111 THR A C   1 
ATOM   827  O O   . THR A 1 111 ? 4.149   6.812   13.042  1.00 34.22 ? 111 THR A O   1 
ATOM   828  C CB  . THR A 1 111 ? 2.756   9.711   13.456  1.00 37.10 ? 111 THR A CB  1 
ATOM   829  O OG1 . THR A 1 111 ? 1.443   9.632   12.888  1.00 39.81 ? 111 THR A OG1 1 
ATOM   830  C CG2 . THR A 1 111 ? 3.786   9.792   12.342  1.00 37.64 ? 111 THR A CG2 1 
ATOM   831  N N   . GLY A 1 112 ? 1.936   6.544   13.334  1.00 33.75 ? 112 GLY A N   1 
ATOM   832  C CA  . GLY A 1 112 ? 1.895   5.305   12.574  1.00 31.56 ? 112 GLY A CA  1 
ATOM   833  C C   . GLY A 1 112 ? 2.191   5.445   11.094  1.00 29.91 ? 112 GLY A C   1 
ATOM   834  O O   . GLY A 1 112 ? 2.240   6.553   10.559  1.00 30.14 ? 112 GLY A O   1 
ATOM   835  N N   . VAL A 1 113 ? 2.391   4.312   10.428  1.00 28.02 ? 113 VAL A N   1 
ATOM   836  C CA  . VAL A 1 113 ? 2.678   4.316   9.000   1.00 27.87 ? 113 VAL A CA  1 
ATOM   837  C C   . VAL A 1 113 ? 1.602   3.602   8.190   1.00 27.60 ? 113 VAL A C   1 
ATOM   838  O O   . VAL A 1 113 ? 1.888   2.981   7.164   1.00 26.71 ? 113 VAL A O   1 
ATOM   839  C CB  . VAL A 1 113 ? 4.061   3.676   8.702   1.00 28.73 ? 113 VAL A CB  1 
ATOM   840  C CG1 . VAL A 1 113 ? 5.170   4.616   9.146   1.00 26.13 ? 113 VAL A CG1 1 
ATOM   841  C CG2 . VAL A 1 113 ? 4.188   2.339   9.412   1.00 26.75 ? 113 VAL A CG2 1 
ATOM   842  N N   . GLU A 1 114 ? 0.355   3.695   8.647   1.00 26.81 ? 114 GLU A N   1 
ATOM   843  C CA  . GLU A 1 114 ? -0.745  3.055   7.934   1.00 26.74 ? 114 GLU A CA  1 
ATOM   844  C C   . GLU A 1 114 ? -0.884  3.642   6.528   1.00 23.52 ? 114 GLU A C   1 
ATOM   845  O O   . GLU A 1 114 ? -1.076  2.910   5.560   1.00 23.01 ? 114 GLU A O   1 
ATOM   846  C CB  . GLU A 1 114 ? -2.069  3.242   8.688   1.00 29.93 ? 114 GLU A CB  1 
ATOM   847  C CG  . GLU A 1 114 ? -2.028  2.792   10.131  1.00 36.07 ? 114 GLU A CG  1 
ATOM   848  C CD  . GLU A 1 114 ? -1.777  3.941   11.087  1.00 37.88 ? 114 GLU A CD  1 
ATOM   849  O OE1 . GLU A 1 114 ? -0.960  4.825   10.757  1.00 37.66 ? 114 GLU A OE1 1 
ATOM   850  O OE2 . GLU A 1 114 ? -2.396  3.952   12.172  1.00 42.22 ? 114 GLU A OE2 1 
ATOM   851  N N   . MET A 1 115 ? -0.781  4.963   6.415   1.00 22.41 ? 115 MET A N   1 
ATOM   852  C CA  . MET A 1 115 ? -0.921  5.608   5.110   1.00 21.08 ? 115 MET A CA  1 
ATOM   853  C C   . MET A 1 115 ? 0.204   5.232   4.145   1.00 21.59 ? 115 MET A C   1 
ATOM   854  O O   . MET A 1 115 ? -0.020  5.092   2.940   1.00 20.74 ? 115 MET A O   1 
ATOM   855  C CB  . MET A 1 115 ? -0.980  7.126   5.268   1.00 24.05 ? 115 MET A CB  1 
ATOM   856  C CG  . MET A 1 115 ? -2.214  7.626   6.022   1.00 22.89 ? 115 MET A CG  1 
ATOM   857  S SD  . MET A 1 115 ? -3.755  6.841   5.474   1.00 26.18 ? 115 MET A SD  1 
ATOM   858  C CE  . MET A 1 115 ? -3.663  7.046   3.676   1.00 25.42 ? 115 MET A CE  1 
ATOM   859  N N   . GLU A 1 116 ? 1.415   5.092   4.670   1.00 21.27 ? 116 GLU A N   1 
ATOM   860  C CA  . GLU A 1 116 ? 2.555   4.719   3.842   1.00 22.94 ? 116 GLU A CA  1 
ATOM   861  C C   . GLU A 1 116 ? 2.348   3.313   3.269   1.00 21.66 ? 116 GLU A C   1 
ATOM   862  O O   . GLU A 1 116 ? 2.634   3.059   2.098   1.00 20.92 ? 116 GLU A O   1 
ATOM   863  C CB  . GLU A 1 116 ? 3.849   4.763   4.666   1.00 24.72 ? 116 GLU A CB  1 
ATOM   864  C CG  . GLU A 1 116 ? 4.416   6.165   4.926   1.00 26.84 ? 116 GLU A CG  1 
ATOM   865  C CD  . GLU A 1 116 ? 3.614   6.975   5.937   1.00 30.21 ? 116 GLU A CD  1 
ATOM   866  O OE1 . GLU A 1 116 ? 2.760   6.401   6.642   1.00 29.78 ? 116 GLU A OE1 1 
ATOM   867  O OE2 . GLU A 1 116 ? 3.853   8.195   6.034   1.00 33.07 ? 116 GLU A OE2 1 
ATOM   868  N N   . ALA A 1 117 ? 1.845   2.401   4.095   1.00 21.80 ? 117 ALA A N   1 
ATOM   869  C CA  . ALA A 1 117 ? 1.600   1.028   3.656   1.00 21.24 ? 117 ALA A CA  1 
ATOM   870  C C   . ALA A 1 117 ? 0.465   0.979   2.634   1.00 21.61 ? 117 ALA A C   1 
ATOM   871  O O   . ALA A 1 117 ? 0.567   0.297   1.612   1.00 19.56 ? 117 ALA A O   1 
ATOM   872  C CB  . ALA A 1 117 ? 1.264   0.141   4.855   1.00 22.74 ? 117 ALA A CB  1 
ATOM   873  N N   . LEU A 1 118 ? -0.613  1.704   2.916   1.00 20.07 ? 118 LEU A N   1 
ATOM   874  C CA  . LEU A 1 118 ? -1.768  1.750   2.017   1.00 20.25 ? 118 LEU A CA  1 
ATOM   875  C C   . LEU A 1 118 ? -1.411  2.398   0.683   1.00 20.17 ? 118 LEU A C   1 
ATOM   876  O O   . LEU A 1 118 ? -1.874  1.968   -0.373  1.00 21.37 ? 118 LEU A O   1 
ATOM   877  C CB  . LEU A 1 118 ? -2.916  2.527   2.673   1.00 20.71 ? 118 LEU A CB  1 
ATOM   878  C CG  . LEU A 1 118 ? -3.610  1.814   3.844   1.00 19.35 ? 118 LEU A CG  1 
ATOM   879  C CD1 . LEU A 1 118 ? -4.431  2.813   4.655   1.00 20.89 ? 118 LEU A CD1 1 
ATOM   880  C CD2 . LEU A 1 118 ? -4.485  0.698   3.303   1.00 22.06 ? 118 LEU A CD2 1 
ATOM   881  N N   . THR A 1 119 ? -0.591  3.442   0.733   1.00 19.96 ? 119 THR A N   1 
ATOM   882  C CA  . THR A 1 119 ? -0.190  4.137   -0.480  1.00 20.38 ? 119 THR A CA  1 
ATOM   883  C C   . THR A 1 119 ? 0.765   3.270   -1.301  1.00 21.16 ? 119 THR A C   1 
ATOM   884  O O   . THR A 1 119 ? 0.673   3.227   -2.525  1.00 20.62 ? 119 THR A O   1 
ATOM   885  C CB  . THR A 1 119 ? 0.482   5.480   -0.147  1.00 20.82 ? 119 THR A CB  1 
ATOM   886  O OG1 . THR A 1 119 ? -0.469  6.331   0.511   1.00 22.21 ? 119 THR A OG1 1 
ATOM   887  C CG2 . THR A 1 119 ? 0.968   6.164   -1.416  1.00 20.99 ? 119 THR A CG2 1 
ATOM   888  N N   . ALA A 1 120 ? 1.675   2.583   -0.616  1.00 19.83 ? 120 ALA A N   1 
ATOM   889  C CA  . ALA A 1 120 ? 2.634   1.707   -1.283  1.00 20.38 ? 120 ALA A CA  1 
ATOM   890  C C   . ALA A 1 120 ? 1.859   0.633   -2.036  1.00 21.45 ? 120 ALA A C   1 
ATOM   891  O O   . ALA A 1 120 ? 2.131   0.362   -3.205  1.00 21.07 ? 120 ALA A O   1 
ATOM   892  C CB  . ALA A 1 120 ? 3.569   1.059   -0.251  1.00 19.18 ? 120 ALA A CB  1 
ATOM   893  N N   . ALA A 1 121 ? 0.890   0.022   -1.360  1.00 20.45 ? 121 ALA A N   1 
ATOM   894  C CA  . ALA A 1 121 ? 0.079   -1.021  -1.981  1.00 21.99 ? 121 ALA A CA  1 
ATOM   895  C C   . ALA A 1 121 ? -0.726  -0.486  -3.169  1.00 21.07 ? 121 ALA A C   1 
ATOM   896  O O   . ALA A 1 121 ? -0.784  -1.125  -4.216  1.00 19.25 ? 121 ALA A O   1 
ATOM   897  C CB  . ALA A 1 121 ? -0.867  -1.638  -0.946  1.00 21.92 ? 121 ALA A CB  1 
ATOM   898  N N   . SER A 1 122 ? -1.343  0.683   -3.003  1.00 20.50 ? 122 SER A N   1 
ATOM   899  C CA  . SER A 1 122 ? -2.152  1.288   -4.064  1.00 20.02 ? 122 SER A CA  1 
ATOM   900  C C   . SER A 1 122 ? -1.360  1.585   -5.334  1.00 20.41 ? 122 SER A C   1 
ATOM   901  O O   . SER A 1 122 ? -1.815  1.282   -6.438  1.00 19.65 ? 122 SER A O   1 
ATOM   902  C CB  . SER A 1 122 ? -2.796  2.592   -3.578  1.00 20.87 ? 122 SER A CB  1 
ATOM   903  O OG  . SER A 1 122 ? -3.678  2.366   -2.495  1.00 22.44 ? 122 SER A OG  1 
ATOM   904  N N   . VAL A 1 123 ? -0.185  2.191   -5.181  1.00 18.93 ? 123 VAL A N   1 
ATOM   905  C CA  . VAL A 1 123 ? 0.633   2.530   -6.343  1.00 18.73 ? 123 VAL A CA  1 
ATOM   906  C C   . VAL A 1 123 ? 1.246   1.278   -6.967  1.00 18.57 ? 123 VAL A C   1 
ATOM   907  O O   . VAL A 1 123 ? 1.446   1.216   -8.179  1.00 19.34 ? 123 VAL A O   1 
ATOM   908  C CB  . VAL A 1 123 ? 1.734   3.549   -5.972  1.00 19.24 ? 123 VAL A CB  1 
ATOM   909  C CG1 . VAL A 1 123 ? 2.665   3.783   -7.167  1.00 17.54 ? 123 VAL A CG1 1 
ATOM   910  C CG2 . VAL A 1 123 ? 1.083   4.874   -5.561  1.00 19.16 ? 123 VAL A CG2 1 
ATOM   911  N N   . CYS A 1 124 ? 1.539   0.280   -6.138  1.00 18.60 ? 124 CYS A N   1 
ATOM   912  C CA  . CYS A 1 124 ? 2.077   -0.973  -6.645  1.00 18.97 ? 124 CYS A CA  1 
ATOM   913  C C   . CYS A 1 124 ? 1.019   -1.554  -7.596  1.00 19.88 ? 124 CYS A C   1 
ATOM   914  O O   . CYS A 1 124 ? 1.328   -1.963  -8.717  1.00 18.45 ? 124 CYS A O   1 
ATOM   915  C CB  . CYS A 1 124 ? 2.342   -1.942  -5.486  1.00 20.63 ? 124 CYS A CB  1 
ATOM   916  S SG  . CYS A 1 124 ? 2.979   -3.564  -5.989  1.00 22.25 ? 124 CYS A SG  1 
ATOM   917  N N   . ALA A 1 125 ? -0.236  -1.567  -7.147  1.00 19.26 ? 125 ALA A N   1 
ATOM   918  C CA  . ALA A 1 125 ? -1.336  -2.088  -7.959  1.00 19.84 ? 125 ALA A CA  1 
ATOM   919  C C   . ALA A 1 125 ? -1.508  -1.264  -9.237  1.00 19.84 ? 125 ALA A C   1 
ATOM   920  O O   . ALA A 1 125 ? -1.652  -1.818  -10.325 1.00 19.52 ? 125 ALA A O   1 
ATOM   921  C CB  . ALA A 1 125 ? -2.642  -2.088  -7.145  1.00 19.20 ? 125 ALA A CB  1 
ATOM   922  N N   . LEU A 1 126 ? -1.492  0.059   -9.107  1.00 20.76 ? 126 LEU A N   1 
ATOM   923  C CA  . LEU A 1 126 ? -1.640  0.929   -10.273 1.00 19.33 ? 126 LEU A CA  1 
ATOM   924  C C   . LEU A 1 126 ? -0.540  0.668   -11.298 1.00 19.20 ? 126 LEU A C   1 
ATOM   925  O O   . LEU A 1 126 ? -0.767  0.783   -12.498 1.00 19.67 ? 126 LEU A O   1 
ATOM   926  C CB  . LEU A 1 126 ? -1.607  2.402   -9.849  1.00 18.49 ? 126 LEU A CB  1 
ATOM   927  C CG  . LEU A 1 126 ? -2.853  2.916   -9.110  1.00 18.41 ? 126 LEU A CG  1 
ATOM   928  C CD1 . LEU A 1 126 ? -2.549  4.231   -8.403  1.00 18.74 ? 126 LEU A CD1 1 
ATOM   929  C CD2 . LEU A 1 126 ? -3.990  3.103   -10.116 1.00 19.52 ? 126 LEU A CD2 1 
ATOM   930  N N   . THR A 1 127 ? 0.651   0.314   -10.826 1.00 18.00 ? 127 THR A N   1 
ATOM   931  C CA  . THR A 1 127 ? 1.761   0.057   -11.732 1.00 19.35 ? 127 THR A CA  1 
ATOM   932  C C   . THR A 1 127 ? 1.570   -1.268  -12.470 1.00 19.57 ? 127 THR A C   1 
ATOM   933  O O   . THR A 1 127 ? 1.921   -1.385  -13.642 1.00 20.81 ? 127 THR A O   1 
ATOM   934  C CB  . THR A 1 127 ? 3.102   0.089   -10.977 1.00 19.32 ? 127 THR A CB  1 
ATOM   935  O OG1 . THR A 1 127 ? 3.290   1.406   -10.436 1.00 18.75 ? 127 THR A OG1 1 
ATOM   936  C CG2 . THR A 1 127 ? 4.269   -0.218  -11.926 1.00 19.92 ? 127 THR A CG2 1 
ATOM   937  N N   . VAL A 1 128 ? 1.009   -2.262  -11.790 1.00 20.91 ? 128 VAL A N   1 
ATOM   938  C CA  . VAL A 1 128 ? 0.734   -3.540  -12.446 1.00 20.37 ? 128 VAL A CA  1 
ATOM   939  C C   . VAL A 1 128 ? -0.264  -3.224  -13.563 1.00 21.96 ? 128 VAL A C   1 
ATOM   940  O O   . VAL A 1 128 ? -0.119  -3.689  -14.699 1.00 20.75 ? 128 VAL A O   1 
ATOM   941  C CB  . VAL A 1 128 ? 0.095   -4.555  -11.472 1.00 20.88 ? 128 VAL A CB  1 
ATOM   942  C CG1 . VAL A 1 128 ? -0.395  -5.782  -12.241 1.00 18.03 ? 128 VAL A CG1 1 
ATOM   943  C CG2 . VAL A 1 128 ? 1.110   -4.965  -10.408 1.00 19.29 ? 128 VAL A CG2 1 
ATOM   944  N N   . TYR A 1 129 ? -1.271  -2.414  -13.233 1.00 21.30 ? 129 TYR A N   1 
ATOM   945  C CA  . TYR A 1 129 ? -2.290  -2.019  -14.205 1.00 22.61 ? 129 TYR A CA  1 
ATOM   946  C C   . TYR A 1 129 ? -1.650  -1.298  -15.395 1.00 22.26 ? 129 TYR A C   1 
ATOM   947  O O   . TYR A 1 129 ? -1.954  -1.600  -16.550 1.00 22.69 ? 129 TYR A O   1 
ATOM   948  C CB  . TYR A 1 129 ? -3.345  -1.115  -13.537 1.00 21.15 ? 129 TYR A CB  1 
ATOM   949  C CG  . TYR A 1 129 ? -4.498  -0.718  -14.442 1.00 22.60 ? 129 TYR A CG  1 
ATOM   950  C CD1 . TYR A 1 129 ? -4.305  0.166   -15.503 1.00 23.95 ? 129 TYR A CD1 1 
ATOM   951  C CD2 . TYR A 1 129 ? -5.775  -1.258  -14.262 1.00 23.66 ? 129 TYR A CD2 1 
ATOM   952  C CE1 . TYR A 1 129 ? -5.345  0.500   -16.366 1.00 23.90 ? 129 TYR A CE1 1 
ATOM   953  C CE2 . TYR A 1 129 ? -6.831  -0.927  -15.128 1.00 22.83 ? 129 TYR A CE2 1 
ATOM   954  C CZ  . TYR A 1 129 ? -6.600  -0.050  -16.176 1.00 24.47 ? 129 TYR A CZ  1 
ATOM   955  O OH  . TYR A 1 129 ? -7.613  0.271   -17.054 1.00 26.19 ? 129 TYR A OH  1 
ATOM   956  N N   . ASP A 1 130 ? -0.756  -0.352  -15.121 1.00 20.75 ? 130 ASP A N   1 
ATOM   957  C CA  . ASP A 1 130 ? -0.106  0.382   -16.203 1.00 21.87 ? 130 ASP A CA  1 
ATOM   958  C C   . ASP A 1 130 ? 0.688   -0.540  -17.135 1.00 23.20 ? 130 ASP A C   1 
ATOM   959  O O   . ASP A 1 130 ? 0.657   -0.387  -18.358 1.00 22.70 ? 130 ASP A O   1 
ATOM   960  C CB  . ASP A 1 130 ? 0.842   1.442   -15.643 1.00 20.01 ? 130 ASP A CB  1 
ATOM   961  C CG  . ASP A 1 130 ? 1.540   2.229   -16.737 1.00 24.31 ? 130 ASP A CG  1 
ATOM   962  O OD1 . ASP A 1 130 ? 0.829   2.867   -17.539 1.00 23.91 ? 130 ASP A OD1 1 
ATOM   963  O OD2 . ASP A 1 130 ? 2.790   2.207   -16.800 1.00 25.22 ? 130 ASP A OD2 1 
ATOM   964  N N   . MET A 1 131 ? 1.392   -1.501  -16.549 1.00 22.58 ? 131 MET A N   1 
ATOM   965  C CA  . MET A 1 131 ? 2.218   -2.422  -17.329 1.00 24.26 ? 131 MET A CA  1 
ATOM   966  C C   . MET A 1 131 ? 1.432   -3.443  -18.149 1.00 24.04 ? 131 MET A C   1 
ATOM   967  O O   . MET A 1 131 ? 1.950   -3.985  -19.131 1.00 25.18 ? 131 MET A O   1 
ATOM   968  C CB  . MET A 1 131 ? 3.196   -3.162  -16.403 1.00 22.76 ? 131 MET A CB  1 
ATOM   969  C CG  . MET A 1 131 ? 4.223   -2.274  -15.692 1.00 23.92 ? 131 MET A CG  1 
ATOM   970  S SD  . MET A 1 131 ? 5.314   -1.317  -16.799 1.00 26.61 ? 131 MET A SD  1 
ATOM   971  C CE  . MET A 1 131 ? 6.463   -2.611  -17.358 1.00 25.78 ? 131 MET A CE  1 
ATOM   972  N N   . CYS A 1 132 ? 0.189   -3.710  -17.760 1.00 23.51 ? 132 CYS A N   1 
ATOM   973  C CA  . CYS A 1 132 ? -0.623  -4.696  -18.470 1.00 25.72 ? 132 CYS A CA  1 
ATOM   974  C C   . CYS A 1 132 ? -1.826  -4.144  -19.229 1.00 26.48 ? 132 CYS A C   1 
ATOM   975  O O   . CYS A 1 132 ? -2.485  -4.886  -19.964 1.00 28.56 ? 132 CYS A O   1 
ATOM   976  C CB  . CYS A 1 132 ? -1.127  -5.760  -17.489 1.00 24.15 ? 132 CYS A CB  1 
ATOM   977  S SG  . CYS A 1 132 ? 0.161   -6.557  -16.516 1.00 25.95 ? 132 CYS A SG  1 
ATOM   978  N N   . LYS A 1 133 ? -2.115  -2.856  -19.076 1.00 26.04 ? 133 LYS A N   1 
ATOM   979  C CA  . LYS A 1 133 ? -3.287  -2.288  -19.731 1.00 26.80 ? 133 LYS A CA  1 
ATOM   980  C C   . LYS A 1 133 ? -3.307  -2.412  -21.252 1.00 27.30 ? 133 LYS A C   1 
ATOM   981  O O   . LYS A 1 133 ? -4.373  -2.349  -21.861 1.00 27.45 ? 133 LYS A O   1 
ATOM   982  C CB  . LYS A 1 133 ? -3.487  -0.824  -19.318 1.00 25.83 ? 133 LYS A CB  1 
ATOM   983  C CG  . LYS A 1 133 ? -2.426  0.151   -19.795 1.00 26.32 ? 133 LYS A CG  1 
ATOM   984  C CD  . LYS A 1 133 ? -2.760  1.563   -19.317 1.00 27.21 ? 133 LYS A CD  1 
ATOM   985  C CE  . LYS A 1 133 ? -1.704  2.565   -19.750 1.00 28.90 ? 133 LYS A CE  1 
ATOM   986  N NZ  . LYS A 1 133 ? -1.696  2.762   -21.223 1.00 30.90 ? 133 LYS A NZ  1 
ATOM   987  N N   . ALA A 1 134 ? -2.144  -2.587  -21.867 1.00 28.53 ? 134 ALA A N   1 
ATOM   988  C CA  . ALA A 1 134 ? -2.089  -2.734  -23.318 1.00 30.50 ? 134 ALA A CA  1 
ATOM   989  C C   . ALA A 1 134 ? -2.867  -3.989  -23.717 1.00 31.97 ? 134 ALA A C   1 
ATOM   990  O O   . ALA A 1 134 ? -3.427  -4.064  -24.811 1.00 32.70 ? 134 ALA A O   1 
ATOM   991  C CB  . ALA A 1 134 ? -0.641  -2.840  -23.785 1.00 29.58 ? 134 ALA A CB  1 
ATOM   992  N N   . LEU A 1 135 ? -2.907  -4.965  -22.814 1.00 32.03 ? 135 LEU A N   1 
ATOM   993  C CA  . LEU A 1 135 ? -3.607  -6.226  -23.061 1.00 32.83 ? 135 LEU A CA  1 
ATOM   994  C C   . LEU A 1 135 ? -5.097  -6.161  -22.719 1.00 34.46 ? 135 LEU A C   1 
ATOM   995  O O   . LEU A 1 135 ? -5.923  -6.756  -23.410 1.00 34.22 ? 135 LEU A O   1 
ATOM   996  C CB  . LEU A 1 135 ? -2.949  -7.355  -22.258 1.00 32.23 ? 135 LEU A CB  1 
ATOM   997  C CG  . LEU A 1 135 ? -1.445  -7.576  -22.464 1.00 32.45 ? 135 LEU A CG  1 
ATOM   998  C CD1 . LEU A 1 135 ? -0.952  -8.664  -21.525 1.00 34.05 ? 135 LEU A CD1 1 
ATOM   999  C CD2 . LEU A 1 135 ? -1.177  -7.967  -23.905 1.00 34.62 ? 135 LEU A CD2 1 
ATOM   1000 N N   . ASP A 1 136 ? -5.442  -5.444  -21.653 1.00 34.06 ? 136 ASP A N   1 
ATOM   1001 C CA  . ASP A 1 136 ? -6.837  -5.335  -21.239 1.00 35.35 ? 136 ASP A CA  1 
ATOM   1002 C C   . ASP A 1 136 ? -7.034  -4.173  -20.265 1.00 35.16 ? 136 ASP A C   1 
ATOM   1003 O O   . ASP A 1 136 ? -6.261  -4.011  -19.321 1.00 34.56 ? 136 ASP A O   1 
ATOM   1004 C CB  . ASP A 1 136 ? -7.280  -6.635  -20.566 1.00 37.55 ? 136 ASP A CB  1 
ATOM   1005 C CG  . ASP A 1 136 ? -8.780  -6.708  -20.368 1.00 41.70 ? 136 ASP A CG  1 
ATOM   1006 O OD1 . ASP A 1 136 ? -9.500  -6.878  -21.373 1.00 46.29 ? 136 ASP A OD1 1 
ATOM   1007 O OD2 . ASP A 1 136 ? -9.243  -6.589  -19.215 1.00 42.83 ? 136 ASP A OD2 1 
ATOM   1008 N N   . LYS A 1 137 ? -8.072  -3.373  -20.492 1.00 35.39 ? 137 LYS A N   1 
ATOM   1009 C CA  . LYS A 1 137 ? -8.363  -2.230  -19.626 1.00 36.42 ? 137 LYS A CA  1 
ATOM   1010 C C   . LYS A 1 137 ? -9.375  -2.564  -18.536 1.00 35.97 ? 137 LYS A C   1 
ATOM   1011 O O   . LYS A 1 137 ? -9.673  -1.727  -17.678 1.00 37.61 ? 137 LYS A O   1 
ATOM   1012 C CB  . LYS A 1 137 ? -8.891  -1.055  -20.451 1.00 38.12 ? 137 LYS A CB  1 
ATOM   1013 C CG  . LYS A 1 137 ? -7.820  -0.155  -21.045 1.00 40.90 ? 137 LYS A CG  1 
ATOM   1014 C CD  . LYS A 1 137 ? -6.969  -0.874  -22.072 1.00 44.51 ? 137 LYS A CD  1 
ATOM   1015 C CE  . LYS A 1 137 ? -5.951  0.078   -22.685 1.00 47.61 ? 137 LYS A CE  1 
ATOM   1016 N NZ  . LYS A 1 137 ? -5.126  -0.583  -23.735 1.00 49.84 ? 137 LYS A NZ  1 
ATOM   1017 N N   . GLY A 1 138 ? -9.893  -3.789  -18.564 1.00 33.94 ? 138 GLY A N   1 
ATOM   1018 C CA  . GLY A 1 138 ? -10.881 -4.200  -17.582 1.00 30.47 ? 138 GLY A CA  1 
ATOM   1019 C C   . GLY A 1 138 ? -10.360 -4.670  -16.235 1.00 28.98 ? 138 GLY A C   1 
ATOM   1020 O O   . GLY A 1 138 ? -11.146 -5.109  -15.397 1.00 27.79 ? 138 GLY A O   1 
ATOM   1021 N N   . MET A 1 139 ? -9.050  -4.593  -16.012 1.00 25.89 ? 139 MET A N   1 
ATOM   1022 C CA  . MET A 1 139 ? -8.482  -5.020  -14.732 1.00 25.18 ? 139 MET A CA  1 
ATOM   1023 C C   . MET A 1 139 ? -9.126  -4.263  -13.568 1.00 25.09 ? 139 MET A C   1 
ATOM   1024 O O   . MET A 1 139 ? -9.455  -3.083  -13.692 1.00 26.71 ? 139 MET A O   1 
ATOM   1025 C CB  . MET A 1 139 ? -6.971  -4.767  -14.696 1.00 23.69 ? 139 MET A CB  1 
ATOM   1026 C CG  . MET A 1 139 ? -6.137  -5.653  -15.609 1.00 22.55 ? 139 MET A CG  1 
ATOM   1027 S SD  . MET A 1 139 ? -4.389  -5.217  -15.469 1.00 25.46 ? 139 MET A SD  1 
ATOM   1028 C CE  . MET A 1 139 ? -4.281  -3.933  -16.727 1.00 26.16 ? 139 MET A CE  1 
ATOM   1029 N N   . VAL A 1 140 ? -9.287  -4.940  -12.438 1.00 23.60 ? 140 VAL A N   1 
ATOM   1030 C CA  . VAL A 1 140 ? -9.882  -4.320  -11.260 1.00 25.26 ? 140 VAL A CA  1 
ATOM   1031 C C   . VAL A 1 140 ? -8.903  -4.313  -10.092 1.00 23.96 ? 140 VAL A C   1 
ATOM   1032 O O   . VAL A 1 140 ? -8.327  -5.339  -9.747  1.00 24.80 ? 140 VAL A O   1 
ATOM   1033 C CB  . VAL A 1 140 ? -11.160 -5.054  -10.819 1.00 24.86 ? 140 VAL A CB  1 
ATOM   1034 C CG1 . VAL A 1 140 ? -11.695 -4.431  -9.533  1.00 26.68 ? 140 VAL A CG1 1 
ATOM   1035 C CG2 . VAL A 1 140 ? -12.211 -4.979  -11.926 1.00 27.33 ? 140 VAL A CG2 1 
ATOM   1036 N N   . ILE A 1 141 ? -8.725  -3.145  -9.486  1.00 23.79 ? 141 ILE A N   1 
ATOM   1037 C CA  . ILE A 1 141 ? -7.819  -3.003  -8.353  1.00 23.89 ? 141 ILE A CA  1 
ATOM   1038 C C   . ILE A 1 141 ? -8.585  -3.006  -7.037  1.00 25.67 ? 141 ILE A C   1 
ATOM   1039 O O   . ILE A 1 141 ? -9.627  -2.361  -6.915  1.00 26.01 ? 141 ILE A O   1 
ATOM   1040 C CB  . ILE A 1 141 ? -7.012  -1.675  -8.443  1.00 23.06 ? 141 ILE A CB  1 
ATOM   1041 C CG1 . ILE A 1 141 ? -6.096  -1.701  -9.670  1.00 22.19 ? 141 ILE A CG1 1 
ATOM   1042 C CG2 . ILE A 1 141 ? -6.192  -1.461  -7.166  1.00 23.09 ? 141 ILE A CG2 1 
ATOM   1043 C CD1 . ILE A 1 141 ? -5.358  -0.390  -9.912  1.00 22.55 ? 141 ILE A CD1 1 
ATOM   1044 N N   . GLY A 1 142 ? -8.076  -3.748  -6.058  1.00 27.37 ? 142 GLY A N   1 
ATOM   1045 C CA  . GLY A 1 142 ? -8.708  -3.773  -4.752  1.00 27.89 ? 142 GLY A CA  1 
ATOM   1046 C C   . GLY A 1 142 ? -9.726  -4.867  -4.521  1.00 28.66 ? 142 GLY A C   1 
ATOM   1047 O O   . GLY A 1 142 ? -9.915  -5.729  -5.375  1.00 28.30 ? 142 GLY A O   1 
ATOM   1048 N N   . PRO A 1 143 ? -10.422 -4.842  -3.372  1.00 29.24 ? 143 PRO A N   1 
ATOM   1049 C CA  . PRO A 1 143 ? -10.308 -3.849  -2.296  1.00 28.83 ? 143 PRO A CA  1 
ATOM   1050 C C   . PRO A 1 143 ? -8.934  -3.681  -1.645  1.00 26.89 ? 143 PRO A C   1 
ATOM   1051 O O   . PRO A 1 143 ? -8.122  -4.606  -1.608  1.00 24.83 ? 143 PRO A O   1 
ATOM   1052 C CB  . PRO A 1 143 ? -11.368 -4.306  -1.292  1.00 31.22 ? 143 PRO A CB  1 
ATOM   1053 C CG  . PRO A 1 143 ? -11.421 -5.783  -1.505  1.00 32.71 ? 143 PRO A CG  1 
ATOM   1054 C CD  . PRO A 1 143 ? -11.406 -5.876  -3.014  1.00 30.44 ? 143 PRO A CD  1 
ATOM   1055 N N   . THR A 1 144 ? -8.697  -2.476  -1.135  1.00 25.56 ? 144 THR A N   1 
ATOM   1056 C CA  . THR A 1 144 ? -7.446  -2.119  -0.474  1.00 23.35 ? 144 THR A CA  1 
ATOM   1057 C C   . THR A 1 144 ? -7.781  -1.829  0.984   1.00 25.18 ? 144 THR A C   1 
ATOM   1058 O O   . THR A 1 144 ? -8.704  -1.065  1.277   1.00 24.32 ? 144 THR A O   1 
ATOM   1059 C CB  . THR A 1 144 ? -6.834  -0.863  -1.132  1.00 22.90 ? 144 THR A CB  1 
ATOM   1060 O OG1 . THR A 1 144 ? -6.605  -1.127  -2.522  1.00 23.81 ? 144 THR A OG1 1 
ATOM   1061 C CG2 . THR A 1 144 ? -5.522  -0.477  -0.463  1.00 21.14 ? 144 THR A CG2 1 
ATOM   1062 N N   . TYR A 1 145 ? -7.029  -2.417  1.906   1.00 25.07 ? 145 TYR A N   1 
ATOM   1063 C CA  . TYR A 1 145 ? -7.325  -2.225  3.321   1.00 25.41 ? 145 TYR A CA  1 
ATOM   1064 C C   . TYR A 1 145 ? -6.125  -2.493  4.210   1.00 25.49 ? 145 TYR A C   1 
ATOM   1065 O O   . TYR A 1 145 ? -5.128  -3.070  3.774   1.00 25.59 ? 145 TYR A O   1 
ATOM   1066 C CB  . TYR A 1 145 ? -8.477  -3.155  3.717   1.00 27.98 ? 145 TYR A CB  1 
ATOM   1067 C CG  . TYR A 1 145 ? -8.258  -4.578  3.246   1.00 29.65 ? 145 TYR A CG  1 
ATOM   1068 C CD1 . TYR A 1 145 ? -7.484  -5.473  3.985   1.00 32.10 ? 145 TYR A CD1 1 
ATOM   1069 C CD2 . TYR A 1 145 ? -8.756  -5.001  2.014   1.00 32.79 ? 145 TYR A CD2 1 
ATOM   1070 C CE1 . TYR A 1 145 ? -7.205  -6.755  3.502   1.00 33.55 ? 145 TYR A CE1 1 
ATOM   1071 C CE2 . TYR A 1 145 ? -8.483  -6.275  1.522   1.00 34.48 ? 145 TYR A CE2 1 
ATOM   1072 C CZ  . TYR A 1 145 ? -7.705  -7.144  2.268   1.00 36.02 ? 145 TYR A CZ  1 
ATOM   1073 O OH  . TYR A 1 145 ? -7.407  -8.388  1.758   1.00 37.31 ? 145 TYR A OH  1 
ATOM   1074 N N   . LEU A 1 146 ? -6.232  -2.069  5.463   1.00 24.28 ? 146 LEU A N   1 
ATOM   1075 C CA  . LEU A 1 146 ? -5.163  -2.262  6.432   1.00 27.55 ? 146 LEU A CA  1 
ATOM   1076 C C   . LEU A 1 146 ? -5.308  -3.662  7.021   1.00 28.93 ? 146 LEU A C   1 
ATOM   1077 O O   . LEU A 1 146 ? -6.408  -4.075  7.399   1.00 29.05 ? 146 LEU A O   1 
ATOM   1078 C CB  . LEU A 1 146 ? -5.266  -1.213  7.548   1.00 27.13 ? 146 LEU A CB  1 
ATOM   1079 C CG  . LEU A 1 146 ? -4.130  -1.137  8.576   1.00 29.47 ? 146 LEU A CG  1 
ATOM   1080 C CD1 . LEU A 1 146 ? -2.846  -0.647  7.902   1.00 29.03 ? 146 LEU A CD1 1 
ATOM   1081 C CD2 . LEU A 1 146 ? -4.518  -0.181  9.696   1.00 29.82 ? 146 LEU A CD2 1 
ATOM   1082 N N   . VAL A 1 147 ? -4.203  -4.394  7.086   1.00 28.62 ? 147 VAL A N   1 
ATOM   1083 C CA  . VAL A 1 147 ? -4.215  -5.745  7.634   1.00 31.31 ? 147 VAL A CA  1 
ATOM   1084 C C   . VAL A 1 147 ? -3.906  -5.678  9.124   1.00 33.01 ? 147 VAL A C   1 
ATOM   1085 O O   . VAL A 1 147 ? -4.545  -6.357  9.933   1.00 34.06 ? 147 VAL A O   1 
ATOM   1086 C CB  . VAL A 1 147 ? -3.175  -6.644  6.926   1.00 31.30 ? 147 VAL A CB  1 
ATOM   1087 C CG1 . VAL A 1 147 ? -3.095  -8.002  7.621   1.00 33.31 ? 147 VAL A CG1 1 
ATOM   1088 C CG2 . VAL A 1 147 ? -3.564  -6.826  5.463   1.00 31.73 ? 147 VAL A CG2 1 
ATOM   1089 N N   . GLU A 1 148 ? -2.929  -4.851  9.485   1.00 33.20 ? 148 GLU A N   1 
ATOM   1090 C CA  . GLU A 1 148 ? -2.559  -4.685  10.883  1.00 36.35 ? 148 GLU A CA  1 
ATOM   1091 C C   . GLU A 1 148 ? -1.555  -3.555  11.073  1.00 36.67 ? 148 GLU A C   1 
ATOM   1092 O O   . GLU A 1 148 ? -0.929  -3.087  10.119  1.00 33.31 ? 148 GLU A O   1 
ATOM   1093 C CB  . GLU A 1 148 ? -1.977  -5.989  11.447  1.00 40.51 ? 148 GLU A CB  1 
ATOM   1094 C CG  . GLU A 1 148 ? -0.562  -6.306  11.000  1.00 45.28 ? 148 GLU A CG  1 
ATOM   1095 C CD  . GLU A 1 148 ? 0.014   -7.522  11.713  1.00 48.05 ? 148 GLU A CD  1 
ATOM   1096 O OE1 . GLU A 1 148 ? -0.016  -7.553  12.962  1.00 49.40 ? 148 GLU A OE1 1 
ATOM   1097 O OE2 . GLU A 1 148 ? 0.501   -8.445  11.025  1.00 49.44 ? 148 GLU A OE2 1 
ATOM   1098 N N   . LYS A 1 149 ? -1.428  -3.103  12.313  1.00 37.07 ? 149 LYS A N   1 
ATOM   1099 C CA  . LYS A 1 149 ? -0.488  -2.048  12.651  1.00 39.33 ? 149 LYS A CA  1 
ATOM   1100 C C   . LYS A 1 149 ? -0.101  -2.220  14.114  1.00 40.40 ? 149 LYS A C   1 
ATOM   1101 O O   . LYS A 1 149 ? -0.920  -2.634  14.938  1.00 39.60 ? 149 LYS A O   1 
ATOM   1102 C CB  . LYS A 1 149 ? -1.108  -0.668  12.432  1.00 41.14 ? 149 LYS A CB  1 
ATOM   1103 C CG  . LYS A 1 149 ? -2.127  -0.270  13.480  1.00 45.46 ? 149 LYS A CG  1 
ATOM   1104 C CD  . LYS A 1 149 ? -2.466  1.207   13.387  1.00 47.96 ? 149 LYS A CD  1 
ATOM   1105 C CE  . LYS A 1 149 ? -3.338  1.637   14.562  1.00 49.95 ? 149 LYS A CE  1 
ATOM   1106 N NZ  . LYS A 1 149 ? -2.651  1.420   15.871  1.00 50.51 ? 149 LYS A NZ  1 
ATOM   1107 N N   . THR A 1 150 ? 1.148   -1.912  14.432  1.00 41.49 ? 150 THR A N   1 
ATOM   1108 C CA  . THR A 1 150 ? 1.629   -2.041  15.797  1.00 44.08 ? 150 THR A CA  1 
ATOM   1109 C C   . THR A 1 150 ? 2.265   -0.741  16.262  1.00 46.66 ? 150 THR A C   1 
ATOM   1110 O O   . THR A 1 150 ? 2.736   0.056   15.450  1.00 45.01 ? 150 THR A O   1 
ATOM   1111 C CB  . THR A 1 150 ? 2.653   -3.187  15.915  1.00 44.52 ? 150 THR A CB  1 
ATOM   1112 O OG1 . THR A 1 150 ? 3.748   -2.949  15.022  1.00 45.50 ? 150 THR A OG1 1 
ATOM   1113 C CG2 . THR A 1 150 ? 2.000   -4.512  15.560  1.00 43.13 ? 150 THR A CG2 1 
ATOM   1114 N N   . GLY A 1 151 ? 2.266   -0.534  17.576  1.00 49.08 ? 151 GLY A N   1 
ATOM   1115 C CA  . GLY A 1 151 ? 2.835   0.677   18.138  1.00 53.50 ? 151 GLY A CA  1 
ATOM   1116 C C   . GLY A 1 151 ? 1.800   1.783   18.190  1.00 56.08 ? 151 GLY A C   1 
ATOM   1117 O O   . GLY A 1 151 ? 0.793   1.733   17.485  1.00 56.91 ? 151 GLY A O   1 
ATOM   1118 N N   . GLY A 1 152 ? 2.039   2.780   19.034  1.00 59.38 ? 152 GLY A N   1 
ATOM   1119 C CA  . GLY A 1 152 ? 1.102   3.885   19.138  1.00 63.09 ? 152 GLY A CA  1 
ATOM   1120 C C   . GLY A 1 152 ? 0.048   3.742   20.221  1.00 65.06 ? 152 GLY A C   1 
ATOM   1121 O O   . GLY A 1 152 ? -0.010  2.736   20.929  1.00 65.10 ? 152 GLY A O   1 
ATOM   1122 N N   . LYS A 1 153 ? -0.789  4.769   20.335  1.00 67.13 ? 153 LYS A N   1 
ATOM   1123 C CA  . LYS A 1 153 ? -1.864  4.825   21.321  1.00 68.96 ? 153 LYS A CA  1 
ATOM   1124 C C   . LYS A 1 153 ? -2.888  3.702   21.175  1.00 69.44 ? 153 LYS A C   1 
ATOM   1125 O O   . LYS A 1 153 ? -3.071  2.896   22.088  1.00 69.76 ? 153 LYS A O   1 
ATOM   1126 C CB  . LYS A 1 153 ? -2.574  6.179   21.216  1.00 69.77 ? 153 LYS A CB  1 
ATOM   1127 C CG  . LYS A 1 153 ? -3.871  6.292   22.002  1.00 70.81 ? 153 LYS A CG  1 
ATOM   1128 C CD  . LYS A 1 153 ? -4.585  7.591   21.661  1.00 72.11 ? 153 LYS A CD  1 
ATOM   1129 C CE  . LYS A 1 153 ? -5.951  7.679   22.322  1.00 73.27 ? 153 LYS A CE  1 
ATOM   1130 N NZ  . LYS A 1 153 ? -6.682  8.913   21.912  1.00 73.31 ? 153 LYS A NZ  1 
ATOM   1131 N N   . SER A 1 154 ? -3.551  3.661   20.023  1.00 69.77 ? 154 SER A N   1 
ATOM   1132 C CA  . SER A 1 154 ? -4.576  2.660   19.743  1.00 69.87 ? 154 SER A CA  1 
ATOM   1133 C C   . SER A 1 154 ? -4.082  1.216   19.821  1.00 69.18 ? 154 SER A C   1 
ATOM   1134 O O   . SER A 1 154 ? -4.785  0.292   19.410  1.00 69.57 ? 154 SER A O   1 
ATOM   1135 C CB  . SER A 1 154 ? -5.190  2.920   18.366  1.00 70.68 ? 154 SER A CB  1 
ATOM   1136 O OG  . SER A 1 154 ? -4.190  2.968   17.362  1.00 72.65 ? 154 SER A OG  1 
ATOM   1137 N N   . GLY A 1 155 ? -2.878  1.027   20.348  1.00 67.85 ? 155 GLY A N   1 
ATOM   1138 C CA  . GLY A 1 155 ? -2.329  -0.310  20.473  1.00 66.27 ? 155 GLY A CA  1 
ATOM   1139 C C   . GLY A 1 155 ? -2.285  -1.091  19.173  1.00 65.36 ? 155 GLY A C   1 
ATOM   1140 O O   . GLY A 1 155 ? -2.293  -0.517  18.084  1.00 65.47 ? 155 GLY A O   1 
ATOM   1141 N N   . HIS A 1 156 ? -2.248  -2.414  19.297  1.00 63.74 ? 156 HIS A N   1 
ATOM   1142 C CA  . HIS A 1 156 ? -2.186  -3.306  18.146  1.00 62.16 ? 156 HIS A CA  1 
ATOM   1143 C C   . HIS A 1 156 ? -3.535  -3.481  17.448  1.00 60.18 ? 156 HIS A C   1 
ATOM   1144 O O   . HIS A 1 156 ? -4.530  -3.835  18.080  1.00 60.33 ? 156 HIS A O   1 
ATOM   1145 C CB  . HIS A 1 156 ? -1.663  -4.677  18.592  1.00 63.37 ? 156 HIS A CB  1 
ATOM   1146 C CG  . HIS A 1 156 ? -1.433  -5.639  17.467  1.00 64.75 ? 156 HIS A CG  1 
ATOM   1147 N ND1 . HIS A 1 156 ? -1.064  -6.950  17.677  1.00 65.82 ? 156 HIS A ND1 1 
ATOM   1148 C CD2 . HIS A 1 156 ? -1.503  -5.481  16.123  1.00 65.23 ? 156 HIS A CD2 1 
ATOM   1149 C CE1 . HIS A 1 156 ? -0.917  -7.558  16.513  1.00 66.04 ? 156 HIS A CE1 1 
ATOM   1150 N NE2 . HIS A 1 156 ? -1.178  -6.688  15.553  1.00 65.66 ? 156 HIS A NE2 1 
ATOM   1151 N N   . TYR A 1 157 ? -3.554  -3.228  16.143  1.00 57.27 ? 157 TYR A N   1 
ATOM   1152 C CA  . TYR A 1 157 ? -4.763  -3.384  15.339  1.00 54.59 ? 157 TYR A CA  1 
ATOM   1153 C C   . TYR A 1 157 ? -4.572  -4.580  14.418  1.00 54.34 ? 157 TYR A C   1 
ATOM   1154 O O   . TYR A 1 157 ? -3.471  -4.819  13.922  1.00 52.73 ? 157 TYR A O   1 
ATOM   1155 C CB  . TYR A 1 157 ? -5.025  -2.142  14.483  1.00 52.24 ? 157 TYR A CB  1 
ATOM   1156 C CG  . TYR A 1 157 ? -6.114  -2.355  13.453  1.00 49.82 ? 157 TYR A CG  1 
ATOM   1157 C CD1 . TYR A 1 157 ? -7.460  -2.368  13.822  1.00 49.25 ? 157 TYR A CD1 1 
ATOM   1158 C CD2 . TYR A 1 157 ? -5.797  -2.594  12.115  1.00 48.43 ? 157 TYR A CD2 1 
ATOM   1159 C CE1 . TYR A 1 157 ? -8.463  -2.618  12.883  1.00 47.71 ? 157 TYR A CE1 1 
ATOM   1160 C CE2 . TYR A 1 157 ? -6.791  -2.846  11.171  1.00 47.33 ? 157 TYR A CE2 1 
ATOM   1161 C CZ  . TYR A 1 157 ? -8.121  -2.857  11.562  1.00 47.52 ? 157 TYR A CZ  1 
ATOM   1162 O OH  . TYR A 1 157 ? -9.105  -3.117  10.634  1.00 45.61 ? 157 TYR A OH  1 
ATOM   1163 N N   . ARG A 1 158 ? -5.644  -5.323  14.178  1.00 55.31 ? 158 ARG A N   1 
ATOM   1164 C CA  . ARG A 1 158 ? -5.558  -6.485  13.308  1.00 56.91 ? 158 ARG A CA  1 
ATOM   1165 C C   . ARG A 1 158 ? -6.926  -6.850  12.748  1.00 57.89 ? 158 ARG A C   1 
ATOM   1166 O O   . ARG A 1 158 ? -7.812  -7.286  13.483  1.00 57.75 ? 158 ARG A O   1 
ATOM   1167 C CB  . ARG A 1 158 ? -4.968  -7.665  14.081  1.00 58.48 ? 158 ARG A CB  1 
ATOM   1168 C CG  . ARG A 1 158 ? -4.434  -8.776  13.201  1.00 61.65 ? 158 ARG A CG  1 
ATOM   1169 C CD  . ARG A 1 158 ? -3.463  -9.644  13.978  1.00 64.56 ? 158 ARG A CD  1 
ATOM   1170 N NE  . ARG A 1 158 ? -2.712  -10.543 13.108  1.00 67.36 ? 158 ARG A NE  1 
ATOM   1171 C CZ  . ARG A 1 158 ? -1.660  -11.253 13.502  1.00 68.76 ? 158 ARG A CZ  1 
ATOM   1172 N NH1 . ARG A 1 158 ? -1.235  -11.168 14.756  1.00 69.01 ? 158 ARG A NH1 1 
ATOM   1173 N NH2 . ARG A 1 158 ? -1.032  -12.046 12.643  1.00 69.62 ? 158 ARG A NH2 1 
ATOM   1174 N N   . ARG A 1 159 ? -7.093  -6.664  11.443  1.00 58.23 ? 159 ARG A N   1 
ATOM   1175 C CA  . ARG A 1 159 ? -8.351  -6.974  10.780  1.00 60.23 ? 159 ARG A CA  1 
ATOM   1176 C C   . ARG A 1 159 ? -8.756  -8.422  11.022  1.00 62.00 ? 159 ARG A C   1 
ATOM   1177 O O   . ARG A 1 159 ? -7.963  -9.343  10.825  1.00 61.48 ? 159 ARG A O   1 
ATOM   1178 C CB  . ARG A 1 159 ? -8.240  -6.709  9.276   1.00 59.20 ? 159 ARG A CB  1 
ATOM   1179 C CG  . ARG A 1 159 ? -9.427  -7.207  8.463   1.00 58.22 ? 159 ARG A CG  1 
ATOM   1180 C CD  . ARG A 1 159 ? -9.297  -6.807  7.002   1.00 58.15 ? 159 ARG A CD  1 
ATOM   1181 N NE  . ARG A 1 159 ? -9.494  -5.373  6.819   1.00 57.79 ? 159 ARG A NE  1 
ATOM   1182 C CZ  . ARG A 1 159 ? -10.678 -4.769  6.871   1.00 58.00 ? 159 ARG A CZ  1 
ATOM   1183 N NH1 . ARG A 1 159 ? -11.776 -5.477  7.093   1.00 57.83 ? 159 ARG A NH1 1 
ATOM   1184 N NH2 . ARG A 1 159 ? -10.763 -3.455  6.710   1.00 56.92 ? 159 ARG A NH2 1 
ATOM   1185 N N   . LYS A 1 160 ? -9.996  -8.614  11.457  1.00 64.81 ? 160 LYS A N   1 
ATOM   1186 C CA  . LYS A 1 160 ? -10.522 -9.945  11.728  1.00 67.58 ? 160 LYS A CA  1 
ATOM   1187 C C   . LYS A 1 160 ? -10.799 -10.686 10.423  1.00 69.09 ? 160 LYS A C   1 
ATOM   1188 O O   . LYS A 1 160 ? -11.280 -10.098 9.454   1.00 69.32 ? 160 LYS A O   1 
ATOM   1189 C CB  . LYS A 1 160 ? -11.812 -9.847  12.550  1.00 68.29 ? 160 LYS A CB  1 
ATOM   1190 C CG  . LYS A 1 160 ? -12.950 -9.087  11.869  1.00 69.53 ? 160 LYS A CG  1 
ATOM   1191 C CD  . LYS A 1 160 ? -12.586 -7.631  11.599  1.00 70.54 ? 160 LYS A CD  1 
ATOM   1192 C CE  . LYS A 1 160 ? -12.202 -6.906  12.883  1.00 71.44 ? 160 LYS A CE  1 
ATOM   1193 N NZ  . LYS A 1 160 ? -11.718 -5.525  12.622  1.00 71.23 ? 160 LYS A NZ  1 
ATOM   1194 N N   . THR A 1 161 ? -10.487 -11.978 10.406  1.00 70.51 ? 161 THR A N   1 
ATOM   1195 C CA  . THR A 1 161 ? -10.698 -12.805 9.224   1.00 71.88 ? 161 THR A CA  1 
ATOM   1196 C C   . THR A 1 161 ? -11.359 -14.129 9.593   1.00 72.21 ? 161 THR A C   1 
ATOM   1197 O O   . THR A 1 161 ? -11.613 -14.343 10.798  1.00 72.72 ? 161 THR A O   1 
ATOM   1198 C CB  . THR A 1 161 ? -9.365  -13.102 8.505   1.00 72.19 ? 161 THR A CB  1 
ATOM   1199 O OG1 . THR A 1 161 ? -8.463  -13.747 9.413   1.00 72.47 ? 161 THR A OG1 1 
ATOM   1200 C CG2 . THR A 1 161 ? -8.733  -11.813 8.000   1.00 72.25 ? 161 THR A CG2 1 
HETATM 1201 O O   . HOH B 2 .   ? -4.838  14.215  4.538   1.00 22.13 ? 163 HOH A O   1 
HETATM 1202 O O   . HOH B 2 .   ? -10.489 -1.206  -15.166 1.00 23.39 ? 164 HOH A O   1 
HETATM 1203 O O   . HOH B 2 .   ? -1.984  14.420  -3.905  1.00 20.98 ? 165 HOH A O   1 
HETATM 1204 O O   . HOH B 2 .   ? -8.819  -0.317  -4.408  0.50 27.69 ? 166 HOH A O   1 
HETATM 1205 O O   . HOH B 2 .   ? 0.288   15.912  -4.335  1.00 28.98 ? 167 HOH A O   1 
HETATM 1206 O O   . HOH B 2 .   ? -5.275  9.885   12.406  1.00 33.75 ? 168 HOH A O   1 
HETATM 1207 O O   . HOH B 2 .   ? 5.654   -10.217 -15.410 1.00 28.93 ? 169 HOH A O   1 
HETATM 1208 O O   . HOH B 2 .   ? 12.711  -2.970  -15.687 1.00 23.89 ? 170 HOH A O   1 
HETATM 1209 O O   . HOH B 2 .   ? -2.363  -19.241 -9.276  1.00 30.40 ? 171 HOH A O   1 
HETATM 1210 O O   . HOH B 2 .   ? 13.785  -6.015  5.694   1.00 34.13 ? 172 HOH A O   1 
HETATM 1211 O O   . HOH B 2 .   ? 4.681   -7.347  2.888   1.00 27.05 ? 173 HOH A O   1 
HETATM 1212 O O   . HOH B 2 .   ? -8.828  -7.153  -7.489  1.00 32.45 ? 174 HOH A O   1 
HETATM 1213 O O   . HOH B 2 .   ? 5.473   -15.249 -22.492 1.00 29.72 ? 175 HOH A O   1 
HETATM 1214 O O   . HOH B 2 .   ? 8.362   -9.250  -3.925  1.00 29.84 ? 176 HOH A O   1 
HETATM 1215 O O   . HOH B 2 .   ? 6.278   10.388  2.947   1.00 36.96 ? 177 HOH A O   1 
HETATM 1216 O O   . HOH B 2 .   ? 1.889   1.882   12.128  1.00 33.53 ? 178 HOH A O   1 
HETATM 1217 O O   . HOH B 2 .   ? 10.309  7.987   -3.627  1.00 28.39 ? 179 HOH A O   1 
HETATM 1218 O O   . HOH B 2 .   ? -0.182  7.025   8.569   1.00 35.78 ? 180 HOH A O   1 
HETATM 1219 O O   . HOH B 2 .   ? 12.331  -7.446  -16.281 1.00 33.51 ? 181 HOH A O   1 
HETATM 1220 O O   . HOH B 2 .   ? 11.998  -3.833  4.792   1.00 34.35 ? 182 HOH A O   1 
HETATM 1221 O O   . HOH B 2 .   ? -8.261  -7.879  -17.116 1.00 34.78 ? 183 HOH A O   1 
HETATM 1222 O O   . HOH B 2 .   ? -7.455  10.675  11.301  1.00 27.02 ? 184 HOH A O   1 
HETATM 1223 O O   . HOH B 2 .   ? 11.231  -5.379  -15.103 1.00 30.19 ? 185 HOH A O   1 
HETATM 1224 O O   . HOH B 2 .   ? -8.025  -7.243  -2.513  1.00 31.02 ? 186 HOH A O   1 
HETATM 1225 O O   . HOH B 2 .   ? 0.456   -11.299 -0.797  1.00 36.61 ? 187 HOH A O   1 
HETATM 1226 O O   . HOH B 2 .   ? 3.525   -15.666 -2.412  1.00 37.76 ? 188 HOH A O   1 
HETATM 1227 O O   . HOH B 2 .   ? 6.496   -13.207 -18.438 1.00 38.63 ? 189 HOH A O   1 
HETATM 1228 O O   . HOH B 2 .   ? 3.557   -12.737 -12.298 1.00 37.95 ? 190 HOH A O   1 
HETATM 1229 O O   . HOH B 2 .   ? -4.816  1.984   -6.322  1.00 27.74 ? 191 HOH A O   1 
HETATM 1230 O O   . HOH B 2 .   ? -1.687  14.529  10.569  1.00 30.87 ? 192 HOH A O   1 
HETATM 1231 O O   . HOH B 2 .   ? 7.356   -7.001  -25.299 1.00 40.60 ? 193 HOH A O   1 
HETATM 1232 O O   . HOH B 2 .   ? 1.365   -18.921 -19.574 1.00 35.00 ? 194 HOH A O   1 
HETATM 1233 O O   . HOH B 2 .   ? -6.696  17.586  16.812  1.00 43.63 ? 195 HOH A O   1 
HETATM 1234 O O   . HOH B 2 .   ? -4.062  -17.183 -10.148 1.00 34.53 ? 196 HOH A O   1 
HETATM 1235 O O   . HOH B 2 .   ? 9.304   -3.593  5.901   1.00 39.32 ? 197 HOH A O   1 
HETATM 1236 O O   . HOH B 2 .   ? -16.951 14.649  16.917  1.00 38.19 ? 198 HOH A O   1 
HETATM 1237 O O   . HOH B 2 .   ? 1.025   11.135  9.517   1.00 38.42 ? 199 HOH A O   1 
HETATM 1238 O O   . HOH B 2 .   ? -8.110  -13.405 -21.547 1.00 39.20 ? 200 HOH A O   1 
HETATM 1239 O O   . HOH B 2 .   ? 7.429   13.936  11.043  1.00 34.86 ? 201 HOH A O   1 
HETATM 1240 O O   . HOH B 2 .   ? -10.351 -13.881 -18.948 1.00 42.43 ? 202 HOH A O   1 
HETATM 1241 O O   . HOH B 2 .   ? -9.016  13.120  11.646  1.00 28.88 ? 203 HOH A O   1 
HETATM 1242 O O   . HOH B 2 .   ? 1.177   -2.498  19.465  1.00 47.97 ? 204 HOH A O   1 
HETATM 1243 O O   . HOH B 2 .   ? 10.194  -15.994 -13.864 1.00 54.68 ? 205 HOH A O   1 
HETATM 1244 O O   . HOH B 2 .   ? 9.357   12.825  -0.987  1.00 45.05 ? 206 HOH A O   1 
HETATM 1245 O O   . HOH B 2 .   ? 6.021   -11.547 -12.936 1.00 48.82 ? 207 HOH A O   1 
HETATM 1246 O O   . HOH B 2 .   ? 4.495   -8.288  6.990   1.00 36.27 ? 208 HOH A O   1 
HETATM 1247 O O   . HOH B 2 .   ? -1.840  11.274  9.665   1.00 57.33 ? 209 HOH A O   1 
HETATM 1248 O O   . HOH B 2 .   ? 1.788   -17.045 -6.633  1.00 36.27 ? 210 HOH A O   1 
HETATM 1249 O O   . HOH B 2 .   ? 1.488   2.928   14.798  1.00 44.04 ? 211 HOH A O   1 
HETATM 1250 O O   . HOH B 2 .   ? -11.119 -8.053  -13.743 1.00 54.87 ? 212 HOH A O   1 
HETATM 1251 O O   . HOH B 2 .   ? 7.970   11.095  14.544  1.00 60.87 ? 213 HOH A O   1 
HETATM 1252 O O   . HOH B 2 .   ? -5.172  -13.114 0.686   1.00 54.27 ? 214 HOH A O   1 
HETATM 1253 O O   . HOH B 2 .   ? -6.038  -20.038 -16.497 1.00 51.45 ? 215 HOH A O   1 
HETATM 1254 O O   . HOH B 2 .   ? -9.777  -3.526  -23.122 1.00 56.87 ? 216 HOH A O   1 
HETATM 1255 O O   . HOH B 2 .   ? 6.141   9.647   5.426   1.00 52.72 ? 217 HOH A O   1 
HETATM 1256 O O   . HOH B 2 .   ? 3.122   -15.661 -23.427 1.00 31.90 ? 218 HOH A O   1 
HETATM 1257 O O   . HOH B 2 .   ? -0.669  6.732   15.362  1.00 57.30 ? 219 HOH A O   1 
HETATM 1258 O O   . HOH B 2 .   ? -7.126  -11.246 -0.524  1.00 59.59 ? 220 HOH A O   1 
HETATM 1259 O O   . HOH B 2 .   ? -1.011  -13.520 0.367   1.00 51.64 ? 221 HOH A O   1 
HETATM 1260 O O   . HOH B 2 .   ? 9.161   -6.299  6.394   1.00 47.25 ? 222 HOH A O   1 
HETATM 1261 O O   . HOH B 2 .   ? 5.341   -7.571  10.037  1.00 53.49 ? 223 HOH A O   1 
HETATM 1262 O O   . HOH B 2 .   ? -6.926  -10.014 -22.162 1.00 50.73 ? 224 HOH A O   1 
HETATM 1263 O O   . HOH B 2 .   ? -10.543 -15.108 -16.701 1.00 52.85 ? 225 HOH A O   1 
HETATM 1264 O O   . HOH B 2 .   ? -7.661  -5.008  16.501  1.00 51.93 ? 226 HOH A O   1 
HETATM 1265 O O   . HOH B 2 .   ? -10.566 -8.726  -15.775 1.00 49.56 ? 227 HOH A O   1 
HETATM 1266 O O   . HOH B 2 .   ? -9.044  -7.519  -24.032 1.00 51.19 ? 228 HOH A O   1 
HETATM 1267 O O   . HOH B 2 .   ? -6.412  -8.922  -1.469  1.00 53.73 ? 229 HOH A O   1 
HETATM 1268 O O   . HOH B 2 .   ? 10.661  -10.355 1.964   1.00 45.87 ? 230 HOH A O   1 
HETATM 1269 O O   . HOH B 2 .   ? -0.791  4.139   14.502  1.00 53.79 ? 231 HOH A O   1 
HETATM 1270 O O   . HOH B 2 .   ? 13.423  -11.237 -16.411 1.00 60.58 ? 232 HOH A O   1 
HETATM 1271 O O   . HOH B 2 .   ? -5.040  10.981  14.492  1.00 42.09 ? 233 HOH A O   1 
HETATM 1272 O O   . HOH B 2 .   ? 8.488   -8.747  -22.107 1.00 36.93 ? 234 HOH A O   1 
HETATM 1273 O O   . HOH B 2 .   ? 6.433   12.046  26.660  1.00 69.31 ? 235 HOH A O   1 
HETATM 1274 O O   . HOH B 2 .   ? 5.083   6.449   20.026  1.00 47.87 ? 236 HOH A O   1 
HETATM 1275 O O   . HOH B 2 .   ? 7.225   -8.487  3.189   1.00 46.61 ? 237 HOH A O   1 
HETATM 1276 O O   . HOH B 2 .   ? 0.436   -18.549 -10.333 1.00 30.95 ? 238 HOH A O   1 
HETATM 1277 O O   . HOH B 2 .   ? -0.641  7.682   11.607  1.00 47.88 ? 239 HOH A O   1 
HETATM 1278 O O   . HOH B 2 .   ? -6.084  1.001   -3.989  1.00 35.93 ? 240 HOH A O   1 
HETATM 1279 O O   . HOH B 2 .   ? -9.781  -9.241  -1.538  1.00 42.30 ? 241 HOH A O   1 
HETATM 1280 O O   . HOH B 2 .   ? -12.770 -9.169  -1.279  1.00 62.37 ? 242 HOH A O   1 
HETATM 1281 O O   . HOH B 2 .   ? -13.419 -6.441  1.886   1.00 55.65 ? 243 HOH A O   1 
HETATM 1282 O O   . HOH B 2 .   ? -11.804 -7.220  3.525   1.00 62.68 ? 244 HOH A O   1 
HETATM 1283 O O   . HOH B 2 .   ? -12.089 -7.351  -6.157  1.00 43.92 ? 245 HOH A O   1 
HETATM 1284 O O   . HOH B 2 .   ? -12.151 -3.942  10.929  1.00 52.39 ? 246 HOH A O   1 
HETATM 1285 O O   . HOH B 2 .   ? -9.865  17.510  14.333  1.00 40.25 ? 247 HOH A O   1 
HETATM 1286 O O   . HOH B 2 .   ? -12.772 21.254  13.607  1.00 45.51 ? 248 HOH A O   1 
HETATM 1287 O O   . HOH B 2 .   ? 13.746  -9.960  2.880   1.00 45.89 ? 249 HOH A O   1 
HETATM 1288 O O   . HOH B 2 .   ? 8.267   -10.300 0.443   1.00 44.26 ? 250 HOH A O   1 
HETATM 1289 O O   . HOH B 2 .   ? -12.129 31.495  13.633  1.00 52.22 ? 251 HOH A O   1 
HETATM 1290 O O   . HOH B 2 .   ? 9.386   15.407  19.894  1.00 54.45 ? 252 HOH A O   1 
HETATM 1291 O O   . HOH B 2 .   ? 4.001   -10.073 3.277   1.00 47.23 ? 253 HOH A O   1 
HETATM 1292 O O   . HOH B 2 .   ? 2.455   -10.184 6.253   1.00 54.67 ? 254 HOH A O   1 
HETATM 1293 O O   . HOH B 2 .   ? 0.388   -10.180 7.071   1.00 57.99 ? 255 HOH A O   1 
HETATM 1294 O O   . HOH B 2 .   ? -6.607  -9.322  7.053   1.00 56.25 ? 256 HOH A O   1 
HETATM 1295 O O   . HOH B 2 .   ? -8.297  -14.396 -14.968 1.00 37.76 ? 257 HOH A O   1 
HETATM 1296 O O   . HOH B 2 .   ? -4.064  -20.275 -18.830 1.00 39.97 ? 258 HOH A O   1 
HETATM 1297 O O   . HOH B 2 .   ? 7.002   -14.354 -16.218 1.00 57.42 ? 259 HOH A O   1 
HETATM 1298 O O   . HOH B 2 .   ? 10.902  -14.228 -26.082 1.00 50.70 ? 260 HOH A O   1 
HETATM 1299 O O   . HOH B 2 .   ? 12.970  -9.905  -12.114 1.00 43.51 ? 261 HOH A O   1 
HETATM 1300 O O   . HOH B 2 .   ? 11.031  10.173  -2.040  1.00 37.20 ? 262 HOH A O   1 
HETATM 1301 O O   . HOH B 2 .   ? 10.135  10.266  2.035   1.00 47.34 ? 263 HOH A O   1 
HETATM 1302 O O   . HOH B 2 .   ? 1.851   -12.717 0.259   1.00 42.88 ? 264 HOH A O   1 
HETATM 1303 O O   . HOH B 2 .   ? 6.085   -11.118 -17.815 1.00 45.81 ? 265 HOH A O   1 
HETATM 1304 O O   . HOH B 2 .   ? -4.069  13.619  18.177  1.00 51.34 ? 266 HOH A O   1 
HETATM 1305 O O   . HOH B 2 .   ? -6.049  19.889  19.335  1.00 58.90 ? 267 HOH A O   1 
HETATM 1306 O O   . HOH B 2 .   ? 8.414   -13.113 -14.232 1.00 56.84 ? 268 HOH A O   1 
HETATM 1307 O O   . HOH B 2 .   ? 9.970   9.101   -6.192  1.00 32.89 ? 269 HOH A O   1 
HETATM 1308 O O   . HOH B 2 .   ? 10.696  14.736  0.267   0.50 50.66 ? 270 HOH A O   1 
HETATM 1309 O O   . HOH B 2 .   ? 11.514  10.847  0.267   1.00 57.45 ? 271 HOH A O   1 
HETATM 1310 O O   . HOH B 2 .   ? 13.746  14.147  7.413   1.00 50.92 ? 272 HOH A O   1 
HETATM 1311 O O   . HOH B 2 .   ? -5.815  -10.942 4.499   1.00 59.17 ? 273 HOH A O   1 
HETATM 1312 O O   . HOH B 2 .   ? -9.429  20.872  16.685  1.00 64.40 ? 274 HOH A O   1 
HETATM 1313 O O   . HOH B 2 .   ? 1.504   16.198  20.930  1.00 54.73 ? 275 HOH A O   1 
HETATM 1314 O O   . HOH B 2 .   ? 4.480   -20.903 -16.919 0.50 43.12 ? 276 HOH A O   1 
HETATM 1315 O O   . HOH B 2 .   ? -4.658  -19.318 -7.525  1.00 51.28 ? 277 HOH A O   1 
HETATM 1316 O O   . HOH B 2 .   ? 1.569   -20.128 -16.789 1.00 58.68 ? 278 HOH A O   1 
HETATM 1317 O O   . HOH B 2 .   ? -5.648  15.886  18.372  1.00 52.96 ? 279 HOH A O   1 
HETATM 1318 O O   . HOH B 2 .   ? 8.443   -19.858 -18.535 1.00 45.36 ? 280 HOH A O   1 
HETATM 1319 O O   . HOH B 2 .   ? 7.377   -20.434 -16.665 0.50 51.21 ? 281 HOH A O   1 
HETATM 1320 O O   . HOH B 2 .   ? 9.438   8.296   11.890  1.00 52.99 ? 282 HOH A O   1 
HETATM 1321 O O   . HOH B 2 .   ? -11.306 17.075  17.511  1.00 61.62 ? 283 HOH A O   1 
HETATM 1322 O O   . HOH B 2 .   ? 12.769  -18.836 -24.169 1.00 56.14 ? 284 HOH A O   1 
HETATM 1323 O O   . HOH B 2 .   ? 11.292  -7.645  4.667   1.00 52.80 ? 285 HOH A O   1 
HETATM 1324 O O   . HOH B 2 .   ? 2.207   -11.437 2.620   1.00 49.35 ? 286 HOH A O   1 
HETATM 1325 O O   . HOH B 2 .   ? -3.837  1.247   -23.841 1.00 64.84 ? 287 HOH A O   1 
HETATM 1326 O O   . HOH B 2 .   ? 10.210  11.733  4.550   1.00 55.46 ? 288 HOH A O   1 
HETATM 1327 O O   . HOH B 2 .   ? 11.867  13.913  4.047   0.50 57.05 ? 289 HOH A O   1 
HETATM 1328 O O   . HOH B 2 .   ? 10.495  -10.049 6.537   1.00 57.17 ? 290 HOH A O   1 
# 
loop_
_pdbx_poly_seq_scheme.asym_id 
_pdbx_poly_seq_scheme.entity_id 
_pdbx_poly_seq_scheme.seq_id 
_pdbx_poly_seq_scheme.mon_id 
_pdbx_poly_seq_scheme.ndb_seq_num 
_pdbx_poly_seq_scheme.pdb_seq_num 
_pdbx_poly_seq_scheme.auth_seq_num 
_pdbx_poly_seq_scheme.pdb_mon_id 
_pdbx_poly_seq_scheme.auth_mon_id 
_pdbx_poly_seq_scheme.pdb_strand_id 
_pdbx_poly_seq_scheme.pdb_ins_code 
_pdbx_poly_seq_scheme.hetero 
A 1 1   MET 1   1   ?   ?   ?   A . n 
A 1 2   SER 2   2   2   SER SER A . n 
A 1 3   SER 3   3   3   SER SER A . n 
A 1 4   PHE 4   4   4   PHE PHE A . n 
A 1 5   THR 5   5   5   THR THR A . n 
A 1 6   HIS 6   6   6   HIS HIS A . n 
A 1 7   PHE 7   7   7   PHE PHE A . n 
A 1 8   ASN 8   8   8   ASN ASN A . n 
A 1 9   GLU 9   9   9   GLU GLU A . n 
A 1 10  GLN 10  10  10  GLN GLN A . n 
A 1 11  GLY 11  11  11  GLY GLY A . n 
A 1 12  ARG 12  12  12  ARG ARG A . n 
A 1 13  ALA 13  13  13  ALA ALA A . n 
A 1 14  LYS 14  14  14  LYS LYS A . n 
A 1 15  MET 15  15  15  MET MET A . n 
A 1 16  VAL 16  16  16  VAL VAL A . n 
A 1 17  ASP 17  17  17  ASP ASP A . n 
A 1 18  ILE 18  18  18  ILE ILE A . n 
A 1 19  THR 19  19  19  THR THR A . n 
A 1 20  HIS 20  20  20  HIS HIS A . n 
A 1 21  LYS 21  21  21  LYS LYS A . n 
A 1 22  GLU 22  22  22  GLU GLU A . n 
A 1 23  ASP 23  23  23  ASP ASP A . n 
A 1 24  THR 24  24  24  THR THR A . n 
A 1 25  VAL 25  25  25  VAL VAL A . n 
A 1 26  ARG 26  26  26  ARG ARG A . n 
A 1 27  VAL 27  27  27  VAL VAL A . n 
A 1 28  ALA 28  28  28  ALA ALA A . n 
A 1 29  VAL 29  29  29  VAL VAL A . n 
A 1 30  ALA 30  30  30  ALA ALA A . n 
A 1 31  GLN 31  31  31  GLN GLN A . n 
A 1 32  THR 32  32  32  THR THR A . n 
A 1 33  SER 33  33  33  SER SER A . n 
A 1 34  VAL 34  34  34  VAL VAL A . n 
A 1 35  THR 35  35  35  THR THR A . n 
A 1 36  VAL 36  36  36  VAL VAL A . n 
A 1 37  SER 37  37  37  SER SER A . n 
A 1 38  ARG 38  38  38  ARG ARG A . n 
A 1 39  GLU 39  39  39  GLU GLU A . n 
A 1 40  ILE 40  40  40  ILE ILE A . n 
A 1 41  TYR 41  41  41  TYR TYR A . n 
A 1 42  GLU 42  42  42  GLU GLU A . n 
A 1 43  LYS 43  43  43  LYS LYS A . n 
A 1 44  MET 44  44  44  MET MET A . n 
A 1 45  THR 45  45  45  THR THR A . n 
A 1 46  SER 46  46  46  SER SER A . n 
A 1 47  ASN 47  47  47  ASN ASN A . n 
A 1 48  ALA 48  48  48  ALA ALA A . n 
A 1 49  ILE 49  49  49  ILE ILE A . n 
A 1 50  GLU 50  50  50  GLU GLU A . n 
A 1 51  LYS 51  51  51  LYS LYS A . n 
A 1 52  GLY 52  52  52  GLY GLY A . n 
A 1 53  ASP 53  53  53  ASP ASP A . n 
A 1 54  VAL 54  54  54  VAL VAL A . n 
A 1 55  LEU 55  55  55  LEU LEU A . n 
A 1 56  ALA 56  56  56  ALA ALA A . n 
A 1 57  VAL 57  57  57  VAL VAL A . n 
A 1 58  ALA 58  58  58  ALA ALA A . n 
A 1 59  GLN 59  59  59  GLN GLN A . n 
A 1 60  VAL 60  60  60  VAL VAL A . n 
A 1 61  ALA 61  61  61  ALA ALA A . n 
A 1 62  GLY 62  62  62  GLY GLY A . n 
A 1 63  VAL 63  63  63  VAL VAL A . n 
A 1 64  MET 64  64  64  MET MET A . n 
A 1 65  ALA 65  65  65  ALA ALA A . n 
A 1 66  ALA 66  66  66  ALA ALA A . n 
A 1 67  LYS 67  67  67  LYS LYS A . n 
A 1 68  LYS 68  68  68  LYS LYS A . n 
A 1 69  THR 69  69  69  THR THR A . n 
A 1 70  ALA 70  70  70  ALA ALA A . n 
A 1 71  ASP 71  71  71  ASP ASP A . n 
A 1 72  LEU 72  72  72  LEU LEU A . n 
A 1 73  ILE 73  73  73  ILE ILE A . n 
A 1 74  PRO 74  74  74  PRO PRO A . n 
A 1 75  MET 75  75  75  MET MET A . n 
A 1 76  CYS 76  76  76  CYS CYS A . n 
A 1 77  HIS 77  77  77  HIS HIS A . n 
A 1 78  PRO 78  78  78  PRO PRO A . n 
A 1 79  LEU 79  79  79  LEU LEU A . n 
A 1 80  MET 80  80  80  MET MET A . n 
A 1 81  LEU 81  81  81  LEU LEU A . n 
A 1 82  LYS 82  82  82  LYS LYS A . n 
A 1 83  GLY 83  83  83  GLY GLY A . n 
A 1 84  VAL 84  84  84  VAL VAL A . n 
A 1 85  ASP 85  85  85  ASP ASP A . n 
A 1 86  ILE 86  86  86  ILE ILE A . n 
A 1 87  ALA 87  87  87  ALA ALA A . n 
A 1 88  PHE 88  88  88  PHE PHE A . n 
A 1 89  ALA 89  89  89  ALA ALA A . n 
A 1 90  TRP 90  90  90  TRP TRP A . n 
A 1 91  GLU 91  91  91  GLU GLU A . n 
A 1 92  ASN 92  92  92  ASN ASN A . n 
A 1 93  ASP 93  93  93  ASP ASP A . n 
A 1 94  GLY 94  94  94  GLY GLY A . n 
A 1 95  GLU 95  95  95  GLU GLU A . n 
A 1 96  ALA 96  96  96  ALA ALA A . n 
A 1 97  HIS 97  97  97  HIS HIS A . n 
A 1 98  LYS 98  98  98  LYS LYS A . n 
A 1 99  LEU 99  99  99  LEU LEU A . n 
A 1 100 VAL 100 100 100 VAL VAL A . n 
A 1 101 ILE 101 101 101 ILE ILE A . n 
A 1 102 THR 102 102 102 THR THR A . n 
A 1 103 ALA 103 103 103 ALA ALA A . n 
A 1 104 THR 104 104 104 THR THR A . n 
A 1 105 VAL 105 105 105 VAL VAL A . n 
A 1 106 LYS 106 106 106 LYS LYS A . n 
A 1 107 THR 107 107 107 THR THR A . n 
A 1 108 LYS 108 108 108 LYS LYS A . n 
A 1 109 GLY 109 109 109 GLY GLY A . n 
A 1 110 SER 110 110 110 SER SER A . n 
A 1 111 THR 111 111 111 THR THR A . n 
A 1 112 GLY 112 112 112 GLY GLY A . n 
A 1 113 VAL 113 113 113 VAL VAL A . n 
A 1 114 GLU 114 114 114 GLU GLU A . n 
A 1 115 MET 115 115 115 MET MET A . n 
A 1 116 GLU 116 116 116 GLU GLU A . n 
A 1 117 ALA 117 117 117 ALA ALA A . n 
A 1 118 LEU 118 118 118 LEU LEU A . n 
A 1 119 THR 119 119 119 THR THR A . n 
A 1 120 ALA 120 120 120 ALA ALA A . n 
A 1 121 ALA 121 121 121 ALA ALA A . n 
A 1 122 SER 122 122 122 SER SER A . n 
A 1 123 VAL 123 123 123 VAL VAL A . n 
A 1 124 CYS 124 124 124 CYS CYS A . n 
A 1 125 ALA 125 125 125 ALA ALA A . n 
A 1 126 LEU 126 126 126 LEU LEU A . n 
A 1 127 THR 127 127 127 THR THR A . n 
A 1 128 VAL 128 128 128 VAL VAL A . n 
A 1 129 TYR 129 129 129 TYR TYR A . n 
A 1 130 ASP 130 130 130 ASP ASP A . n 
A 1 131 MET 131 131 131 MET MET A . n 
A 1 132 CYS 132 132 132 CYS CYS A . n 
A 1 133 LYS 133 133 133 LYS LYS A . n 
A 1 134 ALA 134 134 134 ALA ALA A . n 
A 1 135 LEU 135 135 135 LEU LEU A . n 
A 1 136 ASP 136 136 136 ASP ASP A . n 
A 1 137 LYS 137 137 137 LYS LYS A . n 
A 1 138 GLY 138 138 138 GLY GLY A . n 
A 1 139 MET 139 139 139 MET MET A . n 
A 1 140 VAL 140 140 140 VAL VAL A . n 
A 1 141 ILE 141 141 141 ILE ILE A . n 
A 1 142 GLY 142 142 142 GLY GLY A . n 
A 1 143 PRO 143 143 143 PRO PRO A . n 
A 1 144 THR 144 144 144 THR THR A . n 
A 1 145 TYR 145 145 145 TYR TYR A . n 
A 1 146 LEU 146 146 146 LEU LEU A . n 
A 1 147 VAL 147 147 147 VAL VAL A . n 
A 1 148 GLU 148 148 148 GLU GLU A . n 
A 1 149 LYS 149 149 149 LYS LYS A . n 
A 1 150 THR 150 150 150 THR THR A . n 
A 1 151 GLY 151 151 151 GLY GLY A . n 
A 1 152 GLY 152 152 152 GLY GLY A . n 
A 1 153 LYS 153 153 153 LYS LYS A . n 
A 1 154 SER 154 154 154 SER SER A . n 
A 1 155 GLY 155 155 155 GLY GLY A . n 
A 1 156 HIS 156 156 156 HIS HIS A . n 
A 1 157 TYR 157 157 157 TYR TYR A . n 
A 1 158 ARG 158 158 158 ARG ARG A . n 
A 1 159 ARG 159 159 159 ARG ARG A . n 
A 1 160 LYS 160 160 160 LYS LYS A . n 
A 1 161 THR 161 161 161 THR THR A . n 
A 1 162 ASP 162 162 ?   ?   ?   A . n 
# 
_pdbx_SG_project.id                    1 
_pdbx_SG_project.project_name          'NPPSFA, National Project on Protein Structural and Functional Analyses' 
_pdbx_SG_project.full_name_of_center   'RIKEN Structural Genomics/Proteomics Initiative' 
_pdbx_SG_project.initial_of_center     RSGI 
# 
loop_
_pdbx_nonpoly_scheme.asym_id 
_pdbx_nonpoly_scheme.entity_id 
_pdbx_nonpoly_scheme.mon_id 
_pdbx_nonpoly_scheme.ndb_seq_num 
_pdbx_nonpoly_scheme.pdb_seq_num 
_pdbx_nonpoly_scheme.auth_seq_num 
_pdbx_nonpoly_scheme.pdb_mon_id 
_pdbx_nonpoly_scheme.auth_mon_id 
_pdbx_nonpoly_scheme.pdb_strand_id 
_pdbx_nonpoly_scheme.pdb_ins_code 
B 2 HOH 1   163 1   HOH HOH A . 
B 2 HOH 2   164 2   HOH HOH A . 
B 2 HOH 3   165 3   HOH HOH A . 
B 2 HOH 4   166 4   HOH HOH A . 
B 2 HOH 5   167 5   HOH HOH A . 
B 2 HOH 6   168 6   HOH HOH A . 
B 2 HOH 7   169 7   HOH HOH A . 
B 2 HOH 8   170 8   HOH HOH A . 
B 2 HOH 9   171 9   HOH HOH A . 
B 2 HOH 10  172 10  HOH HOH A . 
B 2 HOH 11  173 11  HOH HOH A . 
B 2 HOH 12  174 12  HOH HOH A . 
B 2 HOH 13  175 13  HOH HOH A . 
B 2 HOH 14  176 14  HOH HOH A . 
B 2 HOH 15  177 15  HOH HOH A . 
B 2 HOH 16  178 16  HOH HOH A . 
B 2 HOH 17  179 17  HOH HOH A . 
B 2 HOH 18  180 18  HOH HOH A . 
B 2 HOH 19  181 19  HOH HOH A . 
B 2 HOH 20  182 20  HOH HOH A . 
B 2 HOH 21  183 21  HOH HOH A . 
B 2 HOH 22  184 22  HOH HOH A . 
B 2 HOH 23  185 23  HOH HOH A . 
B 2 HOH 24  186 24  HOH HOH A . 
B 2 HOH 25  187 25  HOH HOH A . 
B 2 HOH 26  188 26  HOH HOH A . 
B 2 HOH 27  189 27  HOH HOH A . 
B 2 HOH 28  190 28  HOH HOH A . 
B 2 HOH 29  191 29  HOH HOH A . 
B 2 HOH 30  192 30  HOH HOH A . 
B 2 HOH 31  193 31  HOH HOH A . 
B 2 HOH 32  194 32  HOH HOH A . 
B 2 HOH 33  195 33  HOH HOH A . 
B 2 HOH 34  196 34  HOH HOH A . 
B 2 HOH 35  197 35  HOH HOH A . 
B 2 HOH 36  198 36  HOH HOH A . 
B 2 HOH 37  199 37  HOH HOH A . 
B 2 HOH 38  200 38  HOH HOH A . 
B 2 HOH 39  201 39  HOH HOH A . 
B 2 HOH 40  202 40  HOH HOH A . 
B 2 HOH 41  203 41  HOH HOH A . 
B 2 HOH 42  204 42  HOH HOH A . 
B 2 HOH 43  205 43  HOH HOH A . 
B 2 HOH 44  206 44  HOH HOH A . 
B 2 HOH 45  207 45  HOH HOH A . 
B 2 HOH 46  208 46  HOH HOH A . 
B 2 HOH 47  209 47  HOH HOH A . 
B 2 HOH 48  210 48  HOH HOH A . 
B 2 HOH 49  211 49  HOH HOH A . 
B 2 HOH 50  212 50  HOH HOH A . 
B 2 HOH 51  213 51  HOH HOH A . 
B 2 HOH 52  214 52  HOH HOH A . 
B 2 HOH 53  215 53  HOH HOH A . 
B 2 HOH 54  216 54  HOH HOH A . 
B 2 HOH 55  217 55  HOH HOH A . 
B 2 HOH 56  218 56  HOH HOH A . 
B 2 HOH 57  219 57  HOH HOH A . 
B 2 HOH 58  220 58  HOH HOH A . 
B 2 HOH 59  221 59  HOH HOH A . 
B 2 HOH 60  222 60  HOH HOH A . 
B 2 HOH 61  223 61  HOH HOH A . 
B 2 HOH 62  224 62  HOH HOH A . 
B 2 HOH 63  225 63  HOH HOH A . 
B 2 HOH 64  226 64  HOH HOH A . 
B 2 HOH 65  227 65  HOH HOH A . 
B 2 HOH 66  228 66  HOH HOH A . 
B 2 HOH 67  229 67  HOH HOH A . 
B 2 HOH 68  230 68  HOH HOH A . 
B 2 HOH 69  231 69  HOH HOH A . 
B 2 HOH 70  232 70  HOH HOH A . 
B 2 HOH 71  233 71  HOH HOH A . 
B 2 HOH 72  234 72  HOH HOH A . 
B 2 HOH 73  235 73  HOH HOH A . 
B 2 HOH 74  236 74  HOH HOH A . 
B 2 HOH 75  237 75  HOH HOH A . 
B 2 HOH 76  238 76  HOH HOH A . 
B 2 HOH 77  239 77  HOH HOH A . 
B 2 HOH 78  240 78  HOH HOH A . 
B 2 HOH 79  241 79  HOH HOH A . 
B 2 HOH 80  242 80  HOH HOH A . 
B 2 HOH 81  243 81  HOH HOH A . 
B 2 HOH 82  244 82  HOH HOH A . 
B 2 HOH 83  245 83  HOH HOH A . 
B 2 HOH 84  246 84  HOH HOH A . 
B 2 HOH 85  247 85  HOH HOH A . 
B 2 HOH 86  248 86  HOH HOH A . 
B 2 HOH 87  249 87  HOH HOH A . 
B 2 HOH 88  250 88  HOH HOH A . 
B 2 HOH 89  251 89  HOH HOH A . 
B 2 HOH 90  252 90  HOH HOH A . 
B 2 HOH 91  253 91  HOH HOH A . 
B 2 HOH 92  254 92  HOH HOH A . 
B 2 HOH 93  255 93  HOH HOH A . 
B 2 HOH 94  256 94  HOH HOH A . 
B 2 HOH 95  257 95  HOH HOH A . 
B 2 HOH 96  258 96  HOH HOH A . 
B 2 HOH 97  259 97  HOH HOH A . 
B 2 HOH 98  260 98  HOH HOH A . 
B 2 HOH 99  261 99  HOH HOH A . 
B 2 HOH 100 262 100 HOH HOH A . 
B 2 HOH 101 263 101 HOH HOH A . 
B 2 HOH 102 264 102 HOH HOH A . 
B 2 HOH 103 265 103 HOH HOH A . 
B 2 HOH 104 266 104 HOH HOH A . 
B 2 HOH 105 267 105 HOH HOH A . 
B 2 HOH 106 268 106 HOH HOH A . 
B 2 HOH 107 269 107 HOH HOH A . 
B 2 HOH 108 270 108 HOH HOH A . 
B 2 HOH 109 271 109 HOH HOH A . 
B 2 HOH 110 272 110 HOH HOH A . 
B 2 HOH 111 273 111 HOH HOH A . 
B 2 HOH 112 274 112 HOH HOH A . 
B 2 HOH 113 275 113 HOH HOH A . 
B 2 HOH 114 276 114 HOH HOH A . 
B 2 HOH 115 277 115 HOH HOH A . 
B 2 HOH 116 278 116 HOH HOH A . 
B 2 HOH 117 279 117 HOH HOH A . 
B 2 HOH 118 280 118 HOH HOH A . 
B 2 HOH 119 281 119 HOH HOH A . 
B 2 HOH 120 282 120 HOH HOH A . 
B 2 HOH 121 283 121 HOH HOH A . 
B 2 HOH 122 284 122 HOH HOH A . 
B 2 HOH 123 285 123 HOH HOH A . 
B 2 HOH 124 286 124 HOH HOH A . 
B 2 HOH 125 287 125 HOH HOH A . 
B 2 HOH 126 288 126 HOH HOH A . 
B 2 HOH 127 289 127 HOH HOH A . 
B 2 HOH 128 290 128 HOH HOH A . 
# 
_pdbx_struct_assembly.id                   1 
_pdbx_struct_assembly.details              author_and_software_defined_assembly 
_pdbx_struct_assembly.method_details       PISA,PQS 
_pdbx_struct_assembly.oligomeric_details   hexameric 
_pdbx_struct_assembly.oligomeric_count     6 
# 
_pdbx_struct_assembly_gen.assembly_id       1 
_pdbx_struct_assembly_gen.oper_expression   1,2,3,4,5,6 
_pdbx_struct_assembly_gen.asym_id_list      A,B 
# 
loop_
_pdbx_struct_assembly_prop.biol_id 
_pdbx_struct_assembly_prop.type 
_pdbx_struct_assembly_prop.value 
_pdbx_struct_assembly_prop.details 
1 'ABSA (A^2)' 25010 ? 
1 MORE         -189  ? 
1 'SSA (A^2)'  34180 ? 
# 
loop_
_pdbx_struct_oper_list.id 
_pdbx_struct_oper_list.type 
_pdbx_struct_oper_list.name 
_pdbx_struct_oper_list.symmetry_operation 
_pdbx_struct_oper_list.matrix[1][1] 
_pdbx_struct_oper_list.matrix[1][2] 
_pdbx_struct_oper_list.matrix[1][3] 
_pdbx_struct_oper_list.vector[1] 
_pdbx_struct_oper_list.matrix[2][1] 
_pdbx_struct_oper_list.matrix[2][2] 
_pdbx_struct_oper_list.matrix[2][3] 
_pdbx_struct_oper_list.vector[2] 
_pdbx_struct_oper_list.matrix[3][1] 
_pdbx_struct_oper_list.matrix[3][2] 
_pdbx_struct_oper_list.matrix[3][3] 
_pdbx_struct_oper_list.vector[3] 
1 'identity operation'         1_555  x,y,z                1.0000000000  0.0000000000  0.0000000000  0.0000000000  0.0000000000  1.0000000000  0.0000000000  0.0000000000  0.0000000000  0.0000000000  1.0000000000  0.0000000000   
2 'crystal symmetry operation' 6_445  z-1/2,-x-1/2,-y      -0.3740432552 0.7214407046  0.5827649208  3.9095765353  -0.8983775375 -0.4378623136 -0.0345600117 30.8064659172 0.2302377973  -0.5364698538 0.8119055688  5.4931224022   
3 'crystal symmetry operation' 12_455 -y-1/2,-z,x+1/2      -0.3740432552 -0.8983775375 0.2302377973  27.8734633220 0.7214407046  -0.4378623136 -0.5364698538 13.6153573618 0.5827649208  -0.0345600117 0.8119055688  -5.6735889055  
4 'crystal symmetry operation' 13_455 y-1/4,x+1/4,-z+1/4   0.0541863475  0.9923789045  -0.1106704554 -8.5136807816 0.9923789045  -0.0658047390 -0.1041817944 7.9538913423  -0.1106704554 -0.1041817944 -0.9883816085 -9.7743527489  
5 'crystal symmetry operation' 18_445 -x-3/4,z-1/4,y+1/4   -0.9372794762 -0.3360617233 -0.0925726831 21.6619254307 -0.3360617233 0.8006463434  0.4960120472  9.2341778243  -0.0925726831 0.4960120472  -0.8633668672 -18.8458014183 
6 'crystal symmetry operation' 24_444 -z-1/4,-y-1/4,-x-1/4 0.6311796391  -0.4793803483 -0.6097595795 7.1361724779  -0.4793803483 -0.8591169772 0.1791996127  35.3100579733 -0.6097595795 0.1791996127  -0.7720626619 -8.6699230618 
# 
loop_
_pdbx_struct_special_symmetry.id 
_pdbx_struct_special_symmetry.PDB_model_num 
_pdbx_struct_special_symmetry.auth_asym_id 
_pdbx_struct_special_symmetry.auth_comp_id 
_pdbx_struct_special_symmetry.auth_seq_id 
_pdbx_struct_special_symmetry.PDB_ins_code 
_pdbx_struct_special_symmetry.label_asym_id 
_pdbx_struct_special_symmetry.label_comp_id 
_pdbx_struct_special_symmetry.label_seq_id 
1 1 A HOH 166 ? B HOH . 
2 1 A HOH 270 ? B HOH . 
3 1 A HOH 276 ? B HOH . 
4 1 A HOH 281 ? B HOH . 
5 1 A HOH 289 ? B HOH . 
# 
loop_
_pdbx_audit_revision_history.ordinal 
_pdbx_audit_revision_history.data_content_type 
_pdbx_audit_revision_history.major_revision 
_pdbx_audit_revision_history.minor_revision 
_pdbx_audit_revision_history.revision_date 
1 'Structure model' 1 0 2008-03-11 
2 'Structure model' 1 1 2011-07-13 
3 'Structure model' 1 2 2023-10-25 
# 
_pdbx_audit_revision_details.ordinal             1 
_pdbx_audit_revision_details.revision_ordinal    1 
_pdbx_audit_revision_details.data_content_type   'Structure model' 
_pdbx_audit_revision_details.provider            repository 
_pdbx_audit_revision_details.type                'Initial release' 
_pdbx_audit_revision_details.description         ? 
_pdbx_audit_revision_details.details             ? 
# 
loop_
_pdbx_audit_revision_group.ordinal 
_pdbx_audit_revision_group.revision_ordinal 
_pdbx_audit_revision_group.data_content_type 
_pdbx_audit_revision_group.group 
1 2 'Structure model' 'Derived calculations'      
2 2 'Structure model' 'Source and taxonomy'       
3 2 'Structure model' 'Version format compliance' 
4 3 'Structure model' 'Data collection'           
5 3 'Structure model' 'Database references'       
6 3 'Structure model' 'Refinement description'    
# 
loop_
_pdbx_audit_revision_category.ordinal 
_pdbx_audit_revision_category.revision_ordinal 
_pdbx_audit_revision_category.data_content_type 
_pdbx_audit_revision_category.category 
1 3 'Structure model' chem_comp_atom                
2 3 'Structure model' chem_comp_bond                
3 3 'Structure model' database_2                    
4 3 'Structure model' pdbx_initial_refinement_model 
# 
loop_
_pdbx_audit_revision_item.ordinal 
_pdbx_audit_revision_item.revision_ordinal 
_pdbx_audit_revision_item.data_content_type 
_pdbx_audit_revision_item.item 
1 3 'Structure model' '_database_2.pdbx_DOI'                
2 3 'Structure model' '_database_2.pdbx_database_accession' 
# 
loop_
_software.name 
_software.classification 
_software.version 
_software.citation_id 
_software.pdbx_ordinal 
CNS       refinement        1.2 ? 1 
HKL-2000  'data collection' .   ? 2 
HKL-2000  'data reduction'  .   ? 3 
SCALEPACK 'data scaling'    .   ? 4 
PHASER    phasing           .   ? 5 
# 
loop_
_pdbx_validate_torsion.id 
_pdbx_validate_torsion.PDB_model_num 
_pdbx_validate_torsion.auth_comp_id 
_pdbx_validate_torsion.auth_asym_id 
_pdbx_validate_torsion.auth_seq_id 
_pdbx_validate_torsion.PDB_ins_code 
_pdbx_validate_torsion.label_alt_id 
_pdbx_validate_torsion.phi 
_pdbx_validate_torsion.psi 
1 1 ILE A 49  ? ? -126.72 -54.31 
2 1 SER A 154 ? ? -58.92  11.30  
# 
loop_
_pdbx_unobs_or_zero_occ_residues.id 
_pdbx_unobs_or_zero_occ_residues.PDB_model_num 
_pdbx_unobs_or_zero_occ_residues.polymer_flag 
_pdbx_unobs_or_zero_occ_residues.occupancy_flag 
_pdbx_unobs_or_zero_occ_residues.auth_asym_id 
_pdbx_unobs_or_zero_occ_residues.auth_comp_id 
_pdbx_unobs_or_zero_occ_residues.auth_seq_id 
_pdbx_unobs_or_zero_occ_residues.PDB_ins_code 
_pdbx_unobs_or_zero_occ_residues.label_asym_id 
_pdbx_unobs_or_zero_occ_residues.label_comp_id 
_pdbx_unobs_or_zero_occ_residues.label_seq_id 
1 1 Y 1 A MET 1   ? A MET 1   
2 1 Y 1 A ASP 162 ? A ASP 162 
# 
loop_
_chem_comp_atom.comp_id 
_chem_comp_atom.atom_id 
_chem_comp_atom.type_symbol 
_chem_comp_atom.pdbx_aromatic_flag 
_chem_comp_atom.pdbx_stereo_config 
_chem_comp_atom.pdbx_ordinal 
ALA N    N N N 1   
ALA CA   C N S 2   
ALA C    C N N 3   
ALA O    O N N 4   
ALA CB   C N N 5   
ALA OXT  O N N 6   
ALA H    H N N 7   
ALA H2   H N N 8   
ALA HA   H N N 9   
ALA HB1  H N N 10  
ALA HB2  H N N 11  
ALA HB3  H N N 12  
ALA HXT  H N N 13  
ARG N    N N N 14  
ARG CA   C N S 15  
ARG C    C N N 16  
ARG O    O N N 17  
ARG CB   C N N 18  
ARG CG   C N N 19  
ARG CD   C N N 20  
ARG NE   N N N 21  
ARG CZ   C N N 22  
ARG NH1  N N N 23  
ARG NH2  N N N 24  
ARG OXT  O N N 25  
ARG H    H N N 26  
ARG H2   H N N 27  
ARG HA   H N N 28  
ARG HB2  H N N 29  
ARG HB3  H N N 30  
ARG HG2  H N N 31  
ARG HG3  H N N 32  
ARG HD2  H N N 33  
ARG HD3  H N N 34  
ARG HE   H N N 35  
ARG HH11 H N N 36  
ARG HH12 H N N 37  
ARG HH21 H N N 38  
ARG HH22 H N N 39  
ARG HXT  H N N 40  
ASN N    N N N 41  
ASN CA   C N S 42  
ASN C    C N N 43  
ASN O    O N N 44  
ASN CB   C N N 45  
ASN CG   C N N 46  
ASN OD1  O N N 47  
ASN ND2  N N N 48  
ASN OXT  O N N 49  
ASN H    H N N 50  
ASN H2   H N N 51  
ASN HA   H N N 52  
ASN HB2  H N N 53  
ASN HB3  H N N 54  
ASN HD21 H N N 55  
ASN HD22 H N N 56  
ASN HXT  H N N 57  
ASP N    N N N 58  
ASP CA   C N S 59  
ASP C    C N N 60  
ASP O    O N N 61  
ASP CB   C N N 62  
ASP CG   C N N 63  
ASP OD1  O N N 64  
ASP OD2  O N N 65  
ASP OXT  O N N 66  
ASP H    H N N 67  
ASP H2   H N N 68  
ASP HA   H N N 69  
ASP HB2  H N N 70  
ASP HB3  H N N 71  
ASP HD2  H N N 72  
ASP HXT  H N N 73  
CYS N    N N N 74  
CYS CA   C N R 75  
CYS C    C N N 76  
CYS O    O N N 77  
CYS CB   C N N 78  
CYS SG   S N N 79  
CYS OXT  O N N 80  
CYS H    H N N 81  
CYS H2   H N N 82  
CYS HA   H N N 83  
CYS HB2  H N N 84  
CYS HB3  H N N 85  
CYS HG   H N N 86  
CYS HXT  H N N 87  
GLN N    N N N 88  
GLN CA   C N S 89  
GLN C    C N N 90  
GLN O    O N N 91  
GLN CB   C N N 92  
GLN CG   C N N 93  
GLN CD   C N N 94  
GLN OE1  O N N 95  
GLN NE2  N N N 96  
GLN OXT  O N N 97  
GLN H    H N N 98  
GLN H2   H N N 99  
GLN HA   H N N 100 
GLN HB2  H N N 101 
GLN HB3  H N N 102 
GLN HG2  H N N 103 
GLN HG3  H N N 104 
GLN HE21 H N N 105 
GLN HE22 H N N 106 
GLN HXT  H N N 107 
GLU N    N N N 108 
GLU CA   C N S 109 
GLU C    C N N 110 
GLU O    O N N 111 
GLU CB   C N N 112 
GLU CG   C N N 113 
GLU CD   C N N 114 
GLU OE1  O N N 115 
GLU OE2  O N N 116 
GLU OXT  O N N 117 
GLU H    H N N 118 
GLU H2   H N N 119 
GLU HA   H N N 120 
GLU HB2  H N N 121 
GLU HB3  H N N 122 
GLU HG2  H N N 123 
GLU HG3  H N N 124 
GLU HE2  H N N 125 
GLU HXT  H N N 126 
GLY N    N N N 127 
GLY CA   C N N 128 
GLY C    C N N 129 
GLY O    O N N 130 
GLY OXT  O N N 131 
GLY H    H N N 132 
GLY H2   H N N 133 
GLY HA2  H N N 134 
GLY HA3  H N N 135 
GLY HXT  H N N 136 
HIS N    N N N 137 
HIS CA   C N S 138 
HIS C    C N N 139 
HIS O    O N N 140 
HIS CB   C N N 141 
HIS CG   C Y N 142 
HIS ND1  N Y N 143 
HIS CD2  C Y N 144 
HIS CE1  C Y N 145 
HIS NE2  N Y N 146 
HIS OXT  O N N 147 
HIS H    H N N 148 
HIS H2   H N N 149 
HIS HA   H N N 150 
HIS HB2  H N N 151 
HIS HB3  H N N 152 
HIS HD1  H N N 153 
HIS HD2  H N N 154 
HIS HE1  H N N 155 
HIS HE2  H N N 156 
HIS HXT  H N N 157 
HOH O    O N N 158 
HOH H1   H N N 159 
HOH H2   H N N 160 
ILE N    N N N 161 
ILE CA   C N S 162 
ILE C    C N N 163 
ILE O    O N N 164 
ILE CB   C N S 165 
ILE CG1  C N N 166 
ILE CG2  C N N 167 
ILE CD1  C N N 168 
ILE OXT  O N N 169 
ILE H    H N N 170 
ILE H2   H N N 171 
ILE HA   H N N 172 
ILE HB   H N N 173 
ILE HG12 H N N 174 
ILE HG13 H N N 175 
ILE HG21 H N N 176 
ILE HG22 H N N 177 
ILE HG23 H N N 178 
ILE HD11 H N N 179 
ILE HD12 H N N 180 
ILE HD13 H N N 181 
ILE HXT  H N N 182 
LEU N    N N N 183 
LEU CA   C N S 184 
LEU C    C N N 185 
LEU O    O N N 186 
LEU CB   C N N 187 
LEU CG   C N N 188 
LEU CD1  C N N 189 
LEU CD2  C N N 190 
LEU OXT  O N N 191 
LEU H    H N N 192 
LEU H2   H N N 193 
LEU HA   H N N 194 
LEU HB2  H N N 195 
LEU HB3  H N N 196 
LEU HG   H N N 197 
LEU HD11 H N N 198 
LEU HD12 H N N 199 
LEU HD13 H N N 200 
LEU HD21 H N N 201 
LEU HD22 H N N 202 
LEU HD23 H N N 203 
LEU HXT  H N N 204 
LYS N    N N N 205 
LYS CA   C N S 206 
LYS C    C N N 207 
LYS O    O N N 208 
LYS CB   C N N 209 
LYS CG   C N N 210 
LYS CD   C N N 211 
LYS CE   C N N 212 
LYS NZ   N N N 213 
LYS OXT  O N N 214 
LYS H    H N N 215 
LYS H2   H N N 216 
LYS HA   H N N 217 
LYS HB2  H N N 218 
LYS HB3  H N N 219 
LYS HG2  H N N 220 
LYS HG3  H N N 221 
LYS HD2  H N N 222 
LYS HD3  H N N 223 
LYS HE2  H N N 224 
LYS HE3  H N N 225 
LYS HZ1  H N N 226 
LYS HZ2  H N N 227 
LYS HZ3  H N N 228 
LYS HXT  H N N 229 
MET N    N N N 230 
MET CA   C N S 231 
MET C    C N N 232 
MET O    O N N 233 
MET CB   C N N 234 
MET CG   C N N 235 
MET SD   S N N 236 
MET CE   C N N 237 
MET OXT  O N N 238 
MET H    H N N 239 
MET H2   H N N 240 
MET HA   H N N 241 
MET HB2  H N N 242 
MET HB3  H N N 243 
MET HG2  H N N 244 
MET HG3  H N N 245 
MET HE1  H N N 246 
MET HE2  H N N 247 
MET HE3  H N N 248 
MET HXT  H N N 249 
PHE N    N N N 250 
PHE CA   C N S 251 
PHE C    C N N 252 
PHE O    O N N 253 
PHE CB   C N N 254 
PHE CG   C Y N 255 
PHE CD1  C Y N 256 
PHE CD2  C Y N 257 
PHE CE1  C Y N 258 
PHE CE2  C Y N 259 
PHE CZ   C Y N 260 
PHE OXT  O N N 261 
PHE H    H N N 262 
PHE H2   H N N 263 
PHE HA   H N N 264 
PHE HB2  H N N 265 
PHE HB3  H N N 266 
PHE HD1  H N N 267 
PHE HD2  H N N 268 
PHE HE1  H N N 269 
PHE HE2  H N N 270 
PHE HZ   H N N 271 
PHE HXT  H N N 272 
PRO N    N N N 273 
PRO CA   C N S 274 
PRO C    C N N 275 
PRO O    O N N 276 
PRO CB   C N N 277 
PRO CG   C N N 278 
PRO CD   C N N 279 
PRO OXT  O N N 280 
PRO H    H N N 281 
PRO HA   H N N 282 
PRO HB2  H N N 283 
PRO HB3  H N N 284 
PRO HG2  H N N 285 
PRO HG3  H N N 286 
PRO HD2  H N N 287 
PRO HD3  H N N 288 
PRO HXT  H N N 289 
SER N    N N N 290 
SER CA   C N S 291 
SER C    C N N 292 
SER O    O N N 293 
SER CB   C N N 294 
SER OG   O N N 295 
SER OXT  O N N 296 
SER H    H N N 297 
SER H2   H N N 298 
SER HA   H N N 299 
SER HB2  H N N 300 
SER HB3  H N N 301 
SER HG   H N N 302 
SER HXT  H N N 303 
THR N    N N N 304 
THR CA   C N S 305 
THR C    C N N 306 
THR O    O N N 307 
THR CB   C N R 308 
THR OG1  O N N 309 
THR CG2  C N N 310 
THR OXT  O N N 311 
THR H    H N N 312 
THR H2   H N N 313 
THR HA   H N N 314 
THR HB   H N N 315 
THR HG1  H N N 316 
THR HG21 H N N 317 
THR HG22 H N N 318 
THR HG23 H N N 319 
THR HXT  H N N 320 
TRP N    N N N 321 
TRP CA   C N S 322 
TRP C    C N N 323 
TRP O    O N N 324 
TRP CB   C N N 325 
TRP CG   C Y N 326 
TRP CD1  C Y N 327 
TRP CD2  C Y N 328 
TRP NE1  N Y N 329 
TRP CE2  C Y N 330 
TRP CE3  C Y N 331 
TRP CZ2  C Y N 332 
TRP CZ3  C Y N 333 
TRP CH2  C Y N 334 
TRP OXT  O N N 335 
TRP H    H N N 336 
TRP H2   H N N 337 
TRP HA   H N N 338 
TRP HB2  H N N 339 
TRP HB3  H N N 340 
TRP HD1  H N N 341 
TRP HE1  H N N 342 
TRP HE3  H N N 343 
TRP HZ2  H N N 344 
TRP HZ3  H N N 345 
TRP HH2  H N N 346 
TRP HXT  H N N 347 
TYR N    N N N 348 
TYR CA   C N S 349 
TYR C    C N N 350 
TYR O    O N N 351 
TYR CB   C N N 352 
TYR CG   C Y N 353 
TYR CD1  C Y N 354 
TYR CD2  C Y N 355 
TYR CE1  C Y N 356 
TYR CE2  C Y N 357 
TYR CZ   C Y N 358 
TYR OH   O N N 359 
TYR OXT  O N N 360 
TYR H    H N N 361 
TYR H2   H N N 362 
TYR HA   H N N 363 
TYR HB2  H N N 364 
TYR HB3  H N N 365 
TYR HD1  H N N 366 
TYR HD2  H N N 367 
TYR HE1  H N N 368 
TYR HE2  H N N 369 
TYR HH   H N N 370 
TYR HXT  H N N 371 
VAL N    N N N 372 
VAL CA   C N S 373 
VAL C    C N N 374 
VAL O    O N N 375 
VAL CB   C N N 376 
VAL CG1  C N N 377 
VAL CG2  C N N 378 
VAL OXT  O N N 379 
VAL H    H N N 380 
VAL H2   H N N 381 
VAL HA   H N N 382 
VAL HB   H N N 383 
VAL HG11 H N N 384 
VAL HG12 H N N 385 
VAL HG13 H N N 386 
VAL HG21 H N N 387 
VAL HG22 H N N 388 
VAL HG23 H N N 389 
VAL HXT  H N N 390 
# 
loop_
_chem_comp_bond.comp_id 
_chem_comp_bond.atom_id_1 
_chem_comp_bond.atom_id_2 
_chem_comp_bond.value_order 
_chem_comp_bond.pdbx_aromatic_flag 
_chem_comp_bond.pdbx_stereo_config 
_chem_comp_bond.pdbx_ordinal 
ALA N   CA   sing N N 1   
ALA N   H    sing N N 2   
ALA N   H2   sing N N 3   
ALA CA  C    sing N N 4   
ALA CA  CB   sing N N 5   
ALA CA  HA   sing N N 6   
ALA C   O    doub N N 7   
ALA C   OXT  sing N N 8   
ALA CB  HB1  sing N N 9   
ALA CB  HB2  sing N N 10  
ALA CB  HB3  sing N N 11  
ALA OXT HXT  sing N N 12  
ARG N   CA   sing N N 13  
ARG N   H    sing N N 14  
ARG N   H2   sing N N 15  
ARG CA  C    sing N N 16  
ARG CA  CB   sing N N 17  
ARG CA  HA   sing N N 18  
ARG C   O    doub N N 19  
ARG C   OXT  sing N N 20  
ARG CB  CG   sing N N 21  
ARG CB  HB2  sing N N 22  
ARG CB  HB3  sing N N 23  
ARG CG  CD   sing N N 24  
ARG CG  HG2  sing N N 25  
ARG CG  HG3  sing N N 26  
ARG CD  NE   sing N N 27  
ARG CD  HD2  sing N N 28  
ARG CD  HD3  sing N N 29  
ARG NE  CZ   sing N N 30  
ARG NE  HE   sing N N 31  
ARG CZ  NH1  sing N N 32  
ARG CZ  NH2  doub N N 33  
ARG NH1 HH11 sing N N 34  
ARG NH1 HH12 sing N N 35  
ARG NH2 HH21 sing N N 36  
ARG NH2 HH22 sing N N 37  
ARG OXT HXT  sing N N 38  
ASN N   CA   sing N N 39  
ASN N   H    sing N N 40  
ASN N   H2   sing N N 41  
ASN CA  C    sing N N 42  
ASN CA  CB   sing N N 43  
ASN CA  HA   sing N N 44  
ASN C   O    doub N N 45  
ASN C   OXT  sing N N 46  
ASN CB  CG   sing N N 47  
ASN CB  HB2  sing N N 48  
ASN CB  HB3  sing N N 49  
ASN CG  OD1  doub N N 50  
ASN CG  ND2  sing N N 51  
ASN ND2 HD21 sing N N 52  
ASN ND2 HD22 sing N N 53  
ASN OXT HXT  sing N N 54  
ASP N   CA   sing N N 55  
ASP N   H    sing N N 56  
ASP N   H2   sing N N 57  
ASP CA  C    sing N N 58  
ASP CA  CB   sing N N 59  
ASP CA  HA   sing N N 60  
ASP C   O    doub N N 61  
ASP C   OXT  sing N N 62  
ASP CB  CG   sing N N 63  
ASP CB  HB2  sing N N 64  
ASP CB  HB3  sing N N 65  
ASP CG  OD1  doub N N 66  
ASP CG  OD2  sing N N 67  
ASP OD2 HD2  sing N N 68  
ASP OXT HXT  sing N N 69  
CYS N   CA   sing N N 70  
CYS N   H    sing N N 71  
CYS N   H2   sing N N 72  
CYS CA  C    sing N N 73  
CYS CA  CB   sing N N 74  
CYS CA  HA   sing N N 75  
CYS C   O    doub N N 76  
CYS C   OXT  sing N N 77  
CYS CB  SG   sing N N 78  
CYS CB  HB2  sing N N 79  
CYS CB  HB3  sing N N 80  
CYS SG  HG   sing N N 81  
CYS OXT HXT  sing N N 82  
GLN N   CA   sing N N 83  
GLN N   H    sing N N 84  
GLN N   H2   sing N N 85  
GLN CA  C    sing N N 86  
GLN CA  CB   sing N N 87  
GLN CA  HA   sing N N 88  
GLN C   O    doub N N 89  
GLN C   OXT  sing N N 90  
GLN CB  CG   sing N N 91  
GLN CB  HB2  sing N N 92  
GLN CB  HB3  sing N N 93  
GLN CG  CD   sing N N 94  
GLN CG  HG2  sing N N 95  
GLN CG  HG3  sing N N 96  
GLN CD  OE1  doub N N 97  
GLN CD  NE2  sing N N 98  
GLN NE2 HE21 sing N N 99  
GLN NE2 HE22 sing N N 100 
GLN OXT HXT  sing N N 101 
GLU N   CA   sing N N 102 
GLU N   H    sing N N 103 
GLU N   H2   sing N N 104 
GLU CA  C    sing N N 105 
GLU CA  CB   sing N N 106 
GLU CA  HA   sing N N 107 
GLU C   O    doub N N 108 
GLU C   OXT  sing N N 109 
GLU CB  CG   sing N N 110 
GLU CB  HB2  sing N N 111 
GLU CB  HB3  sing N N 112 
GLU CG  CD   sing N N 113 
GLU CG  HG2  sing N N 114 
GLU CG  HG3  sing N N 115 
GLU CD  OE1  doub N N 116 
GLU CD  OE2  sing N N 117 
GLU OE2 HE2  sing N N 118 
GLU OXT HXT  sing N N 119 
GLY N   CA   sing N N 120 
GLY N   H    sing N N 121 
GLY N   H2   sing N N 122 
GLY CA  C    sing N N 123 
GLY CA  HA2  sing N N 124 
GLY CA  HA3  sing N N 125 
GLY C   O    doub N N 126 
GLY C   OXT  sing N N 127 
GLY OXT HXT  sing N N 128 
HIS N   CA   sing N N 129 
HIS N   H    sing N N 130 
HIS N   H2   sing N N 131 
HIS CA  C    sing N N 132 
HIS CA  CB   sing N N 133 
HIS CA  HA   sing N N 134 
HIS C   O    doub N N 135 
HIS C   OXT  sing N N 136 
HIS CB  CG   sing N N 137 
HIS CB  HB2  sing N N 138 
HIS CB  HB3  sing N N 139 
HIS CG  ND1  sing Y N 140 
HIS CG  CD2  doub Y N 141 
HIS ND1 CE1  doub Y N 142 
HIS ND1 HD1  sing N N 143 
HIS CD2 NE2  sing Y N 144 
HIS CD2 HD2  sing N N 145 
HIS CE1 NE2  sing Y N 146 
HIS CE1 HE1  sing N N 147 
HIS NE2 HE2  sing N N 148 
HIS OXT HXT  sing N N 149 
HOH O   H1   sing N N 150 
HOH O   H2   sing N N 151 
ILE N   CA   sing N N 152 
ILE N   H    sing N N 153 
ILE N   H2   sing N N 154 
ILE CA  C    sing N N 155 
ILE CA  CB   sing N N 156 
ILE CA  HA   sing N N 157 
ILE C   O    doub N N 158 
ILE C   OXT  sing N N 159 
ILE CB  CG1  sing N N 160 
ILE CB  CG2  sing N N 161 
ILE CB  HB   sing N N 162 
ILE CG1 CD1  sing N N 163 
ILE CG1 HG12 sing N N 164 
ILE CG1 HG13 sing N N 165 
ILE CG2 HG21 sing N N 166 
ILE CG2 HG22 sing N N 167 
ILE CG2 HG23 sing N N 168 
ILE CD1 HD11 sing N N 169 
ILE CD1 HD12 sing N N 170 
ILE CD1 HD13 sing N N 171 
ILE OXT HXT  sing N N 172 
LEU N   CA   sing N N 173 
LEU N   H    sing N N 174 
LEU N   H2   sing N N 175 
LEU CA  C    sing N N 176 
LEU CA  CB   sing N N 177 
LEU CA  HA   sing N N 178 
LEU C   O    doub N N 179 
LEU C   OXT  sing N N 180 
LEU CB  CG   sing N N 181 
LEU CB  HB2  sing N N 182 
LEU CB  HB3  sing N N 183 
LEU CG  CD1  sing N N 184 
LEU CG  CD2  sing N N 185 
LEU CG  HG   sing N N 186 
LEU CD1 HD11 sing N N 187 
LEU CD1 HD12 sing N N 188 
LEU CD1 HD13 sing N N 189 
LEU CD2 HD21 sing N N 190 
LEU CD2 HD22 sing N N 191 
LEU CD2 HD23 sing N N 192 
LEU OXT HXT  sing N N 193 
LYS N   CA   sing N N 194 
LYS N   H    sing N N 195 
LYS N   H2   sing N N 196 
LYS CA  C    sing N N 197 
LYS CA  CB   sing N N 198 
LYS CA  HA   sing N N 199 
LYS C   O    doub N N 200 
LYS C   OXT  sing N N 201 
LYS CB  CG   sing N N 202 
LYS CB  HB2  sing N N 203 
LYS CB  HB3  sing N N 204 
LYS CG  CD   sing N N 205 
LYS CG  HG2  sing N N 206 
LYS CG  HG3  sing N N 207 
LYS CD  CE   sing N N 208 
LYS CD  HD2  sing N N 209 
LYS CD  HD3  sing N N 210 
LYS CE  NZ   sing N N 211 
LYS CE  HE2  sing N N 212 
LYS CE  HE3  sing N N 213 
LYS NZ  HZ1  sing N N 214 
LYS NZ  HZ2  sing N N 215 
LYS NZ  HZ3  sing N N 216 
LYS OXT HXT  sing N N 217 
MET N   CA   sing N N 218 
MET N   H    sing N N 219 
MET N   H2   sing N N 220 
MET CA  C    sing N N 221 
MET CA  CB   sing N N 222 
MET CA  HA   sing N N 223 
MET C   O    doub N N 224 
MET C   OXT  sing N N 225 
MET CB  CG   sing N N 226 
MET CB  HB2  sing N N 227 
MET CB  HB3  sing N N 228 
MET CG  SD   sing N N 229 
MET CG  HG2  sing N N 230 
MET CG  HG3  sing N N 231 
MET SD  CE   sing N N 232 
MET CE  HE1  sing N N 233 
MET CE  HE2  sing N N 234 
MET CE  HE3  sing N N 235 
MET OXT HXT  sing N N 236 
PHE N   CA   sing N N 237 
PHE N   H    sing N N 238 
PHE N   H2   sing N N 239 
PHE CA  C    sing N N 240 
PHE CA  CB   sing N N 241 
PHE CA  HA   sing N N 242 
PHE C   O    doub N N 243 
PHE C   OXT  sing N N 244 
PHE CB  CG   sing N N 245 
PHE CB  HB2  sing N N 246 
PHE CB  HB3  sing N N 247 
PHE CG  CD1  doub Y N 248 
PHE CG  CD2  sing Y N 249 
PHE CD1 CE1  sing Y N 250 
PHE CD1 HD1  sing N N 251 
PHE CD2 CE2  doub Y N 252 
PHE CD2 HD2  sing N N 253 
PHE CE1 CZ   doub Y N 254 
PHE CE1 HE1  sing N N 255 
PHE CE2 CZ   sing Y N 256 
PHE CE2 HE2  sing N N 257 
PHE CZ  HZ   sing N N 258 
PHE OXT HXT  sing N N 259 
PRO N   CA   sing N N 260 
PRO N   CD   sing N N 261 
PRO N   H    sing N N 262 
PRO CA  C    sing N N 263 
PRO CA  CB   sing N N 264 
PRO CA  HA   sing N N 265 
PRO C   O    doub N N 266 
PRO C   OXT  sing N N 267 
PRO CB  CG   sing N N 268 
PRO CB  HB2  sing N N 269 
PRO CB  HB3  sing N N 270 
PRO CG  CD   sing N N 271 
PRO CG  HG2  sing N N 272 
PRO CG  HG3  sing N N 273 
PRO CD  HD2  sing N N 274 
PRO CD  HD3  sing N N 275 
PRO OXT HXT  sing N N 276 
SER N   CA   sing N N 277 
SER N   H    sing N N 278 
SER N   H2   sing N N 279 
SER CA  C    sing N N 280 
SER CA  CB   sing N N 281 
SER CA  HA   sing N N 282 
SER C   O    doub N N 283 
SER C   OXT  sing N N 284 
SER CB  OG   sing N N 285 
SER CB  HB2  sing N N 286 
SER CB  HB3  sing N N 287 
SER OG  HG   sing N N 288 
SER OXT HXT  sing N N 289 
THR N   CA   sing N N 290 
THR N   H    sing N N 291 
THR N   H2   sing N N 292 
THR CA  C    sing N N 293 
THR CA  CB   sing N N 294 
THR CA  HA   sing N N 295 
THR C   O    doub N N 296 
THR C   OXT  sing N N 297 
THR CB  OG1  sing N N 298 
THR CB  CG2  sing N N 299 
THR CB  HB   sing N N 300 
THR OG1 HG1  sing N N 301 
THR CG2 HG21 sing N N 302 
THR CG2 HG22 sing N N 303 
THR CG2 HG23 sing N N 304 
THR OXT HXT  sing N N 305 
TRP N   CA   sing N N 306 
TRP N   H    sing N N 307 
TRP N   H2   sing N N 308 
TRP CA  C    sing N N 309 
TRP CA  CB   sing N N 310 
TRP CA  HA   sing N N 311 
TRP C   O    doub N N 312 
TRP C   OXT  sing N N 313 
TRP CB  CG   sing N N 314 
TRP CB  HB2  sing N N 315 
TRP CB  HB3  sing N N 316 
TRP CG  CD1  doub Y N 317 
TRP CG  CD2  sing Y N 318 
TRP CD1 NE1  sing Y N 319 
TRP CD1 HD1  sing N N 320 
TRP CD2 CE2  doub Y N 321 
TRP CD2 CE3  sing Y N 322 
TRP NE1 CE2  sing Y N 323 
TRP NE1 HE1  sing N N 324 
TRP CE2 CZ2  sing Y N 325 
TRP CE3 CZ3  doub Y N 326 
TRP CE3 HE3  sing N N 327 
TRP CZ2 CH2  doub Y N 328 
TRP CZ2 HZ2  sing N N 329 
TRP CZ3 CH2  sing Y N 330 
TRP CZ3 HZ3  sing N N 331 
TRP CH2 HH2  sing N N 332 
TRP OXT HXT  sing N N 333 
TYR N   CA   sing N N 334 
TYR N   H    sing N N 335 
TYR N   H2   sing N N 336 
TYR CA  C    sing N N 337 
TYR CA  CB   sing N N 338 
TYR CA  HA   sing N N 339 
TYR C   O    doub N N 340 
TYR C   OXT  sing N N 341 
TYR CB  CG   sing N N 342 
TYR CB  HB2  sing N N 343 
TYR CB  HB3  sing N N 344 
TYR CG  CD1  doub Y N 345 
TYR CG  CD2  sing Y N 346 
TYR CD1 CE1  sing Y N 347 
TYR CD1 HD1  sing N N 348 
TYR CD2 CE2  doub Y N 349 
TYR CD2 HD2  sing N N 350 
TYR CE1 CZ   doub Y N 351 
TYR CE1 HE1  sing N N 352 
TYR CE2 CZ   sing Y N 353 
TYR CE2 HE2  sing N N 354 
TYR CZ  OH   sing N N 355 
TYR OH  HH   sing N N 356 
TYR OXT HXT  sing N N 357 
VAL N   CA   sing N N 358 
VAL N   H    sing N N 359 
VAL N   H2   sing N N 360 
VAL CA  C    sing N N 361 
VAL CA  CB   sing N N 362 
VAL CA  HA   sing N N 363 
VAL C   O    doub N N 364 
VAL C   OXT  sing N N 365 
VAL CB  CG1  sing N N 366 
VAL CB  CG2  sing N N 367 
VAL CB  HB   sing N N 368 
VAL CG1 HG11 sing N N 369 
VAL CG1 HG12 sing N N 370 
VAL CG1 HG13 sing N N 371 
VAL CG2 HG21 sing N N 372 
VAL CG2 HG22 sing N N 373 
VAL CG2 HG23 sing N N 374 
VAL OXT HXT  sing N N 375 
# 
_pdbx_entity_nonpoly.entity_id   2 
_pdbx_entity_nonpoly.name        water 
_pdbx_entity_nonpoly.comp_id     HOH 
# 
_pdbx_initial_refinement_model.id               1 
_pdbx_initial_refinement_model.entity_id_list   ? 
_pdbx_initial_refinement_model.type             'experimental model' 
_pdbx_initial_refinement_model.source_name      PDB 
_pdbx_initial_refinement_model.accession_code   1EKR 
_pdbx_initial_refinement_model.details          ? 
# 
